data_6RZ1
#
_entry.id   6RZ1
#
_cell.length_a   1.000
_cell.length_b   1.000
_cell.length_c   1.000
_cell.angle_alpha   90.00
_cell.angle_beta   90.00
_cell.angle_gamma   90.00
#
_symmetry.space_group_name_H-M   'P 1'
#
_entity_poly.entity_id   1
_entity_poly.type   'polypeptide(L)'
_entity_poly.pdbx_seq_one_letter_code
;FLGALIKGAIHGGRFIHGMIQNHH
;
_entity_poly.pdbx_strand_id   A
#
# COMPACT_ATOMS: atom_id res chain seq x y z
N PHE A 1 -8.31 -5.81 -15.59
CA PHE A 1 -8.74 -6.71 -14.53
C PHE A 1 -7.60 -6.97 -13.55
N LEU A 2 -6.69 -6.01 -13.45
CA LEU A 2 -5.56 -6.14 -12.54
C LEU A 2 -6.03 -6.01 -11.09
N GLY A 3 -6.90 -5.03 -10.84
CA GLY A 3 -7.42 -4.82 -9.50
C GLY A 3 -6.42 -4.12 -8.61
N ALA A 4 -5.18 -4.60 -8.63
CA ALA A 4 -4.12 -4.01 -7.80
C ALA A 4 -3.64 -2.69 -8.40
N LEU A 5 -3.70 -1.64 -7.60
CA LEU A 5 -3.27 -0.31 -8.05
C LEU A 5 -1.74 -0.22 -7.98
N ILE A 6 -1.07 -1.36 -8.13
CA ILE A 6 0.39 -1.44 -8.10
C ILE A 6 0.97 -0.47 -7.09
N LYS A 7 2.23 -0.07 -7.27
CA LYS A 7 2.89 0.70 -6.20
C LYS A 7 2.73 -0.22 -5.00
N GLY A 8 2.63 -1.47 -5.45
CA GLY A 8 2.34 -2.62 -4.67
C GLY A 8 1.37 -2.33 -3.54
N ALA A 9 0.08 -2.33 -3.88
CA ALA A 9 -0.95 -2.05 -2.91
C ALA A 9 -0.68 -0.71 -2.24
N ILE A 10 -0.90 0.37 -2.99
CA ILE A 10 -0.65 1.73 -2.49
C ILE A 10 0.85 1.94 -2.27
N HIS A 11 1.42 1.23 -1.29
CA HIS A 11 2.84 1.34 -1.01
C HIS A 11 3.30 0.09 -0.27
N GLY A 12 2.36 -0.85 -0.10
CA GLY A 12 2.63 -2.11 0.59
C GLY A 12 1.64 -2.36 1.71
N GLY A 13 0.60 -1.53 1.78
CA GLY A 13 -0.41 -1.66 2.81
C GLY A 13 0.16 -1.37 4.19
N ARG A 14 0.56 -0.13 4.39
CA ARG A 14 1.12 0.29 5.68
C ARG A 14 1.17 1.82 5.75
N PHE A 15 1.19 2.45 4.59
CA PHE A 15 1.22 3.90 4.53
C PHE A 15 0.01 4.48 5.24
N ILE A 16 -1.17 4.03 4.85
CA ILE A 16 -2.40 4.52 5.47
C ILE A 16 -2.46 4.05 6.92
N HIS A 17 -2.83 2.79 7.14
CA HIS A 17 -2.90 2.24 8.48
C HIS A 17 -3.04 0.72 8.39
N GLY A 18 -1.92 0.05 8.13
CA GLY A 18 -1.94 -1.39 7.98
C GLY A 18 -2.83 -1.83 6.88
N MET A 19 -2.94 -1.03 5.84
CA MET A 19 -3.81 -1.41 4.75
C MET A 19 -5.23 -1.28 5.13
N ILE A 20 -5.47 -0.85 6.36
CA ILE A 20 -6.83 -0.79 6.86
C ILE A 20 -7.35 -2.23 6.85
N GLN A 21 -6.57 -3.10 6.18
CA GLN A 21 -6.89 -4.52 6.08
C GLN A 21 -5.86 -5.32 6.86
N ASN A 22 -4.88 -4.63 7.45
CA ASN A 22 -3.84 -5.25 8.25
C ASN A 22 -3.82 -4.50 9.56
N HIS A 23 -4.11 -3.20 9.47
CA HIS A 23 -4.14 -2.35 10.67
C HIS A 23 -2.91 -2.60 11.54
N HIS A 24 -3.12 -3.26 12.68
CA HIS A 24 -2.01 -3.56 13.59
C HIS A 24 -1.12 -4.66 13.02
N PHE A 1 -6.87 -8.85 -14.06
CA PHE A 1 -7.26 -9.41 -12.77
C PHE A 1 -6.69 -8.57 -11.63
N LEU A 2 -5.45 -8.14 -11.77
CA LEU A 2 -4.81 -7.32 -10.75
C LEU A 2 -5.46 -5.94 -10.69
N GLY A 3 -6.53 -5.83 -9.91
CA GLY A 3 -7.24 -4.56 -9.78
C GLY A 3 -6.45 -3.57 -8.94
N ALA A 4 -5.36 -4.03 -8.34
CA ALA A 4 -4.53 -3.17 -7.52
C ALA A 4 -3.79 -2.16 -8.38
N LEU A 5 -3.63 -0.94 -7.86
CA LEU A 5 -2.94 0.12 -8.60
C LEU A 5 -1.43 -0.07 -8.51
N ILE A 6 -1.00 -1.32 -8.40
CA ILE A 6 0.44 -1.63 -8.30
C ILE A 6 1.12 -0.73 -7.30
N LYS A 7 2.37 -0.34 -7.59
CA LYS A 7 3.16 0.36 -6.57
C LYS A 7 3.08 -0.60 -5.38
N GLY A 8 2.86 -1.82 -5.85
CA GLY A 8 2.60 -2.99 -5.10
C GLY A 8 1.81 -2.70 -3.84
N ALA A 9 0.51 -2.53 -4.03
CA ALA A 9 -0.39 -2.21 -2.94
C ALA A 9 -0.01 -0.88 -2.35
N ILE A 10 -0.31 0.20 -3.07
CA ILE A 10 0.03 1.56 -2.64
C ILE A 10 1.45 1.59 -2.05
N HIS A 11 1.57 1.32 -0.75
CA HIS A 11 2.88 1.31 -0.08
C HIS A 11 3.01 0.07 0.79
N GLY A 12 2.52 -1.06 0.29
CA GLY A 12 2.58 -2.30 1.04
C GLY A 12 1.81 -2.21 2.35
N GLY A 13 0.54 -1.84 2.26
CA GLY A 13 -0.28 -1.71 3.45
C GLY A 13 0.42 -0.93 4.55
N ARG A 14 0.74 0.33 4.25
CA ARG A 14 1.42 1.18 5.21
C ARG A 14 1.13 2.65 4.90
N PHE A 15 0.81 2.93 3.64
CA PHE A 15 0.51 4.30 3.23
C PHE A 15 -0.48 4.94 4.21
N ILE A 16 -1.62 4.27 4.40
CA ILE A 16 -2.63 4.79 5.31
C ILE A 16 -2.29 4.44 6.76
N HIS A 17 -2.51 3.18 7.16
CA HIS A 17 -2.20 2.76 8.52
C HIS A 17 -2.39 1.25 8.64
N GLY A 18 -1.46 0.50 8.06
CA GLY A 18 -1.56 -0.93 8.10
C GLY A 18 -2.81 -1.38 7.41
N MET A 19 -2.94 -0.95 6.18
CA MET A 19 -4.09 -1.26 5.35
C MET A 19 -5.37 -1.28 6.12
N ILE A 20 -5.35 -0.65 7.29
CA ILE A 20 -6.51 -0.72 8.16
C ILE A 20 -6.77 -2.22 8.38
N GLN A 21 -5.94 -3.04 7.69
CA GLN A 21 -6.05 -4.49 7.76
C GLN A 21 -4.67 -5.16 7.78
N ASN A 22 -3.62 -4.45 7.35
CA ASN A 22 -2.28 -5.03 7.37
C ASN A 22 -1.71 -4.81 8.75
N HIS A 23 -2.02 -3.65 9.30
CA HIS A 23 -1.56 -3.30 10.67
C HIS A 23 -0.07 -2.97 10.65
N HIS A 24 0.52 -2.91 11.84
CA HIS A 24 1.95 -2.60 11.97
C HIS A 24 2.30 -1.34 11.17
N PHE A 1 -4.52 -6.01 -14.54
CA PHE A 1 -3.69 -7.02 -13.90
C PHE A 1 -3.41 -6.64 -12.44
N LEU A 2 -3.72 -7.55 -11.53
CA LEU A 2 -3.51 -7.30 -10.11
C LEU A 2 -4.15 -5.98 -9.69
N GLY A 3 -5.46 -5.99 -9.49
CA GLY A 3 -6.18 -4.81 -9.09
C GLY A 3 -5.66 -4.24 -7.79
N ALA A 4 -4.65 -3.39 -7.87
CA ALA A 4 -4.06 -2.78 -6.68
C ALA A 4 -3.27 -1.53 -7.06
N LEU A 5 -3.46 -1.06 -8.29
CA LEU A 5 -2.76 0.13 -8.76
C LEU A 5 -1.26 0.01 -8.50
N ILE A 6 -0.80 -1.22 -8.28
CA ILE A 6 0.63 -1.46 -8.01
C ILE A 6 1.13 -0.51 -6.95
N LYS A 7 2.37 -0.01 -7.11
CA LYS A 7 2.97 0.74 -6.00
C LYS A 7 2.83 -0.21 -4.83
N GLY A 8 2.77 -1.45 -5.29
CA GLY A 8 2.51 -2.63 -4.55
C GLY A 8 1.56 -2.39 -3.41
N ALA A 9 0.28 -2.46 -3.70
CA ALA A 9 -0.76 -2.24 -2.70
C ALA A 9 -0.53 -0.90 -2.04
N ILE A 10 -0.76 0.18 -2.78
CA ILE A 10 -0.58 1.54 -2.28
C ILE A 10 0.92 1.79 -2.00
N HIS A 11 1.47 1.11 -1.00
CA HIS A 11 2.87 1.25 -0.65
C HIS A 11 3.39 -0.05 -0.08
N GLY A 12 2.48 -1.02 0.04
CA GLY A 12 2.82 -2.34 0.56
C GLY A 12 2.05 -2.67 1.83
N GLY A 13 0.73 -2.52 1.77
CA GLY A 13 -0.12 -2.80 2.92
C GLY A 13 0.46 -2.23 4.21
N ARG A 14 0.59 -0.91 4.25
CA ARG A 14 1.13 -0.22 5.43
C ARG A 14 0.24 0.96 5.79
N PHE A 15 0.02 1.85 4.83
CA PHE A 15 -0.81 3.02 5.06
C PHE A 15 -2.22 2.58 5.47
N ILE A 16 -3.01 2.16 4.49
CA ILE A 16 -4.37 1.68 4.76
C ILE A 16 -4.30 0.23 5.21
N HIS A 17 -3.43 -0.03 6.19
CA HIS A 17 -3.25 -1.39 6.72
C HIS A 17 -3.13 -1.36 8.23
N GLY A 18 -2.07 -0.72 8.74
CA GLY A 18 -1.91 -0.60 10.17
C GLY A 18 -3.11 0.12 10.71
N MET A 19 -3.24 1.35 10.24
CA MET A 19 -4.39 2.21 10.54
C MET A 19 -4.11 3.61 10.00
N ILE A 20 -4.37 3.77 8.71
CA ILE A 20 -4.09 5.05 8.07
C ILE A 20 -2.60 5.25 8.17
N GLN A 21 -1.94 4.13 8.49
CA GLN A 21 -0.50 4.02 8.71
C GLN A 21 -0.30 3.91 10.21
N ASN A 22 -1.34 3.40 10.86
CA ASN A 22 -1.34 3.27 12.30
C ASN A 22 -0.99 4.61 12.92
N HIS A 23 -1.53 5.66 12.29
CA HIS A 23 -1.30 7.02 12.75
C HIS A 23 0.17 7.25 13.11
N HIS A 24 1.06 6.52 12.43
CA HIS A 24 2.49 6.64 12.67
C HIS A 24 3.29 5.94 11.57
N PHE A 1 -4.42 -4.44 -0.57
CA PHE A 1 -4.68 -5.70 -1.26
C PHE A 1 -5.67 -5.49 -2.41
N LEU A 2 -5.46 -4.42 -3.16
CA LEU A 2 -6.35 -4.12 -4.28
C LEU A 2 -6.06 -5.05 -5.47
N GLY A 3 -4.78 -5.19 -5.80
CA GLY A 3 -4.38 -6.05 -6.90
C GLY A 3 -4.67 -5.42 -8.25
N ALA A 4 -4.57 -4.09 -8.31
CA ALA A 4 -4.81 -3.37 -9.55
C ALA A 4 -4.41 -1.91 -9.41
N LEU A 5 -3.23 -1.67 -8.86
CA LEU A 5 -2.74 -0.31 -8.66
C LEU A 5 -1.23 -0.33 -8.41
N ILE A 6 -0.68 -1.53 -8.19
CA ILE A 6 0.74 -1.67 -7.93
C ILE A 6 1.18 -0.73 -6.84
N LYS A 7 2.39 -0.15 -6.97
CA LYS A 7 2.95 0.59 -5.84
C LYS A 7 2.86 -0.41 -4.70
N GLY A 8 2.88 -1.63 -5.21
CA GLY A 8 2.68 -2.85 -4.51
C GLY A 8 1.72 -2.71 -3.35
N ALA A 9 0.45 -2.70 -3.69
CA ALA A 9 -0.61 -2.56 -2.70
C ALA A 9 -0.48 -1.22 -1.99
N ILE A 10 -0.81 -0.15 -2.71
CA ILE A 10 -0.72 1.22 -2.18
C ILE A 10 0.75 1.59 -1.94
N HIS A 11 1.37 0.94 -0.96
CA HIS A 11 2.77 1.20 -0.65
C HIS A 11 3.33 0.02 0.14
N GLY A 12 2.52 -1.03 0.22
CA GLY A 12 2.90 -2.24 0.95
C GLY A 12 2.33 -2.26 2.34
N GLY A 13 1.10 -1.77 2.49
CA GLY A 13 0.45 -1.74 3.78
C GLY A 13 1.19 -0.86 4.77
N ARG A 14 1.76 0.23 4.28
CA ARG A 14 2.51 1.17 5.12
C ARG A 14 1.72 2.47 5.31
N PHE A 15 0.84 2.76 4.36
CA PHE A 15 0.03 3.97 4.46
C PHE A 15 -0.84 3.92 5.71
N ILE A 16 -1.39 2.73 5.98
CA ILE A 16 -2.23 2.53 7.14
C ILE A 16 -2.55 1.04 7.33
N HIS A 17 -1.52 0.31 7.74
CA HIS A 17 -1.65 -1.13 7.95
C HIS A 17 -0.35 -1.66 8.56
N GLY A 18 0.68 -0.83 8.51
CA GLY A 18 1.97 -1.18 9.05
C GLY A 18 2.83 0.05 9.26
N MET A 19 2.29 1.01 10.02
CA MET A 19 2.96 2.29 10.32
C MET A 19 2.08 3.08 11.25
N ILE A 20 0.88 3.41 10.79
CA ILE A 20 -0.08 4.03 11.67
C ILE A 20 -0.37 2.94 12.70
N GLN A 21 0.18 1.75 12.35
CA GLN A 21 0.14 0.57 13.14
C GLN A 21 1.58 0.12 13.43
N ASN A 22 2.58 0.51 12.55
CA ASN A 22 3.99 0.09 12.82
C ASN A 22 4.89 1.30 13.11
N HIS A 23 4.28 2.40 13.55
CA HIS A 23 5.04 3.61 13.86
C HIS A 23 6.06 3.92 12.76
N HIS A 24 6.94 4.87 13.03
CA HIS A 24 7.96 5.26 12.06
C HIS A 24 9.06 4.20 11.98
N PHE A 1 0.68 7.91 -15.33
CA PHE A 1 0.72 7.14 -14.09
C PHE A 1 -0.41 6.13 -14.04
N LEU A 2 -0.06 4.86 -13.86
CA LEU A 2 -1.05 3.80 -13.80
C LEU A 2 -1.95 3.97 -12.57
N GLY A 3 -2.52 2.87 -12.11
CA GLY A 3 -3.39 2.90 -10.94
C GLY A 3 -3.99 1.54 -10.65
N ALA A 4 -3.33 0.49 -11.14
CA ALA A 4 -3.80 -0.87 -10.92
C ALA A 4 -3.46 -1.35 -9.51
N LEU A 5 -3.72 -0.49 -8.53
CA LEU A 5 -3.44 -0.83 -7.14
C LEU A 5 -1.99 -1.29 -6.98
N ILE A 6 -1.14 -0.88 -7.92
CA ILE A 6 0.27 -1.25 -7.86
C ILE A 6 0.99 -0.44 -6.80
N LYS A 7 2.29 -0.16 -6.99
CA LYS A 7 3.06 0.43 -5.90
C LYS A 7 2.79 -0.54 -4.74
N GLY A 8 2.51 -1.73 -5.25
CA GLY A 8 2.07 -2.88 -4.55
C GLY A 8 1.19 -2.53 -3.36
N ALA A 9 -0.07 -2.22 -3.68
CA ALA A 9 -1.04 -1.85 -2.67
C ALA A 9 -0.64 -0.53 -2.02
N ILE A 10 -0.77 0.56 -2.78
CA ILE A 10 -0.41 1.90 -2.29
C ILE A 10 1.10 1.97 -2.06
N HIS A 11 1.58 1.27 -1.04
CA HIS A 11 3.01 1.26 -0.72
C HIS A 11 3.35 -0.02 0.02
N GLY A 12 2.36 -0.89 0.14
CA GLY A 12 2.52 -2.18 0.81
C GLY A 12 1.87 -2.20 2.18
N GLY A 13 0.63 -1.72 2.24
CA GLY A 13 -0.11 -1.69 3.49
C GLY A 13 0.74 -1.18 4.64
N ARG A 14 1.02 0.12 4.65
CA ARG A 14 1.83 0.71 5.71
C ARG A 14 1.67 2.23 5.69
N PHE A 15 1.21 2.76 4.56
CA PHE A 15 1.02 4.20 4.43
C PHE A 15 0.19 4.73 5.59
N ILE A 16 -0.43 3.82 6.34
CA ILE A 16 -1.26 4.19 7.49
C ILE A 16 -1.11 3.16 8.61
N HIS A 17 -1.74 2.00 8.44
CA HIS A 17 -1.65 0.94 9.43
C HIS A 17 -2.29 -0.32 8.90
N GLY A 18 -1.68 -0.91 7.89
CA GLY A 18 -2.21 -2.11 7.27
C GLY A 18 -3.23 -1.80 6.22
N MET A 19 -3.08 -0.68 5.59
CA MET A 19 -4.07 -0.29 4.61
C MET A 19 -5.38 -0.12 5.28
N ILE A 20 -5.37 -0.33 6.59
CA ILE A 20 -6.58 -0.32 7.36
C ILE A 20 -7.46 -1.41 6.77
N GLN A 21 -6.95 -1.99 5.66
CA GLN A 21 -7.65 -3.08 4.98
C GLN A 21 -6.63 -4.10 4.47
N ASN A 22 -5.53 -4.30 5.20
CA ASN A 22 -4.50 -5.26 4.80
C ASN A 22 -3.73 -5.76 6.01
N HIS A 23 -3.04 -4.85 6.73
CA HIS A 23 -2.27 -5.28 7.92
C HIS A 23 -1.58 -6.62 7.67
N HIS A 24 -0.36 -6.57 7.14
CA HIS A 24 0.40 -7.78 6.87
C HIS A 24 1.87 -7.43 6.64
N PHE A 1 -11.24 -3.89 -12.00
CA PHE A 1 -10.05 -3.41 -12.70
C PHE A 1 -8.80 -4.09 -12.15
N LEU A 2 -8.43 -3.74 -10.92
CA LEU A 2 -7.25 -4.32 -10.30
C LEU A 2 -7.24 -4.04 -8.80
N GLY A 3 -7.63 -2.82 -8.44
CA GLY A 3 -7.67 -2.43 -7.03
C GLY A 3 -6.28 -2.12 -6.49
N ALA A 4 -5.40 -3.12 -6.52
CA ALA A 4 -4.05 -2.95 -6.02
C ALA A 4 -3.40 -1.71 -6.64
N LEU A 5 -3.62 -1.53 -7.94
CA LEU A 5 -3.05 -0.38 -8.63
C LEU A 5 -1.54 -0.30 -8.40
N ILE A 6 -0.91 -1.46 -8.23
CA ILE A 6 0.53 -1.51 -7.98
C ILE A 6 0.92 -0.58 -6.85
N LYS A 7 2.08 0.08 -6.98
CA LYS A 7 2.61 0.83 -5.83
C LYS A 7 2.62 -0.23 -4.74
N GLY A 8 2.72 -1.42 -5.31
CA GLY A 8 2.63 -2.69 -4.65
C GLY A 8 1.71 -2.66 -3.47
N ALA A 9 0.41 -2.68 -3.77
CA ALA A 9 -0.62 -2.62 -2.75
C ALA A 9 -0.55 -1.30 -2.02
N ILE A 10 -1.00 -0.23 -2.71
CA ILE A 10 -0.97 1.13 -2.17
C ILE A 10 0.49 1.60 -2.01
N HIS A 11 1.21 0.99 -1.07
CA HIS A 11 2.60 1.35 -0.84
C HIS A 11 3.30 0.17 -0.16
N GLY A 12 2.55 -0.90 0.01
CA GLY A 12 3.06 -2.12 0.64
C GLY A 12 2.13 -2.64 1.72
N GLY A 13 0.94 -2.04 1.80
CA GLY A 13 -0.03 -2.44 2.79
C GLY A 13 0.39 -2.06 4.20
N ARG A 14 0.53 -0.76 4.42
CA ARG A 14 0.94 -0.25 5.73
C ARG A 14 0.56 1.22 5.83
N PHE A 15 0.67 1.93 4.73
CA PHE A 15 0.30 3.35 4.69
C PHE A 15 -1.22 3.44 4.57
N ILE A 16 -1.89 3.78 5.68
CA ILE A 16 -3.36 3.86 5.72
C ILE A 16 -3.96 2.74 4.87
N HIS A 17 -3.64 1.51 5.22
CA HIS A 17 -4.13 0.33 4.50
C HIS A 17 -4.31 -0.84 5.46
N GLY A 18 -3.51 -0.87 6.53
CA GLY A 18 -3.62 -1.92 7.51
C GLY A 18 -5.05 -2.04 7.98
N MET A 19 -5.57 -0.89 8.34
CA MET A 19 -6.94 -0.74 8.81
C MET A 19 -7.16 0.66 9.24
N ILE A 20 -6.27 1.54 8.78
CA ILE A 20 -6.31 2.91 9.26
C ILE A 20 -6.01 2.80 10.75
N GLN A 21 -5.99 1.53 11.23
CA GLN A 21 -5.72 1.23 12.64
C GLN A 21 -4.43 0.42 12.76
N ASN A 22 -4.16 -0.46 11.78
CA ASN A 22 -2.95 -1.27 11.80
C ASN A 22 -1.90 -0.58 10.92
N HIS A 23 -2.36 0.40 10.17
CA HIS A 23 -1.50 1.15 9.28
C HIS A 23 -0.30 1.70 10.04
N HIS A 24 -0.35 1.64 11.37
CA HIS A 24 0.74 2.14 12.21
C HIS A 24 1.86 1.10 12.28
N PHE A 1 0.17 3.82 -15.27
CA PHE A 1 -1.22 4.21 -15.46
C PHE A 1 -2.15 3.00 -15.37
N LEU A 2 -1.58 1.87 -14.96
CA LEU A 2 -2.36 0.64 -14.82
C LEU A 2 -3.33 0.75 -13.65
N GLY A 3 -4.61 0.57 -13.94
CA GLY A 3 -5.62 0.65 -12.90
C GLY A 3 -5.35 -0.32 -11.76
N ALA A 4 -4.44 -1.26 -11.99
CA ALA A 4 -4.09 -2.23 -10.97
C ALA A 4 -3.49 -1.54 -9.75
N LEU A 5 -3.82 -2.05 -8.57
CA LEU A 5 -3.31 -1.47 -7.33
C LEU A 5 -1.84 -1.85 -7.13
N ILE A 6 -0.97 -1.32 -7.99
CA ILE A 6 0.46 -1.61 -7.90
C ILE A 6 1.12 -0.68 -6.91
N LYS A 7 2.43 -0.40 -7.11
CA LYS A 7 3.16 0.33 -6.07
C LYS A 7 2.91 -0.53 -4.85
N GLY A 8 2.66 -1.77 -5.25
CA GLY A 8 2.27 -2.87 -4.44
C GLY A 8 1.34 -2.45 -3.32
N ALA A 9 0.08 -2.22 -3.68
CA ALA A 9 -0.92 -1.80 -2.72
C ALA A 9 -0.52 -0.47 -2.10
N ILE A 10 -0.54 0.59 -2.91
CA ILE A 10 -0.18 1.93 -2.45
C ILE A 10 1.32 1.97 -2.10
N HIS A 11 1.70 1.26 -1.05
CA HIS A 11 3.10 1.21 -0.62
C HIS A 11 3.34 -0.03 0.22
N GLY A 12 2.31 -0.89 0.28
CA GLY A 12 2.38 -2.12 1.05
C GLY A 12 1.49 -2.09 2.27
N GLY A 13 0.36 -1.38 2.14
CA GLY A 13 -0.59 -1.27 3.24
C GLY A 13 0.09 -0.88 4.54
N ARG A 14 0.47 0.38 4.65
CA ARG A 14 1.13 0.87 5.85
C ARG A 14 1.26 2.39 5.78
N PHE A 15 1.21 2.92 4.57
CA PHE A 15 1.33 4.36 4.37
C PHE A 15 0.33 5.09 5.25
N ILE A 16 -0.96 4.86 5.00
CA ILE A 16 -2.01 5.51 5.76
C ILE A 16 -2.06 4.95 7.19
N HIS A 17 -2.44 3.67 7.34
CA HIS A 17 -2.49 3.08 8.68
C HIS A 17 -2.71 1.56 8.62
N GLY A 18 -2.06 0.91 7.65
CA GLY A 18 -2.17 -0.54 7.47
C GLY A 18 -2.75 -0.83 6.11
N MET A 19 -3.75 -0.02 5.78
CA MET A 19 -4.45 -0.08 4.51
C MET A 19 -5.87 0.45 4.69
N ILE A 20 -5.97 1.78 4.59
CA ILE A 20 -7.24 2.45 4.83
C ILE A 20 -7.61 2.13 6.25
N GLN A 21 -6.56 1.76 6.98
CA GLN A 21 -6.67 1.33 8.38
C GLN A 21 -6.88 -0.17 8.31
N ASN A 22 -6.25 -0.75 7.29
CA ASN A 22 -6.35 -2.16 7.01
C ASN A 22 -7.78 -2.62 7.14
N HIS A 23 -8.62 -1.98 6.33
CA HIS A 23 -10.05 -2.28 6.30
C HIS A 23 -10.59 -2.16 4.88
N HIS A 24 -11.65 -2.91 4.59
CA HIS A 24 -12.26 -2.90 3.26
C HIS A 24 -11.20 -3.18 2.19
N PHE A 1 -7.25 2.69 -8.12
CA PHE A 1 -7.55 3.96 -8.78
C PHE A 1 -6.30 4.49 -9.50
N LEU A 2 -5.14 4.07 -9.03
CA LEU A 2 -3.88 4.51 -9.62
C LEU A 2 -3.90 4.29 -11.12
N GLY A 3 -3.78 3.03 -11.53
CA GLY A 3 -3.78 2.68 -12.94
C GLY A 3 -3.35 1.26 -13.18
N ALA A 4 -3.05 0.55 -12.08
CA ALA A 4 -2.62 -0.84 -12.18
C ALA A 4 -2.75 -1.51 -10.81
N LEU A 5 -3.15 -0.73 -9.81
CA LEU A 5 -3.31 -1.27 -8.46
C LEU A 5 -2.03 -1.97 -8.02
N ILE A 6 -1.08 -1.20 -7.51
CA ILE A 6 0.18 -1.76 -7.03
C ILE A 6 0.79 -0.84 -6.02
N LYS A 7 2.11 -0.98 -5.76
CA LYS A 7 2.68 -0.27 -4.62
C LYS A 7 1.78 -0.71 -3.48
N GLY A 8 1.25 -1.88 -3.80
CA GLY A 8 0.27 -2.61 -3.09
C GLY A 8 -0.89 -1.74 -2.67
N ALA A 9 -1.55 -1.15 -3.67
CA ALA A 9 -2.71 -0.29 -3.44
C ALA A 9 -2.35 0.93 -2.59
N ILE A 10 -1.09 1.04 -2.22
CA ILE A 10 -0.63 2.18 -1.41
C ILE A 10 0.89 2.32 -1.51
N HIS A 11 1.62 1.64 -0.62
CA HIS A 11 3.08 1.70 -0.60
C HIS A 11 3.65 0.34 -0.22
N GLY A 12 2.88 -0.72 -0.43
CA GLY A 12 3.32 -2.06 -0.11
C GLY A 12 3.17 -2.37 1.37
N GLY A 13 1.98 -2.14 1.91
CA GLY A 13 1.72 -2.40 3.31
C GLY A 13 2.70 -1.67 4.20
N ARG A 14 2.52 -0.37 4.34
CA ARG A 14 3.40 0.43 5.18
C ARG A 14 2.81 1.82 5.40
N PHE A 15 2.04 2.30 4.42
CA PHE A 15 1.42 3.62 4.51
C PHE A 15 0.24 3.57 5.48
N ILE A 16 -0.33 2.38 5.64
CA ILE A 16 -1.47 2.19 6.54
C ILE A 16 -1.73 0.70 6.73
N HIS A 17 -0.81 0.05 7.41
CA HIS A 17 -0.93 -1.39 7.68
C HIS A 17 0.17 -1.83 8.64
N GLY A 18 1.22 -1.00 8.73
CA GLY A 18 2.34 -1.29 9.61
C GLY A 18 3.08 -0.01 9.99
N MET A 19 2.31 0.97 10.48
CA MET A 19 2.86 2.28 10.87
C MET A 19 1.75 3.09 11.49
N ILE A 20 0.74 3.40 10.69
CA ILE A 20 -0.43 4.03 11.27
C ILE A 20 -0.99 2.96 12.20
N GLN A 21 -0.35 1.78 12.05
CA GLN A 21 -0.59 0.62 12.84
C GLN A 21 0.69 0.33 13.64
N ASN A 22 1.90 0.71 13.10
CA ASN A 22 3.16 0.47 13.86
C ASN A 22 3.91 1.76 14.17
N HIS A 23 3.17 2.84 14.44
CA HIS A 23 3.78 4.12 14.76
C HIS A 23 4.85 4.49 13.74
N HIS A 24 6.08 4.01 13.98
CA HIS A 24 7.18 4.30 13.08
C HIS A 24 8.39 3.45 13.43
N PHE A 1 -5.15 8.50 -9.67
CA PHE A 1 -5.32 7.36 -10.59
C PHE A 1 -3.97 6.70 -10.86
N LEU A 2 -3.67 5.65 -10.09
CA LEU A 2 -2.42 4.93 -10.27
C LEU A 2 -2.42 4.18 -11.60
N GLY A 3 -3.61 4.00 -12.17
CA GLY A 3 -3.74 3.30 -13.43
C GLY A 3 -3.35 1.85 -13.30
N ALA A 4 -3.00 1.44 -12.10
CA ALA A 4 -2.61 0.06 -11.84
C ALA A 4 -2.56 -0.22 -10.34
N LEU A 5 -3.27 -1.26 -9.91
CA LEU A 5 -3.30 -1.62 -8.50
C LEU A 5 -1.96 -2.20 -8.06
N ILE A 6 -1.08 -1.36 -7.54
CA ILE A 6 0.23 -1.79 -7.08
C ILE A 6 0.76 -0.84 -6.05
N LYS A 7 2.07 -0.89 -5.78
CA LYS A 7 2.59 -0.15 -4.63
C LYS A 7 1.72 -0.70 -3.50
N GLY A 8 1.31 -1.91 -3.85
CA GLY A 8 0.39 -2.74 -3.16
C GLY A 8 -0.84 -1.97 -2.71
N ALA A 9 -1.52 -1.36 -3.68
CA ALA A 9 -2.74 -0.60 -3.42
C ALA A 9 -2.46 0.58 -2.50
N ILE A 10 -1.20 0.80 -2.17
CA ILE A 10 -0.82 1.92 -1.29
C ILE A 10 0.68 2.21 -1.41
N HIS A 11 1.48 1.53 -0.59
CA HIS A 11 2.93 1.73 -0.59
C HIS A 11 3.64 0.43 -0.19
N GLY A 12 3.01 -0.70 -0.48
CA GLY A 12 3.59 -1.99 -0.16
C GLY A 12 3.38 -2.37 1.30
N GLY A 13 2.21 -2.01 1.83
CA GLY A 13 1.89 -2.31 3.21
C GLY A 13 2.80 -1.58 4.18
N ARG A 14 3.03 -0.29 3.92
CA ARG A 14 3.90 0.53 4.77
C ARG A 14 3.20 1.85 5.10
N PHE A 15 2.20 2.20 4.29
CA PHE A 15 1.46 3.44 4.50
C PHE A 15 0.69 3.38 5.82
N ILE A 16 0.29 2.17 6.20
CA ILE A 16 -0.46 1.98 7.44
C ILE A 16 -0.57 0.49 7.76
N HIS A 17 0.59 -0.15 7.90
CA HIS A 17 0.65 -1.57 8.22
C HIS A 17 2.05 -1.91 8.73
N GLY A 18 2.99 -1.01 8.45
CA GLY A 18 4.37 -1.17 8.86
C GLY A 18 5.02 0.18 9.06
N MET A 19 4.39 1.00 9.91
CA MET A 19 4.86 2.36 10.21
C MET A 19 3.93 2.96 11.24
N ILE A 20 2.66 3.03 10.89
CA ILE A 20 1.67 3.45 11.88
C ILE A 20 1.69 2.30 12.89
N GLN A 21 2.42 1.26 12.46
CA GLN A 21 2.67 0.07 13.21
C GLN A 21 4.19 -0.10 13.34
N ASN A 22 5.01 0.49 12.38
CA ASN A 22 6.49 0.34 12.51
C ASN A 22 7.17 1.69 12.75
N HIS A 23 6.43 2.64 13.30
CA HIS A 23 6.95 3.98 13.57
C HIS A 23 8.36 3.90 14.17
N HIS A 24 9.28 4.66 13.59
CA HIS A 24 10.66 4.67 14.07
C HIS A 24 10.73 5.20 15.50
N PHE A 1 -5.85 -6.20 -0.46
CA PHE A 1 -7.07 -5.49 -0.83
C PHE A 1 -6.78 -4.45 -1.90
N LEU A 2 -5.52 -4.05 -2.01
CA LEU A 2 -5.11 -3.05 -3.00
C LEU A 2 -5.90 -1.76 -2.80
N GLY A 3 -5.59 -0.76 -3.62
CA GLY A 3 -6.26 0.52 -3.53
C GLY A 3 -5.62 1.56 -4.42
N ALA A 4 -4.73 1.11 -5.30
CA ALA A 4 -4.05 2.01 -6.22
C ALA A 4 -3.34 1.23 -7.32
N LEU A 5 -3.64 -0.07 -7.40
CA LEU A 5 -3.04 -0.92 -8.41
C LEU A 5 -1.51 -0.81 -8.36
N ILE A 6 -0.86 -1.81 -7.79
CA ILE A 6 0.59 -1.81 -7.69
C ILE A 6 1.05 -0.69 -6.79
N LYS A 7 2.16 -0.03 -7.14
CA LYS A 7 2.75 0.92 -6.19
C LYS A 7 2.92 0.07 -4.94
N GLY A 8 3.02 -1.20 -5.30
CA GLY A 8 3.07 -2.34 -4.45
C GLY A 8 2.24 -2.16 -3.20
N ALA A 9 1.02 -2.70 -3.25
CA ALA A 9 0.06 -2.61 -2.14
C ALA A 9 0.19 -1.30 -1.41
N ILE A 10 0.04 -0.20 -2.16
CA ILE A 10 0.15 1.16 -1.60
C ILE A 10 1.25 1.20 -0.52
N HIS A 11 0.85 1.13 0.75
CA HIS A 11 1.80 1.17 1.85
C HIS A 11 3.00 0.27 1.57
N GLY A 12 2.87 -0.64 0.60
CA GLY A 12 3.98 -1.53 0.29
C GLY A 12 5.02 -0.82 -0.54
N GLY A 13 4.88 0.51 -0.63
CA GLY A 13 5.80 1.32 -1.39
C GLY A 13 5.63 2.79 -1.08
N ARG A 14 4.60 3.12 -0.30
CA ARG A 14 4.31 4.51 0.08
C ARG A 14 4.60 4.75 1.54
N PHE A 15 4.27 3.79 2.40
CA PHE A 15 4.58 3.96 3.82
C PHE A 15 6.09 4.11 3.95
N ILE A 16 6.57 5.36 3.84
CA ILE A 16 8.01 5.64 3.88
C ILE A 16 8.78 4.57 3.09
N HIS A 17 8.73 4.69 1.76
CA HIS A 17 9.41 3.73 0.89
C HIS A 17 9.60 4.33 -0.49
N GLY A 18 8.51 4.81 -1.11
CA GLY A 18 8.62 5.44 -2.41
C GLY A 18 9.66 6.54 -2.31
N MET A 19 9.41 7.43 -1.36
CA MET A 19 10.31 8.52 -1.03
C MET A 19 9.64 9.44 -0.02
N ILE A 20 9.69 9.02 1.25
CA ILE A 20 9.03 9.77 2.29
C ILE A 20 7.56 9.73 1.94
N GLN A 21 7.28 8.75 1.07
CA GLN A 21 5.95 8.51 0.52
C GLN A 21 5.93 9.15 -0.85
N ASN A 22 7.13 9.17 -1.45
CA ASN A 22 7.32 9.76 -2.75
C ASN A 22 6.68 11.14 -2.78
N HIS A 23 6.90 11.87 -1.68
CA HIS A 23 6.36 13.22 -1.55
C HIS A 23 4.85 13.21 -1.74
N HIS A 24 4.37 13.85 -2.80
CA HIS A 24 2.94 13.91 -3.07
C HIS A 24 2.38 12.50 -3.29
N PHE A 1 -7.78 -10.13 -7.61
CA PHE A 1 -8.86 -9.20 -7.28
C PHE A 1 -8.31 -7.78 -7.19
N LEU A 2 -7.02 -7.66 -6.89
CA LEU A 2 -6.39 -6.36 -6.77
C LEU A 2 -7.14 -5.47 -5.79
N GLY A 3 -6.56 -4.32 -5.46
CA GLY A 3 -7.18 -3.40 -4.53
C GLY A 3 -6.33 -2.16 -4.31
N ALA A 4 -5.44 -1.89 -5.26
CA ALA A 4 -4.56 -0.72 -5.15
C ALA A 4 -3.87 -0.46 -6.49
N LEU A 5 -3.95 -1.43 -7.38
CA LEU A 5 -3.33 -1.29 -8.70
C LEU A 5 -1.84 -1.01 -8.55
N ILE A 6 -1.08 -2.07 -8.26
CA ILE A 6 0.37 -1.94 -8.09
C ILE A 6 0.71 -0.81 -7.15
N LYS A 7 1.79 -0.05 -7.44
CA LYS A 7 2.28 0.91 -6.46
C LYS A 7 2.48 0.03 -5.23
N GLY A 8 2.70 -1.22 -5.64
CA GLY A 8 2.81 -2.38 -4.82
C GLY A 8 1.95 -2.30 -3.58
N ALA A 9 0.69 -2.68 -3.73
CA ALA A 9 -0.26 -2.65 -2.63
C ALA A 9 -0.36 -1.25 -2.06
N ILE A 10 -0.46 -0.25 -2.94
CA ILE A 10 -0.57 1.16 -2.53
C ILE A 10 0.81 1.67 -2.08
N HIS A 11 1.50 0.89 -1.26
CA HIS A 11 2.81 1.28 -0.77
C HIS A 11 3.50 0.09 -0.12
N GLY A 12 2.77 -1.01 0.00
CA GLY A 12 3.29 -2.23 0.60
C GLY A 12 2.32 -2.79 1.64
N GLY A 13 1.04 -2.54 1.42
CA GLY A 13 0.02 -3.01 2.34
C GLY A 13 0.30 -2.53 3.76
N ARG A 14 -0.01 -1.26 4.02
CA ARG A 14 0.23 -0.69 5.35
C ARG A 14 -0.55 0.61 5.51
N PHE A 15 -0.36 1.53 4.57
CA PHE A 15 -1.05 2.83 4.63
C PHE A 15 -2.55 2.62 4.88
N ILE A 16 -3.08 1.52 4.37
CA ILE A 16 -4.50 1.19 4.54
C ILE A 16 -4.70 -0.32 4.48
N HIS A 17 -4.06 -1.02 5.40
CA HIS A 17 -4.15 -2.47 5.47
C HIS A 17 -3.55 -2.95 6.78
N GLY A 18 -2.81 -2.04 7.41
CA GLY A 18 -2.17 -2.30 8.69
C GLY A 18 -2.20 -1.05 9.54
N MET A 19 -3.39 -0.47 9.64
CA MET A 19 -3.60 0.78 10.40
C MET A 19 -5.08 1.10 10.41
N ILE A 20 -5.64 1.33 9.22
CA ILE A 20 -7.08 1.48 9.14
C ILE A 20 -7.60 0.09 9.48
N GLN A 21 -6.61 -0.80 9.60
CA GLN A 21 -6.79 -2.17 10.00
C GLN A 21 -5.96 -2.39 11.27
N ASN A 22 -4.87 -1.57 11.49
CA ASN A 22 -4.05 -1.76 12.73
C ASN A 22 -4.07 -0.50 13.61
N HIS A 23 -5.15 0.27 13.55
CA HIS A 23 -5.25 1.48 14.35
C HIS A 23 -6.69 1.98 14.39
N HIS A 24 -7.03 2.72 15.45
CA HIS A 24 -8.38 3.25 15.59
C HIS A 24 -8.66 4.30 14.52
N PHE A 1 -6.08 -8.30 -14.11
CA PHE A 1 -5.41 -8.58 -12.85
C PHE A 1 -4.84 -7.30 -12.25
N LEU A 2 -4.42 -7.38 -10.99
CA LEU A 2 -3.85 -6.22 -10.31
C LEU A 2 -4.84 -5.05 -10.34
N GLY A 3 -5.96 -5.21 -9.64
CA GLY A 3 -6.97 -4.17 -9.59
C GLY A 3 -6.49 -2.94 -8.84
N ALA A 4 -5.56 -3.15 -7.91
CA ALA A 4 -5.02 -2.06 -7.12
C ALA A 4 -4.05 -1.22 -7.95
N LEU A 5 -3.65 -0.07 -7.40
CA LEU A 5 -2.72 0.82 -8.10
C LEU A 5 -1.29 0.28 -8.00
N ILE A 6 -1.17 -1.02 -7.76
CA ILE A 6 0.14 -1.66 -7.66
C ILE A 6 1.03 -0.90 -6.70
N LYS A 7 2.32 -0.77 -7.02
CA LYS A 7 3.26 -0.23 -6.03
C LYS A 7 3.01 -1.13 -4.83
N GLY A 8 2.55 -2.30 -5.27
CA GLY A 8 2.07 -3.38 -4.48
C GLY A 8 1.38 -2.92 -3.21
N ALA A 9 0.06 -2.82 -3.30
CA ALA A 9 -0.76 -2.39 -2.19
C ALA A 9 -0.20 -1.11 -1.58
N ILE A 10 0.15 -0.16 -2.46
CA ILE A 10 0.72 1.12 -2.03
C ILE A 10 1.65 0.93 -0.83
N HIS A 11 1.13 1.13 0.37
CA HIS A 11 1.93 0.97 1.57
C HIS A 11 2.70 -0.35 1.54
N GLY A 12 2.33 -1.24 0.62
CA GLY A 12 3.02 -2.52 0.51
C GLY A 12 4.27 -2.37 -0.32
N GLY A 13 4.67 -1.12 -0.53
CA GLY A 13 5.84 -0.80 -1.31
C GLY A 13 6.26 0.64 -1.13
N ARG A 14 5.42 1.42 -0.44
CA ARG A 14 5.70 2.85 -0.20
C ARG A 14 6.06 3.10 1.27
N PHE A 15 5.20 2.67 2.19
CA PHE A 15 5.47 2.88 3.61
C PHE A 15 6.69 2.09 4.05
N ILE A 16 7.82 2.79 4.25
CA ILE A 16 9.08 2.16 4.66
C ILE A 16 9.23 0.78 4.03
N HIS A 17 9.17 0.75 2.70
CA HIS A 17 9.29 -0.50 1.95
C HIS A 17 9.97 -0.22 0.61
N GLY A 18 9.75 0.98 0.07
CA GLY A 18 10.38 1.37 -1.18
C GLY A 18 11.84 0.99 -1.17
N MET A 19 12.40 1.06 0.04
CA MET A 19 13.81 0.74 0.30
C MET A 19 14.26 1.52 1.48
N ILE A 20 13.31 2.05 2.23
CA ILE A 20 13.67 2.93 3.32
C ILE A 20 14.37 4.12 2.65
N GLN A 21 14.61 3.94 1.33
CA GLN A 21 15.27 4.95 0.51
C GLN A 21 14.27 5.54 -0.50
N ASN A 22 13.38 4.70 -1.03
CA ASN A 22 12.38 5.15 -1.99
C ASN A 22 11.05 5.33 -1.27
N HIS A 23 10.97 4.79 -0.06
CA HIS A 23 9.76 4.89 0.74
C HIS A 23 9.29 6.34 0.85
N HIS A 24 8.32 6.57 1.72
CA HIS A 24 7.79 7.92 1.93
C HIS A 24 8.89 8.86 2.39
N PHE A 1 -6.95 4.81 -11.61
CA PHE A 1 -6.03 4.67 -12.74
C PHE A 1 -4.84 3.78 -12.36
N LEU A 2 -3.63 4.27 -12.58
CA LEU A 2 -2.44 3.49 -12.25
C LEU A 2 -2.49 2.11 -12.90
N GLY A 3 -3.48 1.90 -13.77
CA GLY A 3 -3.63 0.62 -14.45
C GLY A 3 -4.26 -0.42 -13.55
N ALA A 4 -3.68 -0.60 -12.37
CA ALA A 4 -4.20 -1.58 -11.41
C ALA A 4 -3.58 -1.37 -10.05
N LEU A 5 -3.78 -0.18 -9.49
CA LEU A 5 -3.25 0.16 -8.17
C LEU A 5 -1.73 -0.04 -8.14
N ILE A 6 -1.30 -1.29 -7.96
CA ILE A 6 0.13 -1.60 -7.90
C ILE A 6 0.81 -0.74 -6.87
N LYS A 7 2.04 -0.26 -7.17
CA LYS A 7 2.82 0.38 -6.12
C LYS A 7 2.83 -0.66 -5.01
N GLY A 8 2.66 -1.85 -5.57
CA GLY A 8 2.48 -3.08 -4.88
C GLY A 8 1.75 -2.93 -3.57
N ALA A 9 0.42 -2.83 -3.68
CA ALA A 9 -0.43 -2.68 -2.50
C ALA A 9 -0.09 -1.40 -1.76
N ILE A 10 -0.32 -0.26 -2.42
CA ILE A 10 -0.04 1.06 -1.83
C ILE A 10 1.18 1.05 -0.90
N HIS A 11 2.37 1.06 -1.50
CA HIS A 11 3.61 1.06 -0.72
C HIS A 11 3.55 0.06 0.43
N GLY A 12 2.67 -0.92 0.31
CA GLY A 12 2.52 -1.94 1.33
C GLY A 12 1.73 -1.43 2.53
N GLY A 13 0.68 -0.66 2.25
CA GLY A 13 -0.15 -0.11 3.31
C GLY A 13 0.59 0.91 4.15
N ARG A 14 1.06 1.97 3.49
CA ARG A 14 1.78 3.05 4.19
C ARG A 14 1.49 4.37 3.50
N PHE A 15 1.51 4.36 2.17
CA PHE A 15 1.24 5.57 1.39
C PHE A 15 0.02 6.29 1.95
N ILE A 16 -0.97 5.51 2.35
CA ILE A 16 -2.18 6.04 2.94
C ILE A 16 -2.92 4.91 3.64
N HIS A 17 -2.43 4.57 4.81
CA HIS A 17 -3.00 3.48 5.60
C HIS A 17 -2.38 3.53 7.00
N GLY A 18 -1.05 3.54 7.05
CA GLY A 18 -0.38 3.63 8.33
C GLY A 18 -0.71 4.99 8.91
N MET A 19 -0.21 6.00 8.22
CA MET A 19 -0.46 7.39 8.56
C MET A 19 0.46 8.29 7.78
N ILE A 20 0.09 8.54 6.51
CA ILE A 20 0.92 9.32 5.63
C ILE A 20 2.23 8.56 5.55
N GLN A 21 2.10 7.29 5.92
CA GLN A 21 3.21 6.32 6.01
C GLN A 21 3.73 6.41 7.43
N ASN A 22 2.76 6.63 8.33
CA ASN A 22 3.04 6.79 9.74
C ASN A 22 4.26 7.67 9.93
N HIS A 23 4.18 8.84 9.30
CA HIS A 23 5.26 9.82 9.38
C HIS A 23 6.59 9.17 9.00
N HIS A 24 6.95 9.28 7.72
CA HIS A 24 8.20 8.71 7.24
C HIS A 24 9.39 9.44 7.84
N PHE A 1 -3.55 -11.89 -6.13
CA PHE A 1 -2.57 -11.05 -5.44
C PHE A 1 -2.20 -9.85 -6.30
N LEU A 2 -1.99 -8.71 -5.65
CA LEU A 2 -1.63 -7.49 -6.37
C LEU A 2 -2.65 -7.19 -7.47
N GLY A 3 -2.28 -6.32 -8.39
CA GLY A 3 -3.15 -5.96 -9.49
C GLY A 3 -4.31 -5.09 -9.03
N ALA A 4 -4.04 -3.79 -8.88
CA ALA A 4 -5.07 -2.87 -8.45
C ALA A 4 -4.57 -1.43 -8.57
N LEU A 5 -3.30 -1.22 -8.26
CA LEU A 5 -2.71 0.12 -8.35
C LEU A 5 -1.19 0.03 -8.21
N ILE A 6 -0.68 -1.20 -8.17
CA ILE A 6 0.76 -1.41 -8.04
C ILE A 6 1.33 -0.61 -6.90
N LYS A 7 2.53 -0.05 -7.07
CA LYS A 7 3.21 0.55 -5.91
C LYS A 7 3.20 -0.58 -4.90
N GLY A 8 3.14 -1.73 -5.56
CA GLY A 8 2.99 -3.03 -5.00
C GLY A 8 2.15 -3.02 -3.74
N ALA A 9 0.83 -3.01 -3.94
CA ALA A 9 -0.11 -3.00 -2.84
C ALA A 9 0.09 -1.76 -1.97
N ILE A 10 0.00 -0.59 -2.59
CA ILE A 10 0.16 0.70 -1.89
C ILE A 10 1.22 0.60 -0.78
N HIS A 11 2.49 0.55 -1.18
CA HIS A 11 3.59 0.48 -0.23
C HIS A 11 3.34 -0.59 0.82
N GLY A 12 2.47 -1.54 0.47
CA GLY A 12 2.14 -2.62 1.39
C GLY A 12 1.48 -2.10 2.65
N GLY A 13 0.34 -1.45 2.49
CA GLY A 13 -0.39 -0.91 3.62
C GLY A 13 0.45 0.08 4.39
N ARG A 14 0.65 1.26 3.80
CA ARG A 14 1.46 2.30 4.43
C ARG A 14 1.14 3.65 3.78
N PHE A 15 0.92 3.63 2.46
CA PHE A 15 0.61 4.86 1.73
C PHE A 15 -0.34 5.76 2.52
N ILE A 16 -1.40 5.16 3.06
CA ILE A 16 -2.39 5.89 3.84
C ILE A 16 -1.92 6.01 5.29
N HIS A 17 -2.08 4.94 6.06
CA HIS A 17 -1.64 4.94 7.46
C HIS A 17 -1.73 3.54 8.05
N GLY A 18 -1.22 2.57 7.31
CA GLY A 18 -1.23 1.16 7.73
C GLY A 18 -2.03 0.34 6.73
N MET A 19 -3.14 0.95 6.31
CA MET A 19 -4.06 0.38 5.31
C MET A 19 -5.47 0.84 5.61
N ILE A 20 -5.82 2.01 5.04
CA ILE A 20 -7.12 2.60 5.31
C ILE A 20 -7.13 2.85 6.81
N GLN A 21 -5.90 2.96 7.32
CA GLN A 21 -5.63 3.11 8.74
C GLN A 21 -5.65 1.72 9.32
N ASN A 22 -5.18 0.79 8.48
CA ASN A 22 -5.15 -0.62 8.81
C ASN A 22 -6.45 -1.03 9.43
N HIS A 23 -7.49 -0.90 8.62
CA HIS A 23 -8.84 -1.25 9.04
C HIS A 23 -9.18 -0.61 10.38
N HIS A 24 -8.91 -1.34 11.46
CA HIS A 24 -9.19 -0.83 12.80
C HIS A 24 -8.37 0.42 13.08
N PHE A 1 0.10 -11.12 -3.46
CA PHE A 1 -0.92 -10.86 -4.47
C PHE A 1 -1.20 -9.36 -4.57
N LEU A 2 -1.67 -8.94 -5.74
CA LEU A 2 -1.98 -7.53 -5.97
C LEU A 2 -3.24 -7.13 -5.21
N GLY A 3 -3.68 -5.90 -5.41
CA GLY A 3 -4.87 -5.41 -4.73
C GLY A 3 -5.14 -3.94 -5.05
N ALA A 4 -4.29 -3.35 -5.87
CA ALA A 4 -4.43 -1.95 -6.24
C ALA A 4 -3.56 -1.63 -7.44
N LEU A 5 -3.42 -0.33 -7.74
CA LEU A 5 -2.61 0.10 -8.87
C LEU A 5 -1.12 -0.01 -8.53
N ILE A 6 -0.65 -1.24 -8.36
CA ILE A 6 0.76 -1.46 -8.03
C ILE A 6 1.18 -0.60 -6.88
N LYS A 7 2.41 -0.06 -6.93
CA LYS A 7 2.95 0.61 -5.74
C LYS A 7 2.80 -0.45 -4.66
N GLY A 8 2.79 -1.64 -5.25
CA GLY A 8 2.55 -2.90 -4.63
C GLY A 8 1.57 -2.78 -3.49
N ALA A 9 0.29 -2.72 -3.85
CA ALA A 9 -0.78 -2.59 -2.89
C ALA A 9 -0.62 -1.27 -2.13
N ILE A 10 -0.93 -0.17 -2.82
CA ILE A 10 -0.81 1.18 -2.25
C ILE A 10 0.67 1.51 -2.01
N HIS A 11 1.28 0.83 -1.04
CA HIS A 11 2.69 1.05 -0.72
C HIS A 11 3.23 -0.19 -0.02
N GLY A 12 2.37 -1.20 0.07
CA GLY A 12 2.73 -2.46 0.71
C GLY A 12 2.18 -2.54 2.13
N GLY A 13 0.94 -2.13 2.29
CA GLY A 13 0.30 -2.16 3.60
C GLY A 13 1.19 -1.53 4.67
N ARG A 14 1.35 -0.22 4.60
CA ARG A 14 2.17 0.50 5.56
C ARG A 14 1.83 1.99 5.55
N PHE A 15 1.16 2.43 4.49
CA PHE A 15 0.76 3.84 4.37
C PHE A 15 0.09 4.29 5.65
N ILE A 16 -0.34 3.32 6.46
CA ILE A 16 -0.99 3.61 7.74
C ILE A 16 -0.64 2.52 8.75
N HIS A 17 -1.25 1.34 8.60
CA HIS A 17 -0.97 0.23 9.49
C HIS A 17 -1.47 -1.05 8.82
N GLY A 18 -0.99 -1.31 7.62
CA GLY A 18 -1.42 -2.48 6.88
C GLY A 18 -2.88 -2.35 6.56
N MET A 19 -3.21 -1.30 5.86
CA MET A 19 -4.58 -1.05 5.48
C MET A 19 -5.56 -1.32 6.57
N ILE A 20 -5.07 -1.41 7.79
CA ILE A 20 -5.94 -1.79 8.90
C ILE A 20 -6.54 -3.15 8.52
N GLN A 21 -6.24 -3.57 7.27
CA GLN A 21 -6.70 -4.84 6.72
C GLN A 21 -5.53 -5.79 6.50
N ASN A 22 -4.40 -5.25 6.02
CA ASN A 22 -3.22 -6.05 5.82
C ASN A 22 -2.52 -6.15 7.17
N HIS A 23 -2.70 -5.10 7.96
CA HIS A 23 -2.09 -5.06 9.29
C HIS A 23 -0.58 -5.28 9.18
N HIS A 24 0.09 -5.37 10.32
CA HIS A 24 1.53 -5.58 10.33
C HIS A 24 1.88 -6.95 9.73
N PHE A 1 -3.96 7.32 -11.67
CA PHE A 1 -2.71 6.77 -11.16
C PHE A 1 -2.83 5.26 -11.00
N LEU A 2 -1.92 4.54 -11.68
CA LEU A 2 -1.92 3.08 -11.62
C LEU A 2 -1.35 2.59 -10.28
N GLY A 3 -1.24 3.50 -9.33
CA GLY A 3 -0.71 3.16 -8.02
C GLY A 3 -1.61 2.20 -7.28
N ALA A 4 -2.86 2.11 -7.72
CA ALA A 4 -3.82 1.21 -7.08
C ALA A 4 -3.60 -0.22 -7.52
N LEU A 5 -2.97 -0.39 -8.68
CA LEU A 5 -2.69 -1.72 -9.22
C LEU A 5 -1.33 -2.22 -8.72
N ILE A 6 -0.60 -1.36 -8.02
CA ILE A 6 0.70 -1.71 -7.48
C ILE A 6 1.03 -0.80 -6.33
N LYS A 7 2.32 -0.64 -6.00
CA LYS A 7 2.65 0.06 -4.76
C LYS A 7 1.85 -0.71 -3.73
N GLY A 8 1.65 -1.94 -4.20
CA GLY A 8 0.85 -2.96 -3.62
C GLY A 8 -0.49 -2.44 -3.14
N ALA A 9 -1.24 -1.86 -4.07
CA ALA A 9 -2.56 -1.31 -3.78
C ALA A 9 -2.50 -0.19 -2.75
N ILE A 10 -1.28 0.23 -2.41
CA ILE A 10 -1.09 1.31 -1.44
C ILE A 10 0.34 1.85 -1.50
N HIS A 11 1.23 1.25 -0.69
CA HIS A 11 2.64 1.66 -0.64
C HIS A 11 3.52 0.45 -0.38
N GLY A 12 3.02 -0.74 -0.72
CA GLY A 12 3.77 -1.97 -0.53
C GLY A 12 3.66 -2.48 0.89
N GLY A 13 2.47 -2.39 1.47
CA GLY A 13 2.25 -2.85 2.82
C GLY A 13 2.88 -1.94 3.85
N ARG A 14 3.51 -0.86 3.38
CA ARG A 14 4.14 0.09 4.29
C ARG A 14 3.08 0.86 5.07
N PHE A 15 1.84 0.79 4.57
CA PHE A 15 0.73 1.49 5.22
C PHE A 15 0.44 0.85 6.58
N ILE A 16 0.56 -0.48 6.64
CA ILE A 16 0.31 -1.20 7.88
C ILE A 16 1.32 -0.77 8.95
N HIS A 17 2.47 -1.43 9.00
CA HIS A 17 3.51 -1.08 9.98
C HIS A 17 4.88 -1.40 9.41
N GLY A 18 4.91 -1.63 8.10
CA GLY A 18 6.14 -1.96 7.40
C GLY A 18 5.82 -2.76 6.17
N MET A 19 5.15 -3.89 6.40
CA MET A 19 4.72 -4.83 5.37
C MET A 19 4.39 -6.12 6.05
N ILE A 20 4.14 -6.00 7.34
CA ILE A 20 3.95 -7.19 8.16
C ILE A 20 5.24 -7.98 8.03
N GLN A 21 6.11 -7.48 7.14
CA GLN A 21 7.42 -8.10 6.89
C GLN A 21 8.54 -7.20 7.41
N ASN A 22 8.38 -5.89 7.18
CA ASN A 22 9.37 -4.92 7.65
C ASN A 22 9.02 -4.50 9.06
N HIS A 23 7.74 -4.65 9.41
CA HIS A 23 7.28 -4.29 10.76
C HIS A 23 8.21 -4.88 11.82
N HIS A 24 8.28 -6.20 11.88
CA HIS A 24 9.13 -6.87 12.85
C HIS A 24 10.59 -6.57 12.58
N PHE A 1 -2.69 -12.14 -9.25
CA PHE A 1 -3.27 -11.87 -10.56
C PHE A 1 -3.68 -10.42 -10.68
N LEU A 2 -3.30 -9.61 -9.68
CA LEU A 2 -3.65 -8.20 -9.68
C LEU A 2 -2.88 -7.48 -10.79
N GLY A 3 -3.27 -6.23 -11.06
CA GLY A 3 -2.62 -5.44 -12.09
C GLY A 3 -3.34 -4.14 -12.33
N ALA A 4 -3.33 -3.26 -11.33
CA ALA A 4 -3.98 -1.96 -11.46
C ALA A 4 -3.43 -0.99 -10.42
N LEU A 5 -3.69 -1.27 -9.15
CA LEU A 5 -3.21 -0.41 -8.08
C LEU A 5 -1.69 -0.50 -7.97
N ILE A 6 -1.19 -1.69 -7.67
CA ILE A 6 0.25 -1.91 -7.54
C ILE A 6 0.89 -0.86 -6.66
N LYS A 7 2.11 -0.42 -7.02
CA LYS A 7 2.85 0.44 -6.09
C LYS A 7 2.83 -0.38 -4.80
N GLY A 8 2.70 -1.66 -5.13
CA GLY A 8 2.52 -2.75 -4.23
C GLY A 8 1.70 -2.37 -3.02
N ALA A 9 0.38 -2.47 -3.18
CA ALA A 9 -0.54 -2.15 -2.10
C ALA A 9 -0.36 -0.69 -1.67
N ILE A 10 -0.31 0.21 -2.65
CA ILE A 10 -0.14 1.64 -2.40
C ILE A 10 1.32 1.94 -2.03
N HIS A 11 1.91 1.04 -1.24
CA HIS A 11 3.29 1.19 -0.81
C HIS A 11 3.70 -0.04 -0.01
N GLY A 12 2.72 -0.90 0.25
CA GLY A 12 2.93 -2.12 1.02
C GLY A 12 1.91 -2.25 2.12
N GLY A 13 0.79 -1.55 1.96
CA GLY A 13 -0.27 -1.58 2.94
C GLY A 13 0.19 -1.03 4.28
N ARG A 14 0.35 0.29 4.34
CA ARG A 14 0.79 0.93 5.57
C ARG A 14 0.50 2.43 5.53
N PHE A 15 0.46 3.00 4.33
CA PHE A 15 0.18 4.44 4.19
C PHE A 15 -1.02 4.83 5.03
N ILE A 16 -2.12 4.08 4.89
CA ILE A 16 -3.34 4.36 5.66
C ILE A 16 -3.27 3.66 7.01
N HIS A 17 -3.49 2.35 7.05
CA HIS A 17 -3.44 1.61 8.32
C HIS A 17 -3.16 0.13 8.06
N GLY A 18 -2.80 -0.18 6.82
CA GLY A 18 -2.52 -1.55 6.45
C GLY A 18 -3.70 -2.44 6.71
N MET A 19 -4.85 -2.00 6.21
CA MET A 19 -6.09 -2.73 6.34
C MET A 19 -7.14 -2.04 5.51
N ILE A 20 -7.03 -0.72 5.42
CA ILE A 20 -7.90 -0.02 4.48
C ILE A 20 -7.35 -0.48 3.13
N GLN A 21 -6.19 -1.18 3.26
CA GLN A 21 -5.46 -1.78 2.16
C GLN A 21 -5.17 -3.26 2.46
N ASN A 22 -5.09 -3.73 3.77
CA ASN A 22 -4.82 -5.15 4.03
C ASN A 22 -6.12 -5.89 4.37
N HIS A 23 -7.23 -5.17 4.39
CA HIS A 23 -8.52 -5.76 4.71
C HIS A 23 -8.44 -6.53 6.03
N HIS A 24 -8.94 -5.90 7.10
CA HIS A 24 -8.92 -6.54 8.41
C HIS A 24 -9.88 -7.73 8.45
N PHE A 1 -5.41 5.47 -15.43
CA PHE A 1 -5.40 5.96 -14.05
C PHE A 1 -4.92 4.88 -13.10
N LEU A 2 -4.17 3.92 -13.64
CA LEU A 2 -3.65 2.82 -12.82
C LEU A 2 -2.54 3.32 -11.90
N GLY A 3 -2.47 2.74 -10.70
CA GLY A 3 -1.46 3.14 -9.74
C GLY A 3 -1.71 2.56 -8.37
N ALA A 4 -2.97 2.57 -7.96
CA ALA A 4 -3.34 2.04 -6.64
C ALA A 4 -3.28 0.52 -6.65
N LEU A 5 -3.51 -0.08 -7.82
CA LEU A 5 -3.48 -1.54 -7.94
C LEU A 5 -2.05 -2.05 -7.77
N ILE A 6 -1.07 -1.22 -8.11
CA ILE A 6 0.35 -1.59 -7.99
C ILE A 6 1.06 -0.62 -7.09
N LYS A 7 2.32 -0.27 -7.42
CA LYS A 7 3.11 0.52 -6.47
C LYS A 7 3.03 -0.32 -5.21
N GLY A 8 2.80 -1.58 -5.56
CA GLY A 8 2.53 -2.67 -4.68
C GLY A 8 1.75 -2.25 -3.46
N ALA A 9 0.43 -2.38 -3.55
CA ALA A 9 -0.48 -2.01 -2.49
C ALA A 9 -0.04 -0.70 -1.85
N ILE A 10 0.26 0.29 -2.71
CA ILE A 10 0.71 1.60 -2.27
C ILE A 10 1.63 1.48 -1.04
N HIS A 11 1.07 1.66 0.14
CA HIS A 11 1.86 1.56 1.36
C HIS A 11 2.59 0.22 1.44
N GLY A 12 2.35 -0.66 0.48
CA GLY A 12 3.04 -1.95 0.50
C GLY A 12 4.52 -1.75 0.28
N GLY A 13 4.90 -0.49 0.09
CA GLY A 13 6.29 -0.13 -0.12
C GLY A 13 6.47 1.37 -0.08
N ARG A 14 5.36 2.10 -0.20
CA ARG A 14 5.40 3.57 -0.17
C ARG A 14 5.37 4.07 1.28
N PHE A 15 4.88 3.23 2.19
CA PHE A 15 4.80 3.60 3.60
C PHE A 15 6.04 4.37 4.06
N ILE A 16 7.16 4.14 3.36
CA ILE A 16 8.41 4.82 3.69
C ILE A 16 9.12 5.27 2.41
N HIS A 17 9.74 4.33 1.71
CA HIS A 17 10.43 4.65 0.47
C HIS A 17 10.75 3.38 -0.29
N GLY A 18 9.71 2.73 -0.82
CA GLY A 18 9.89 1.49 -1.54
C GLY A 18 10.44 0.43 -0.64
N MET A 19 9.76 0.21 0.46
CA MET A 19 10.18 -0.79 1.42
C MET A 19 11.65 -0.86 1.63
N ILE A 20 12.33 0.22 1.30
CA ILE A 20 13.79 0.24 1.40
C ILE A 20 14.28 -0.87 0.47
N GLN A 21 13.30 -1.69 0.00
CA GLN A 21 13.59 -2.80 -0.92
C GLN A 21 13.20 -2.37 -2.32
N ASN A 22 11.99 -1.88 -2.47
CA ASN A 22 11.51 -1.38 -3.74
C ASN A 22 12.21 -0.06 -3.98
N HIS A 23 12.61 0.61 -2.88
CA HIS A 23 13.30 1.89 -2.98
C HIS A 23 12.45 2.91 -3.72
N HIS A 24 12.44 2.81 -5.05
CA HIS A 24 11.66 3.73 -5.86
C HIS A 24 10.17 3.58 -5.58
N PHE A 1 -8.39 4.97 -11.55
CA PHE A 1 -8.36 5.01 -13.00
C PHE A 1 -7.23 4.13 -13.54
N LEU A 2 -6.28 3.81 -12.68
CA LEU A 2 -5.15 2.97 -13.08
C LEU A 2 -5.61 1.53 -13.29
N GLY A 3 -4.80 0.75 -13.99
CA GLY A 3 -5.12 -0.64 -14.27
C GLY A 3 -5.45 -1.39 -13.00
N ALA A 4 -4.61 -1.24 -11.98
CA ALA A 4 -4.83 -1.93 -10.71
C ALA A 4 -4.02 -1.26 -9.59
N LEU A 5 -4.22 -1.74 -8.37
CA LEU A 5 -3.52 -1.19 -7.22
C LEU A 5 -2.08 -1.71 -7.16
N ILE A 6 -1.28 -1.35 -8.17
CA ILE A 6 0.11 -1.79 -8.22
C ILE A 6 0.95 -0.97 -7.28
N LYS A 7 2.25 -0.79 -7.60
CA LYS A 7 3.15 -0.18 -6.63
C LYS A 7 2.98 -1.09 -5.42
N GLY A 8 2.58 -2.28 -5.85
CA GLY A 8 2.18 -3.38 -5.04
C GLY A 8 1.47 -2.96 -3.79
N ALA A 9 0.23 -2.46 -3.99
CA ALA A 9 -0.59 -1.98 -2.89
C ALA A 9 -0.06 -0.65 -2.42
N ILE A 10 -0.28 0.39 -3.24
CA ILE A 10 0.20 1.75 -2.94
C ILE A 10 1.56 1.70 -2.25
N HIS A 11 1.65 2.26 -1.05
CA HIS A 11 2.91 2.25 -0.31
C HIS A 11 3.10 0.90 0.38
N GLY A 12 2.71 -0.17 -0.30
CA GLY A 12 2.83 -1.50 0.26
C GLY A 12 1.98 -1.66 1.50
N GLY A 13 0.81 -1.02 1.49
CA GLY A 13 -0.11 -1.10 2.61
C GLY A 13 0.42 -0.32 3.81
N ARG A 14 0.58 0.98 3.62
CA ARG A 14 1.07 1.85 4.68
C ARG A 14 0.65 3.29 4.41
N PHE A 15 0.45 3.62 3.13
CA PHE A 15 0.03 4.96 2.75
C PHE A 15 -1.13 5.41 3.63
N ILE A 16 -2.10 4.52 3.82
CA ILE A 16 -3.27 4.81 4.64
C ILE A 16 -2.97 4.43 6.10
N HIS A 17 -3.15 3.16 6.45
CA HIS A 17 -2.87 2.70 7.81
C HIS A 17 -2.91 1.17 7.82
N GLY A 18 -1.97 0.55 7.13
CA GLY A 18 -1.96 -0.89 7.05
C GLY A 18 -3.23 -1.37 6.45
N MET A 19 -3.57 -0.83 5.31
CA MET A 19 -4.79 -1.22 4.64
C MET A 19 -5.96 -1.32 5.56
N ILE A 20 -5.83 -0.72 6.73
CA ILE A 20 -6.88 -0.86 7.72
C ILE A 20 -7.02 -2.37 7.99
N GLN A 21 -6.32 -3.16 7.14
CA GLN A 21 -6.33 -4.63 7.26
C GLN A 21 -4.99 -5.08 7.84
N ASN A 22 -3.90 -4.53 7.33
CA ASN A 22 -2.59 -4.85 7.84
C ASN A 22 -2.43 -4.06 9.13
N HIS A 23 -3.10 -2.90 9.17
CA HIS A 23 -3.05 -2.03 10.35
C HIS A 23 -1.64 -1.95 10.92
N HIS A 24 -0.64 -2.20 10.07
CA HIS A 24 0.75 -2.15 10.50
C HIS A 24 0.97 -3.04 11.71
N PHE A 1 -1.89 -12.05 -7.57
CA PHE A 1 -1.76 -11.45 -8.90
C PHE A 1 -1.71 -9.93 -8.78
N LEU A 2 -0.88 -9.31 -9.62
CA LEU A 2 -0.75 -7.86 -9.61
C LEU A 2 -2.01 -7.21 -10.18
N GLY A 3 -2.57 -6.26 -9.45
CA GLY A 3 -3.77 -5.58 -9.89
C GLY A 3 -4.23 -4.54 -8.90
N ALA A 4 -3.64 -4.56 -7.70
CA ALA A 4 -4.00 -3.60 -6.66
C ALA A 4 -3.36 -2.25 -6.92
N LEU A 5 -3.60 -1.70 -8.10
CA LEU A 5 -3.03 -0.40 -8.46
C LEU A 5 -1.51 -0.42 -8.27
N ILE A 6 -0.95 -1.62 -8.17
CA ILE A 6 0.50 -1.79 -7.99
C ILE A 6 1.07 -0.74 -7.08
N LYS A 7 2.33 -0.30 -7.34
CA LYS A 7 2.99 0.56 -6.36
C LYS A 7 2.90 -0.26 -5.09
N GLY A 8 2.80 -1.54 -5.42
CA GLY A 8 2.57 -2.64 -4.54
C GLY A 8 1.66 -2.26 -3.38
N ALA A 9 0.37 -2.38 -3.62
CA ALA A 9 -0.63 -2.05 -2.61
C ALA A 9 -0.44 -0.61 -2.14
N ILE A 10 -0.24 0.29 -3.09
CA ILE A 10 -0.04 1.72 -2.79
C ILE A 10 1.37 1.94 -2.22
N HIS A 11 1.83 0.98 -1.42
CA HIS A 11 3.16 1.09 -0.82
C HIS A 11 3.50 -0.22 -0.11
N GLY A 12 2.49 -1.05 0.12
CA GLY A 12 2.67 -2.33 0.79
C GLY A 12 1.48 -2.69 1.64
N GLY A 13 0.35 -2.05 1.36
CA GLY A 13 -0.87 -2.29 2.10
C GLY A 13 -0.74 -1.85 3.55
N ARG A 14 -0.52 -0.55 3.72
CA ARG A 14 -0.38 0.03 5.06
C ARG A 14 -0.95 1.44 5.02
N PHE A 15 -0.55 2.21 4.01
CA PHE A 15 -1.06 3.56 3.85
C PHE A 15 -2.48 3.49 3.30
N ILE A 16 -3.42 4.10 4.01
CA ILE A 16 -4.83 4.08 3.61
C ILE A 16 -5.23 2.73 3.02
N HIS A 17 -4.78 1.65 3.68
CA HIS A 17 -5.10 0.29 3.25
C HIS A 17 -5.48 -0.56 4.45
N GLY A 18 -4.82 -0.30 5.59
CA GLY A 18 -5.11 -1.03 6.82
C GLY A 18 -6.60 -1.16 7.00
N MET A 19 -7.30 -0.15 6.50
CA MET A 19 -8.75 -0.04 6.56
C MET A 19 -9.11 1.40 6.55
N ILE A 20 -8.14 2.22 6.19
CA ILE A 20 -8.32 3.66 6.28
C ILE A 20 -8.59 3.94 7.75
N GLN A 21 -8.72 2.83 8.51
CA GLN A 21 -8.98 2.89 9.95
C GLN A 21 -7.80 2.29 10.73
N ASN A 22 -7.07 1.35 10.11
CA ASN A 22 -5.92 0.74 10.77
C ASN A 22 -4.64 1.26 10.14
N HIS A 23 -4.78 1.81 8.94
CA HIS A 23 -3.63 2.35 8.22
C HIS A 23 -2.75 3.20 9.14
N HIS A 24 -1.48 3.34 8.78
CA HIS A 24 -0.55 4.12 9.59
C HIS A 24 0.77 4.30 8.85
N PHE A 1 -3.52 8.29 -14.29
CA PHE A 1 -4.09 6.96 -14.11
C PHE A 1 -3.03 5.99 -13.59
N LEU A 2 -3.25 5.47 -12.40
CA LEU A 2 -2.31 4.53 -11.80
C LEU A 2 -2.34 3.18 -12.53
N GLY A 3 -3.26 3.08 -13.50
CA GLY A 3 -3.40 1.85 -14.27
C GLY A 3 -4.14 0.78 -13.49
N ALA A 4 -3.67 0.49 -12.28
CA ALA A 4 -4.30 -0.52 -11.44
C ALA A 4 -3.74 -0.46 -10.02
N LEU A 5 -4.40 -1.17 -9.11
CA LEU A 5 -3.96 -1.18 -7.71
C LEU A 5 -2.71 -2.04 -7.56
N ILE A 6 -1.54 -1.38 -7.61
CA ILE A 6 -0.27 -2.07 -7.47
C ILE A 6 0.76 -1.18 -6.84
N LYS A 7 2.04 -1.35 -7.21
CA LYS A 7 3.10 -0.66 -6.45
C LYS A 7 2.82 -1.11 -5.03
N GLY A 8 2.22 -2.30 -5.08
CA GLY A 8 1.68 -3.03 -3.98
C GLY A 8 1.12 -2.12 -2.91
N ALA A 9 -0.15 -1.76 -3.07
CA ALA A 9 -0.84 -0.88 -2.14
C ALA A 9 0.08 0.24 -1.67
N ILE A 10 0.77 0.86 -2.63
CA ILE A 10 1.72 1.94 -2.33
C ILE A 10 2.47 1.66 -1.03
N HIS A 11 1.99 2.23 0.07
CA HIS A 11 2.63 2.03 1.35
C HIS A 11 2.82 0.53 1.64
N GLY A 12 2.26 -0.32 0.79
CA GLY A 12 2.40 -1.75 1.00
C GLY A 12 3.82 -2.20 0.71
N GLY A 13 4.68 -1.24 0.41
CA GLY A 13 6.07 -1.51 0.12
C GLY A 13 6.90 -0.25 0.08
N ARG A 14 6.24 0.87 -0.20
CA ARG A 14 6.94 2.15 -0.26
C ARG A 14 7.32 2.61 1.16
N PHE A 15 6.31 2.66 2.04
CA PHE A 15 6.53 3.07 3.43
C PHE A 15 7.80 2.44 3.99
N ILE A 16 8.91 3.18 3.92
CA ILE A 16 10.21 2.73 4.43
C ILE A 16 10.41 1.22 4.21
N HIS A 17 10.30 0.80 2.96
CA HIS A 17 10.46 -0.62 2.62
C HIS A 17 10.72 -0.75 1.12
N GLY A 18 10.46 0.33 0.39
CA GLY A 18 10.66 0.38 -1.05
C GLY A 18 11.22 1.72 -1.47
N MET A 19 12.28 2.12 -0.76
CA MET A 19 12.96 3.41 -0.99
C MET A 19 14.11 3.52 -0.03
N ILE A 20 13.80 3.37 1.26
CA ILE A 20 14.87 3.30 2.23
C ILE A 20 15.57 1.99 1.88
N GLN A 21 14.87 1.27 0.99
CA GLN A 21 15.31 0.03 0.43
C GLN A 21 15.31 0.15 -1.11
N ASN A 22 14.52 1.11 -1.72
CA ASN A 22 14.54 1.23 -3.20
C ASN A 22 15.16 2.55 -3.66
N HIS A 23 15.88 3.20 -2.75
CA HIS A 23 16.55 4.48 -3.05
C HIS A 23 15.69 5.38 -3.94
N HIS A 24 14.38 5.14 -3.93
CA HIS A 24 13.45 5.94 -4.73
C HIS A 24 12.04 5.85 -4.16
N PHE A 1 -5.67 8.09 -11.57
CA PHE A 1 -6.69 7.09 -11.78
C PHE A 1 -6.14 5.69 -11.52
N LEU A 2 -4.90 5.46 -11.94
CA LEU A 2 -4.26 4.17 -11.75
C LEU A 2 -5.06 3.06 -12.43
N GLY A 3 -6.15 2.64 -11.82
CA GLY A 3 -6.98 1.59 -12.39
C GLY A 3 -6.29 0.25 -12.33
N ALA A 4 -5.52 0.02 -11.28
CA ALA A 4 -4.81 -1.25 -11.12
C ALA A 4 -4.19 -1.34 -9.72
N LEU A 5 -4.31 -2.52 -9.11
CA LEU A 5 -3.75 -2.73 -7.78
C LEU A 5 -2.24 -2.89 -7.87
N ILE A 6 -1.52 -1.76 -7.82
CA ILE A 6 -0.07 -1.78 -7.89
C ILE A 6 0.51 -0.56 -7.21
N LYS A 7 1.66 -0.05 -7.70
CA LYS A 7 2.35 0.99 -6.95
C LYS A 7 2.53 0.33 -5.59
N GLY A 8 2.55 -0.98 -5.76
CA GLY A 8 2.57 -1.98 -4.73
C GLY A 8 1.82 -1.54 -3.49
N ALA A 9 0.50 -1.54 -3.60
CA ALA A 9 -0.36 -1.15 -2.49
C ALA A 9 0.04 0.21 -1.96
N ILE A 10 0.48 1.09 -2.86
CA ILE A 10 0.90 2.44 -2.50
C ILE A 10 2.26 2.41 -1.80
N HIS A 11 2.47 1.40 -0.96
CA HIS A 11 3.73 1.27 -0.24
C HIS A 11 3.84 -0.13 0.38
N GLY A 12 2.73 -0.86 0.38
CA GLY A 12 2.70 -2.21 0.94
C GLY A 12 1.39 -2.48 1.68
N GLY A 13 0.39 -1.66 1.41
CA GLY A 13 -0.90 -1.81 2.05
C GLY A 13 -0.85 -1.40 3.51
N ARG A 14 -0.75 -0.10 3.75
CA ARG A 14 -0.70 0.42 5.10
C ARG A 14 -0.95 1.93 5.10
N PHE A 15 -0.13 2.65 4.35
CA PHE A 15 -0.27 4.10 4.25
C PHE A 15 -1.63 4.44 3.63
N ILE A 16 -2.63 4.69 4.50
CA ILE A 16 -3.99 5.01 4.04
C ILE A 16 -4.33 4.20 2.79
N HIS A 17 -4.21 2.88 2.90
CA HIS A 17 -4.49 1.97 1.78
C HIS A 17 -5.15 0.69 2.29
N GLY A 18 -4.86 0.32 3.54
CA GLY A 18 -5.46 -0.87 4.12
C GLY A 18 -6.95 -0.80 3.97
N MET A 19 -7.47 0.32 4.41
CA MET A 19 -8.89 0.62 4.36
C MET A 19 -9.08 1.98 4.92
N ILE A 20 -7.96 2.70 5.03
CA ILE A 20 -7.98 3.98 5.69
C ILE A 20 -8.41 3.67 7.12
N GLN A 21 -8.75 2.38 7.32
CA GLN A 21 -9.21 1.90 8.63
C GLN A 21 -8.65 0.50 8.96
N ASN A 22 -7.83 -0.08 8.06
CA ASN A 22 -7.25 -1.41 8.31
C ASN A 22 -5.74 -1.34 8.32
N HIS A 23 -5.19 -0.39 7.57
CA HIS A 23 -3.75 -0.22 7.51
C HIS A 23 -3.08 -1.55 7.15
N HIS A 24 -2.62 -2.27 8.17
CA HIS A 24 -1.95 -3.55 7.96
C HIS A 24 -2.94 -4.57 7.39
N PHE A 1 -5.93 -9.58 -6.18
CA PHE A 1 -6.33 -9.28 -7.55
C PHE A 1 -6.44 -7.78 -7.76
N LEU A 2 -5.31 -7.08 -7.58
CA LEU A 2 -5.28 -5.63 -7.76
C LEU A 2 -5.35 -5.27 -9.24
N GLY A 3 -4.25 -5.52 -9.95
CA GLY A 3 -4.18 -5.23 -11.37
C GLY A 3 -4.62 -3.81 -11.67
N ALA A 4 -4.14 -2.85 -10.88
CA ALA A 4 -4.50 -1.46 -11.08
C ALA A 4 -3.63 -0.55 -10.22
N LEU A 5 -3.84 -0.61 -8.90
CA LEU A 5 -3.07 0.22 -7.98
C LEU A 5 -1.62 -0.24 -7.94
N ILE A 6 -1.40 -1.47 -7.50
CA ILE A 6 -0.04 -2.01 -7.42
C ILE A 6 0.86 -1.07 -6.66
N LYS A 7 2.13 -0.94 -7.10
CA LYS A 7 3.09 -0.19 -6.29
C LYS A 7 2.98 -0.89 -4.93
N GLY A 8 2.55 -2.12 -5.14
CA GLY A 8 2.19 -3.08 -4.14
C GLY A 8 1.56 -2.44 -2.93
N ALA A 9 0.23 -2.41 -2.93
CA ALA A 9 -0.55 -1.82 -1.85
C ALA A 9 0.06 -0.49 -1.44
N ILE A 10 0.47 0.29 -2.45
CA ILE A 10 1.10 1.59 -2.23
C ILE A 10 2.00 1.55 -0.99
N HIS A 11 1.47 1.96 0.15
CA HIS A 11 2.24 1.95 1.38
C HIS A 11 2.84 0.57 1.63
N GLY A 12 2.48 -0.42 0.81
CA GLY A 12 3.04 -1.74 0.98
C GLY A 12 4.56 -1.69 0.88
N GLY A 13 5.05 -0.52 0.48
CA GLY A 13 6.47 -0.31 0.34
C GLY A 13 6.80 1.17 0.24
N ARG A 14 5.82 1.96 -0.20
CA ARG A 14 6.02 3.39 -0.34
C ARG A 14 6.16 4.04 1.03
N PHE A 15 5.53 3.42 2.04
CA PHE A 15 5.59 3.94 3.41
C PHE A 15 7.00 4.44 3.75
N ILE A 16 8.01 3.65 3.39
CA ILE A 16 9.40 4.02 3.67
C ILE A 16 9.92 4.99 2.61
N HIS A 17 10.29 4.47 1.43
CA HIS A 17 10.79 5.34 0.37
C HIS A 17 10.72 4.63 -0.98
N GLY A 18 9.52 4.21 -1.37
CA GLY A 18 9.33 3.52 -2.62
C GLY A 18 9.94 2.15 -2.55
N MET A 19 9.41 1.35 -1.68
CA MET A 19 9.87 -0.01 -1.50
C MET A 19 11.35 -0.16 -1.60
N ILE A 20 12.07 0.94 -1.44
CA ILE A 20 13.51 0.89 -1.64
C ILE A 20 13.73 0.37 -3.07
N GLN A 21 12.61 -0.05 -3.70
CA GLN A 21 12.64 -0.58 -5.07
C GLN A 21 11.78 0.28 -6.00
N ASN A 22 10.66 0.82 -5.49
CA ASN A 22 9.83 1.68 -6.32
C ASN A 22 10.46 3.05 -6.29
N HIS A 23 11.11 3.35 -5.16
CA HIS A 23 11.78 4.64 -4.99
C HIS A 23 10.80 5.78 -5.28
N HIS A 24 11.26 7.01 -5.04
CA HIS A 24 10.42 8.19 -5.27
C HIS A 24 11.27 9.44 -5.31
N PHE A 1 -10.24 -4.97 -13.60
CA PHE A 1 -9.38 -6.08 -13.19
C PHE A 1 -8.50 -5.67 -12.02
N LEU A 2 -7.75 -4.60 -12.20
CA LEU A 2 -6.86 -4.11 -11.14
C LEU A 2 -7.61 -3.99 -9.82
N GLY A 3 -6.91 -3.54 -8.78
CA GLY A 3 -7.52 -3.38 -7.47
C GLY A 3 -6.48 -3.05 -6.41
N ALA A 4 -5.37 -2.47 -6.86
CA ALA A 4 -4.29 -2.10 -5.94
C ALA A 4 -3.39 -1.06 -6.58
N LEU A 5 -3.61 -0.80 -7.86
CA LEU A 5 -2.80 0.18 -8.59
C LEU A 5 -1.32 -0.15 -8.46
N ILE A 6 -1.02 -1.39 -8.11
CA ILE A 6 0.37 -1.82 -7.95
C ILE A 6 1.13 -0.86 -7.07
N LYS A 7 2.40 -0.58 -7.42
CA LYS A 7 3.23 0.18 -6.47
C LYS A 7 3.11 -0.63 -5.19
N GLY A 8 2.82 -1.89 -5.52
CA GLY A 8 2.49 -2.95 -4.63
C GLY A 8 1.72 -2.46 -3.42
N ALA A 9 0.40 -2.60 -3.51
CA ALA A 9 -0.50 -2.17 -2.44
C ALA A 9 -0.06 -0.84 -1.88
N ILE A 10 0.30 0.08 -2.79
CA ILE A 10 0.77 1.42 -2.42
C ILE A 10 1.63 1.34 -1.15
N HIS A 11 1.02 1.59 0.00
CA HIS A 11 1.75 1.55 1.26
C HIS A 11 2.48 0.22 1.42
N GLY A 12 2.24 -0.72 0.50
CA GLY A 12 2.92 -2.00 0.59
C GLY A 12 4.42 -1.82 0.51
N GLY A 13 4.81 -0.58 0.25
CA GLY A 13 6.21 -0.22 0.14
C GLY A 13 6.40 1.28 0.10
N ARG A 14 5.35 1.99 -0.30
CA ARG A 14 5.40 3.45 -0.39
C ARG A 14 5.51 4.04 1.01
N PHE A 15 4.87 3.38 1.99
CA PHE A 15 4.91 3.85 3.37
C PHE A 15 6.29 4.38 3.75
N ILE A 16 7.34 3.68 3.30
CA ILE A 16 8.71 4.10 3.58
C ILE A 16 9.13 5.19 2.60
N HIS A 17 9.48 4.80 1.37
CA HIS A 17 9.88 5.76 0.35
C HIS A 17 9.95 5.07 -1.00
N GLY A 18 8.80 4.61 -1.48
CA GLY A 18 8.76 3.91 -2.74
C GLY A 18 9.54 2.65 -2.66
N MET A 19 9.20 1.83 -1.71
CA MET A 19 9.88 0.57 -1.54
C MET A 19 11.36 0.68 -1.67
N ILE A 20 11.87 1.90 -1.58
CA ILE A 20 13.29 2.10 -1.79
C ILE A 20 13.59 1.58 -3.20
N GLN A 21 12.57 0.92 -3.79
CA GLN A 21 12.70 0.35 -5.15
C GLN A 21 11.80 1.13 -6.11
N ASN A 22 10.61 1.53 -5.65
CA ASN A 22 9.72 2.32 -6.48
C ASN A 22 10.16 3.76 -6.35
N HIS A 23 10.71 4.08 -5.17
CA HIS A 23 11.19 5.44 -4.91
C HIS A 23 10.22 6.48 -5.46
N HIS A 24 10.73 7.68 -5.74
CA HIS A 24 9.89 8.75 -6.27
C HIS A 24 8.69 8.99 -5.36
N PHE A 1 -4.27 8.24 -13.22
CA PHE A 1 -2.97 7.65 -13.55
C PHE A 1 -2.67 6.47 -12.63
N LEU A 2 -3.48 5.42 -12.73
CA LEU A 2 -3.29 4.24 -11.91
C LEU A 2 -3.22 4.63 -10.42
N GLY A 3 -2.38 3.93 -9.68
CA GLY A 3 -2.23 4.21 -8.25
C GLY A 3 -3.40 3.67 -7.45
N ALA A 4 -3.69 2.39 -7.61
CA ALA A 4 -4.79 1.76 -6.91
C ALA A 4 -4.68 0.24 -6.97
N LEU A 5 -3.45 -0.25 -7.14
CA LEU A 5 -3.22 -1.69 -7.22
C LEU A 5 -1.73 -1.98 -7.06
N ILE A 6 -0.91 -1.33 -7.88
CA ILE A 6 0.55 -1.52 -7.84
C ILE A 6 1.18 -0.56 -6.88
N LYS A 7 2.43 -0.14 -7.16
CA LYS A 7 3.17 0.62 -6.14
C LYS A 7 3.10 -0.30 -4.93
N GLY A 8 2.95 -1.55 -5.37
CA GLY A 8 2.72 -2.71 -4.57
C GLY A 8 1.86 -2.40 -3.36
N ALA A 9 0.55 -2.47 -3.58
CA ALA A 9 -0.41 -2.18 -2.52
C ALA A 9 -0.15 -0.80 -1.92
N ILE A 10 0.11 0.17 -2.81
CA ILE A 10 0.38 1.54 -2.40
C ILE A 10 1.81 1.65 -1.83
N HIS A 11 2.19 0.64 -1.04
CA HIS A 11 3.52 0.61 -0.44
C HIS A 11 3.81 -0.80 0.07
N GLY A 12 2.73 -1.59 0.22
CA GLY A 12 2.84 -2.96 0.71
C GLY A 12 1.66 -3.32 1.57
N GLY A 13 0.53 -2.65 1.35
CA GLY A 13 -0.67 -2.91 2.13
C GLY A 13 -0.46 -2.59 3.59
N ARG A 14 -0.27 -1.31 3.90
CA ARG A 14 -0.05 -0.88 5.27
C ARG A 14 -0.33 0.62 5.40
N PHE A 15 0.41 1.42 4.63
CA PHE A 15 0.23 2.87 4.66
C PHE A 15 -1.23 3.23 4.46
N ILE A 16 -1.99 3.25 5.58
CA ILE A 16 -3.42 3.57 5.55
C ILE A 16 -4.09 3.01 4.28
N HIS A 17 -4.14 1.69 4.20
CA HIS A 17 -4.75 1.02 3.05
C HIS A 17 -4.95 -0.46 3.37
N GLY A 18 -4.25 -0.92 4.41
CA GLY A 18 -4.34 -2.30 4.84
C GLY A 18 -3.92 -2.45 6.28
N MET A 19 -4.60 -1.71 7.16
CA MET A 19 -4.33 -1.72 8.61
C MET A 19 -5.29 -0.77 9.29
N ILE A 20 -5.28 0.49 8.86
CA ILE A 20 -6.28 1.41 9.35
C ILE A 20 -7.59 0.84 8.81
N GLN A 21 -7.37 -0.15 7.92
CA GLN A 21 -8.40 -0.91 7.29
C GLN A 21 -8.14 -2.40 7.58
N ASN A 22 -6.87 -2.83 7.89
CA ASN A 22 -6.64 -4.29 8.17
C ASN A 22 -6.26 -4.53 9.64
N HIS A 23 -6.53 -3.54 10.49
CA HIS A 23 -6.23 -3.66 11.93
C HIS A 23 -4.91 -4.37 12.17
N HIS A 24 -4.02 -4.36 11.19
CA HIS A 24 -2.73 -5.02 11.31
C HIS A 24 -1.83 -4.68 10.14
N PHE A 1 -6.17 5.98 -14.75
CA PHE A 1 -5.16 6.66 -13.94
C PHE A 1 -4.69 5.76 -12.81
N LEU A 2 -5.58 4.87 -12.36
CA LEU A 2 -5.24 3.94 -11.28
C LEU A 2 -4.81 4.71 -10.04
N GLY A 3 -4.86 4.05 -8.89
CA GLY A 3 -4.47 4.67 -7.64
C GLY A 3 -4.39 3.66 -6.51
N ALA A 4 -4.64 2.40 -6.84
CA ALA A 4 -4.60 1.34 -5.83
C ALA A 4 -4.58 -0.03 -6.50
N LEU A 5 -3.44 -0.41 -7.04
CA LEU A 5 -3.30 -1.70 -7.71
C LEU A 5 -1.83 -2.06 -7.87
N ILE A 6 -0.97 -1.05 -7.89
CA ILE A 6 0.47 -1.25 -8.01
C ILE A 6 1.21 -0.26 -7.15
N LYS A 7 2.49 0.03 -7.46
CA LYS A 7 3.30 0.81 -6.51
C LYS A 7 3.20 -0.04 -5.25
N GLY A 8 2.96 -1.30 -5.62
CA GLY A 8 2.69 -2.40 -4.75
C GLY A 8 1.87 -1.99 -3.55
N ALA A 9 0.55 -2.08 -3.71
CA ALA A 9 -0.40 -1.73 -2.66
C ALA A 9 0.07 -0.51 -1.89
N ILE A 10 0.53 0.51 -2.63
CA ILE A 10 1.03 1.76 -2.03
C ILE A 10 1.80 1.46 -0.74
N HIS A 11 1.10 1.53 0.39
CA HIS A 11 1.74 1.26 1.67
C HIS A 11 2.43 -0.10 1.65
N GLY A 12 2.22 -0.87 0.59
CA GLY A 12 2.85 -2.17 0.49
C GLY A 12 4.36 -2.03 0.44
N GLY A 13 4.81 -0.78 0.42
CA GLY A 13 6.23 -0.47 0.39
C GLY A 13 6.48 0.98 0.75
N ARG A 14 5.52 1.85 0.41
CA ARG A 14 5.65 3.27 0.71
C ARG A 14 5.71 3.49 2.22
N PHE A 15 4.89 2.74 2.96
CA PHE A 15 4.86 2.87 4.42
C PHE A 15 6.27 3.04 5.01
N ILE A 16 7.18 2.17 4.60
CA ILE A 16 8.55 2.24 5.09
C ILE A 16 9.22 3.52 4.59
N HIS A 17 9.63 3.54 3.33
CA HIS A 17 10.28 4.71 2.76
C HIS A 17 10.38 4.57 1.25
N GLY A 18 9.22 4.54 0.58
CA GLY A 18 9.19 4.39 -0.85
C GLY A 18 9.65 3.01 -1.24
N MET A 19 8.96 2.02 -0.75
CA MET A 19 9.28 0.65 -1.08
C MET A 19 10.74 0.36 -1.05
N ILE A 20 11.54 1.26 -0.48
CA ILE A 20 12.97 1.10 -0.53
C ILE A 20 13.34 1.07 -2.01
N GLN A 21 12.29 1.01 -2.86
CA GLN A 21 12.45 0.97 -4.32
C GLN A 21 11.88 2.26 -4.94
N ASN A 22 10.78 2.78 -4.38
CA ASN A 22 10.21 4.02 -4.88
C ASN A 22 10.96 5.14 -4.20
N HIS A 23 11.44 4.85 -2.99
CA HIS A 23 12.19 5.84 -2.22
C HIS A 23 11.38 7.13 -2.09
N HIS A 24 11.86 8.05 -1.26
CA HIS A 24 11.18 9.32 -1.04
C HIS A 24 9.71 9.07 -0.67
N PHE A 1 -7.77 2.29 -6.37
CA PHE A 1 -8.53 2.22 -7.61
C PHE A 1 -7.87 3.04 -8.71
N LEU A 2 -6.55 3.23 -8.57
CA LEU A 2 -5.80 4.01 -9.56
C LEU A 2 -5.61 3.19 -10.84
N GLY A 3 -4.97 3.81 -11.84
CA GLY A 3 -4.72 3.13 -13.10
C GLY A 3 -3.65 2.07 -12.98
N ALA A 4 -3.27 1.75 -11.75
CA ALA A 4 -2.24 0.74 -11.51
C ALA A 4 -2.31 0.24 -10.07
N LEU A 5 -3.05 -0.84 -9.86
CA LEU A 5 -3.19 -1.41 -8.52
C LEU A 5 -1.87 -2.06 -8.09
N ILE A 6 -0.95 -1.24 -7.59
CA ILE A 6 0.34 -1.72 -7.14
C ILE A 6 0.84 -0.82 -6.04
N LYS A 7 2.16 -0.86 -5.76
CA LYS A 7 2.64 -0.17 -4.56
C LYS A 7 1.77 -0.77 -3.47
N GLY A 8 1.37 -1.97 -3.88
CA GLY A 8 0.44 -2.83 -3.24
C GLY A 8 -0.79 -2.11 -2.75
N ALA A 9 -1.47 -1.47 -3.70
CA ALA A 9 -2.71 -0.73 -3.41
C ALA A 9 -2.46 0.42 -2.44
N ILE A 10 -1.19 0.68 -2.15
CA ILE A 10 -0.82 1.77 -1.23
C ILE A 10 0.67 2.09 -1.37
N HIS A 11 1.49 1.40 -0.59
CA HIS A 11 2.94 1.60 -0.61
C HIS A 11 3.66 0.31 -0.25
N GLY A 12 3.00 -0.82 -0.48
CA GLY A 12 3.58 -2.11 -0.18
C GLY A 12 3.43 -2.47 1.29
N GLY A 13 2.22 -2.29 1.80
CA GLY A 13 1.94 -2.60 3.20
C GLY A 13 2.79 -1.75 4.13
N ARG A 14 3.59 -0.87 3.56
CA ARG A 14 4.46 -0.01 4.35
C ARG A 14 3.60 1.01 5.12
N PHE A 15 2.34 1.13 4.72
CA PHE A 15 1.42 2.06 5.36
C PHE A 15 1.32 1.76 6.86
N ILE A 16 1.06 0.50 7.19
CA ILE A 16 0.93 0.12 8.60
C ILE A 16 2.30 0.08 9.26
N HIS A 17 3.07 -1.00 9.04
CA HIS A 17 4.41 -1.11 9.62
C HIS A 17 5.22 -2.13 8.83
N GLY A 18 5.64 -1.74 7.63
CA GLY A 18 6.41 -2.63 6.78
C GLY A 18 5.68 -3.87 6.46
N MET A 19 4.39 -3.80 6.34
CA MET A 19 3.62 -5.00 6.04
C MET A 19 3.54 -5.89 7.22
N ILE A 20 4.11 -5.43 8.32
CA ILE A 20 4.17 -6.27 9.52
C ILE A 20 4.97 -7.51 9.11
N GLN A 21 5.22 -7.62 7.79
CA GLN A 21 5.96 -8.74 7.22
C GLN A 21 7.27 -8.23 6.62
N ASN A 22 7.46 -6.91 6.66
CA ASN A 22 8.67 -6.28 6.15
C ASN A 22 9.20 -5.41 7.27
N HIS A 23 8.26 -4.87 8.06
CA HIS A 23 8.65 -4.04 9.20
C HIS A 23 9.62 -2.94 8.76
N HIS A 24 9.75 -2.76 7.44
CA HIS A 24 10.64 -1.75 6.91
C HIS A 24 10.38 -1.53 5.42
N PHE A 1 -2.14 -9.96 -12.73
CA PHE A 1 -2.57 -10.81 -11.62
C PHE A 1 -3.40 -10.00 -10.62
N LEU A 2 -2.73 -9.11 -9.90
CA LEU A 2 -3.41 -8.28 -8.90
C LEU A 2 -4.26 -7.21 -9.59
N GLY A 3 -3.68 -6.56 -10.60
CA GLY A 3 -4.38 -5.53 -11.33
C GLY A 3 -4.60 -4.28 -10.49
N ALA A 4 -4.26 -4.37 -9.21
CA ALA A 4 -4.42 -3.23 -8.31
C ALA A 4 -3.67 -2.02 -8.83
N LEU A 5 -3.65 -0.95 -8.05
CA LEU A 5 -2.96 0.27 -8.43
C LEU A 5 -1.44 0.10 -8.30
N ILE A 6 -1.01 -1.16 -8.19
CA ILE A 6 0.41 -1.46 -8.04
C ILE A 6 1.03 -0.59 -6.97
N LYS A 7 2.30 -0.20 -7.15
CA LYS A 7 3.00 0.47 -6.04
C LYS A 7 2.83 -0.53 -4.90
N GLY A 8 2.66 -1.74 -5.42
CA GLY A 8 2.34 -2.94 -4.72
C GLY A 8 1.44 -2.68 -3.53
N ALA A 9 0.14 -2.57 -3.81
CA ALA A 9 -0.84 -2.32 -2.77
C ALA A 9 -0.46 -1.06 -2.03
N ILE A 10 -0.63 0.09 -2.69
CA ILE A 10 -0.28 1.39 -2.09
C ILE A 10 1.24 1.46 -1.90
N HIS A 11 1.75 0.71 -0.93
CA HIS A 11 3.18 0.68 -0.65
C HIS A 11 3.52 -0.64 0.04
N GLY A 12 2.52 -1.51 0.09
CA GLY A 12 2.66 -2.82 0.71
C GLY A 12 2.13 -2.82 2.13
N GLY A 13 0.97 -2.18 2.33
CA GLY A 13 0.38 -2.11 3.64
C GLY A 13 1.28 -1.39 4.63
N ARG A 14 2.21 -0.60 4.10
CA ARG A 14 3.13 0.15 4.94
C ARG A 14 2.49 1.44 5.43
N PHE A 15 1.44 1.86 4.73
CA PHE A 15 0.73 3.08 5.09
C PHE A 15 -0.06 2.88 6.37
N ILE A 16 -0.57 1.66 6.58
CA ILE A 16 -1.33 1.36 7.78
C ILE A 16 -0.39 1.34 8.98
N HIS A 17 0.33 0.24 9.19
CA HIS A 17 1.26 0.15 10.32
C HIS A 17 2.49 -0.66 9.94
N GLY A 18 2.43 -1.30 8.78
CA GLY A 18 3.56 -2.11 8.31
C GLY A 18 3.13 -3.00 7.17
N MET A 19 2.21 -3.88 7.49
CA MET A 19 1.67 -4.82 6.51
C MET A 19 0.52 -5.51 7.12
N ILE A 20 -0.13 -4.80 8.04
CA ILE A 20 -1.20 -5.39 8.81
C ILE A 20 -0.58 -6.60 9.51
N GLN A 21 0.71 -6.82 9.17
CA GLN A 21 1.48 -7.94 9.74
C GLN A 21 2.86 -7.50 10.23
N ASN A 22 3.42 -6.44 9.63
CA ASN A 22 4.75 -5.96 10.05
C ASN A 22 4.60 -4.95 11.18
N HIS A 23 3.50 -4.20 11.17
CA HIS A 23 3.26 -3.20 12.20
C HIS A 23 4.50 -2.35 12.44
N HIS A 24 4.44 -1.46 13.43
CA HIS A 24 5.57 -0.59 13.73
C HIS A 24 5.98 0.21 12.49
N PHE A 1 -1.32 -11.52 -12.57
CA PHE A 1 -2.40 -11.65 -11.61
C PHE A 1 -2.43 -10.46 -10.67
N LEU A 2 -2.34 -9.25 -11.24
CA LEU A 2 -2.36 -8.03 -10.44
C LEU A 2 -3.77 -7.76 -9.92
N GLY A 3 -3.98 -6.56 -9.38
CA GLY A 3 -5.27 -6.18 -8.85
C GLY A 3 -5.34 -4.71 -8.51
N ALA A 4 -4.63 -4.31 -7.46
CA ALA A 4 -4.61 -2.92 -7.03
C ALA A 4 -3.77 -2.07 -7.99
N LEU A 5 -3.57 -0.81 -7.62
CA LEU A 5 -2.77 0.10 -8.44
C LEU A 5 -1.28 -0.17 -8.26
N ILE A 6 -0.94 -1.45 -8.09
CA ILE A 6 0.46 -1.84 -7.90
C ILE A 6 1.12 -1.00 -6.84
N LYS A 7 2.40 -0.65 -7.04
CA LYS A 7 3.15 -0.02 -5.95
C LYS A 7 2.93 -0.98 -4.79
N GLY A 8 2.68 -2.18 -5.29
CA GLY A 8 2.30 -3.35 -4.57
C GLY A 8 1.45 -3.03 -3.37
N ALA A 9 0.23 -2.58 -3.66
CA ALA A 9 -0.72 -2.21 -2.62
C ALA A 9 -0.35 -0.88 -1.99
N ILE A 10 -0.52 0.20 -2.77
CA ILE A 10 -0.22 1.56 -2.33
C ILE A 10 0.96 1.61 -1.35
N HIS A 11 0.67 1.71 -0.05
CA HIS A 11 1.70 1.79 0.98
C HIS A 11 2.87 0.86 0.68
N GLY A 12 2.67 -0.12 -0.18
CA GLY A 12 3.74 -1.03 -0.53
C GLY A 12 4.99 -0.27 -0.91
N GLY A 13 4.81 1.03 -1.15
CA GLY A 13 5.90 1.92 -1.52
C GLY A 13 5.65 3.33 -1.04
N ARG A 14 4.46 3.86 -1.32
CA ARG A 14 4.09 5.22 -0.91
C ARG A 14 4.62 5.53 0.50
N PHE A 15 4.30 4.66 1.46
CA PHE A 15 4.74 4.86 2.83
C PHE A 15 6.25 5.13 2.88
N ILE A 16 7.04 4.23 2.28
CA ILE A 16 8.50 4.38 2.25
C ILE A 16 9.01 4.73 0.86
N HIS A 17 8.32 5.63 0.18
CA HIS A 17 8.72 6.08 -1.16
C HIS A 17 8.55 7.59 -1.24
N GLY A 18 7.56 8.10 -0.51
CA GLY A 18 7.31 9.53 -0.48
C GLY A 18 8.60 10.27 -0.26
N MET A 19 9.53 9.57 0.41
CA MET A 19 10.86 10.06 0.75
C MET A 19 11.25 9.49 2.07
N ILE A 20 10.50 8.48 2.51
CA ILE A 20 10.69 7.95 3.84
C ILE A 20 10.42 9.14 4.77
N GLN A 21 10.20 10.32 4.14
CA GLN A 21 9.95 11.56 4.86
C GLN A 21 8.62 12.21 4.41
N ASN A 22 8.17 11.91 3.18
CA ASN A 22 6.91 12.48 2.68
C ASN A 22 5.80 11.45 2.84
N HIS A 23 6.15 10.19 2.66
CA HIS A 23 5.18 9.09 2.78
C HIS A 23 3.90 9.43 2.02
N HIS A 24 2.91 9.96 2.74
CA HIS A 24 1.64 10.32 2.13
C HIS A 24 1.08 9.14 1.33
N PHE A 1 -6.73 7.42 -5.45
CA PHE A 1 -7.69 7.39 -6.56
C PHE A 1 -7.11 6.66 -7.75
N LEU A 2 -6.20 5.72 -7.48
CA LEU A 2 -5.56 4.95 -8.54
C LEU A 2 -6.56 3.96 -9.16
N GLY A 3 -6.59 3.91 -10.48
CA GLY A 3 -7.49 3.00 -11.17
C GLY A 3 -7.01 1.57 -11.13
N ALA A 4 -6.29 1.23 -10.06
CA ALA A 4 -5.77 -0.12 -9.90
C ALA A 4 -5.29 -0.35 -8.46
N LEU A 5 -4.15 -1.01 -8.32
CA LEU A 5 -3.60 -1.27 -6.99
C LEU A 5 -2.11 -1.61 -7.07
N ILE A 6 -1.48 -1.17 -8.16
CA ILE A 6 -0.04 -1.41 -8.35
C ILE A 6 0.76 -0.58 -7.38
N LYS A 7 2.01 -0.23 -7.73
CA LYS A 7 2.88 0.40 -6.73
C LYS A 7 2.83 -0.62 -5.60
N GLY A 8 2.56 -1.81 -6.11
CA GLY A 8 2.32 -3.01 -5.39
C GLY A 8 1.60 -2.75 -4.08
N ALA A 9 0.35 -2.33 -4.20
CA ALA A 9 -0.48 -2.02 -3.05
C ALA A 9 -0.04 -0.68 -2.47
N ILE A 10 -0.34 0.41 -3.18
CA ILE A 10 0.05 1.76 -2.77
C ILE A 10 1.43 1.75 -2.12
N HIS A 11 1.54 2.16 -0.85
CA HIS A 11 2.83 2.16 -0.17
C HIS A 11 3.12 0.79 0.39
N GLY A 12 2.74 -0.24 -0.36
CA GLY A 12 2.94 -1.62 0.08
C GLY A 12 2.10 -1.92 1.31
N GLY A 13 0.85 -1.44 1.29
CA GLY A 13 -0.04 -1.65 2.41
C GLY A 13 0.55 -1.10 3.69
N ARG A 14 0.92 0.19 3.64
CA ARG A 14 1.51 0.85 4.81
C ARG A 14 1.12 2.32 4.84
N PHE A 15 0.67 2.83 3.69
CA PHE A 15 0.26 4.24 3.60
C PHE A 15 -0.58 4.62 4.83
N ILE A 16 -1.16 3.61 5.47
CA ILE A 16 -1.97 3.80 6.66
C ILE A 16 -1.76 2.65 7.63
N HIS A 17 -2.31 1.48 7.30
CA HIS A 17 -2.17 0.28 8.13
C HIS A 17 -2.63 -0.92 7.34
N GLY A 18 -1.93 -1.22 6.25
CA GLY A 18 -2.33 -2.32 5.40
C GLY A 18 -3.70 -2.08 4.86
N MET A 19 -3.86 -0.95 4.23
CA MET A 19 -5.15 -0.61 3.65
C MET A 19 -6.30 -0.91 4.56
N ILE A 20 -6.01 -1.13 5.83
CA ILE A 20 -7.05 -1.53 6.75
C ILE A 20 -7.63 -2.84 6.18
N GLN A 21 -7.18 -3.17 4.94
CA GLN A 21 -7.61 -4.37 4.24
C GLN A 21 -6.49 -5.39 4.24
N ASN A 22 -5.26 -4.92 3.99
CA ASN A 22 -4.11 -5.79 4.01
C ASN A 22 -3.69 -5.93 5.46
N HIS A 23 -3.93 -4.86 6.23
CA HIS A 23 -3.57 -4.87 7.65
C HIS A 23 -2.12 -5.26 7.84
N HIS A 24 -1.37 -5.33 6.74
CA HIS A 24 0.04 -5.69 6.80
C HIS A 24 0.70 -5.54 5.43
N PHE A 1 -1.34 8.69 -10.83
CA PHE A 1 -2.46 8.00 -11.46
C PHE A 1 -2.43 6.51 -11.13
N LEU A 2 -3.48 5.80 -11.53
CA LEU A 2 -3.56 4.37 -11.29
C LEU A 2 -4.76 3.77 -12.03
N GLY A 3 -4.91 2.45 -11.94
CA GLY A 3 -6.01 1.78 -12.60
C GLY A 3 -5.84 0.27 -12.61
N ALA A 4 -5.11 -0.24 -11.62
CA ALA A 4 -4.87 -1.68 -11.53
C ALA A 4 -4.27 -2.03 -10.18
N LEU A 5 -4.24 -1.06 -9.27
CA LEU A 5 -3.69 -1.28 -7.94
C LEU A 5 -2.26 -1.81 -8.04
N ILE A 6 -1.28 -0.91 -7.85
CA ILE A 6 0.12 -1.30 -7.92
C ILE A 6 0.95 -0.47 -6.98
N LYS A 7 2.22 -0.18 -7.34
CA LYS A 7 3.13 0.43 -6.37
C LYS A 7 3.04 -0.53 -5.20
N GLY A 8 2.71 -1.73 -5.66
CA GLY A 8 2.40 -2.88 -4.89
C GLY A 8 1.72 -2.52 -3.59
N ALA A 9 0.45 -2.15 -3.71
CA ALA A 9 -0.34 -1.74 -2.56
C ALA A 9 0.24 -0.46 -1.99
N ILE A 10 0.03 0.65 -2.70
CA ILE A 10 0.57 1.95 -2.29
C ILE A 10 1.98 1.80 -1.73
N HIS A 11 2.10 1.58 -0.42
CA HIS A 11 3.40 1.40 0.24
C HIS A 11 3.38 0.13 1.08
N GLY A 12 2.79 -0.92 0.54
CA GLY A 12 2.70 -2.18 1.25
C GLY A 12 1.71 -2.09 2.40
N GLY A 13 0.71 -1.23 2.25
CA GLY A 13 -0.28 -1.04 3.28
C GLY A 13 0.28 -0.31 4.47
N ARG A 14 1.38 0.43 4.25
CA ARG A 14 2.03 1.18 5.33
C ARG A 14 1.69 2.66 5.23
N PHE A 15 1.55 3.16 4.01
CA PHE A 15 1.20 4.57 3.83
C PHE A 15 -0.10 4.85 4.58
N ILE A 16 0.02 5.21 5.86
CA ILE A 16 -1.15 5.47 6.72
C ILE A 16 -2.28 4.50 6.40
N HIS A 17 -2.02 3.20 6.63
CA HIS A 17 -3.02 2.16 6.37
C HIS A 17 -2.79 1.02 7.34
N GLY A 18 -1.54 0.82 7.75
CA GLY A 18 -1.21 -0.23 8.70
C GLY A 18 -2.19 -0.22 9.84
N MET A 19 -2.62 0.99 10.17
CA MET A 19 -3.57 1.26 11.25
C MET A 19 -3.31 2.63 11.77
N ILE A 20 -2.54 3.40 11.00
CA ILE A 20 -2.13 4.70 11.49
C ILE A 20 -1.28 4.40 12.73
N GLN A 21 -1.32 3.11 13.13
CA GLN A 21 -0.56 2.62 14.29
C GLN A 21 0.56 1.70 13.83
N ASN A 22 0.32 0.94 12.75
CA ASN A 22 1.33 0.03 12.22
C ASN A 22 1.95 0.66 10.98
N HIS A 23 1.29 1.71 10.49
CA HIS A 23 1.76 2.44 9.32
C HIS A 23 3.27 2.66 9.37
N HIS A 24 3.81 2.64 10.58
CA HIS A 24 5.24 2.83 10.78
C HIS A 24 5.66 2.41 12.18
N PHE A 1 -4.01 8.89 -13.78
CA PHE A 1 -3.50 8.66 -12.43
C PHE A 1 -4.36 7.66 -11.69
N LEU A 2 -3.85 6.44 -11.55
CA LEU A 2 -4.59 5.38 -10.86
C LEU A 2 -4.66 5.68 -9.37
N GLY A 3 -4.74 4.62 -8.57
CA GLY A 3 -4.82 4.76 -7.12
C GLY A 3 -4.67 3.43 -6.42
N ALA A 4 -4.52 2.37 -7.21
CA ALA A 4 -4.37 1.03 -6.65
C ALA A 4 -3.84 0.08 -7.71
N LEU A 5 -4.01 -1.22 -7.48
CA LEU A 5 -3.55 -2.24 -8.42
C LEU A 5 -2.04 -2.45 -8.29
N ILE A 6 -1.30 -1.33 -8.35
CA ILE A 6 0.17 -1.39 -8.23
C ILE A 6 0.66 -0.34 -7.26
N LYS A 7 1.87 0.19 -7.47
CA LYS A 7 2.47 1.04 -6.44
C LYS A 7 2.44 0.13 -5.22
N GLY A 8 2.45 -1.13 -5.64
CA GLY A 8 2.30 -2.29 -4.84
C GLY A 8 1.37 -2.08 -3.67
N ALA A 9 0.09 -2.27 -3.92
CA ALA A 9 -0.94 -2.08 -2.91
C ALA A 9 -0.72 -0.77 -2.17
N ILE A 10 -0.92 0.34 -2.88
CA ILE A 10 -0.71 1.68 -2.32
C ILE A 10 0.77 1.90 -2.02
N HIS A 11 1.27 1.22 -0.99
CA HIS A 11 2.66 1.35 -0.57
C HIS A 11 3.22 -0.03 -0.26
N GLY A 12 2.33 -1.01 -0.24
CA GLY A 12 2.72 -2.39 0.05
C GLY A 12 2.36 -2.81 1.46
N GLY A 13 2.42 -1.87 2.39
CA GLY A 13 2.09 -2.18 3.77
C GLY A 13 2.10 -0.97 4.67
N ARG A 14 1.15 -0.07 4.44
CA ARG A 14 1.03 1.15 5.25
C ARG A 14 -0.38 1.70 5.13
N PHE A 15 -1.02 1.43 3.99
CA PHE A 15 -2.39 1.89 3.76
C PHE A 15 -3.24 1.73 5.02
N ILE A 16 -2.93 0.70 5.80
CA ILE A 16 -3.65 0.41 7.05
C ILE A 16 -2.72 0.56 8.25
N HIS A 17 -1.90 -0.46 8.51
CA HIS A 17 -0.96 -0.42 9.64
C HIS A 17 0.09 -1.51 9.49
N GLY A 18 0.36 -1.87 8.24
CA GLY A 18 1.33 -2.92 7.92
C GLY A 18 0.79 -3.76 6.80
N MET A 19 -0.43 -4.23 7.01
CA MET A 19 -1.14 -5.02 6.02
C MET A 19 -2.43 -5.51 6.65
N ILE A 20 -3.45 -4.66 6.60
CA ILE A 20 -4.71 -4.98 7.25
C ILE A 20 -4.38 -5.14 8.72
N GLN A 21 -3.22 -4.57 9.04
CA GLN A 21 -2.63 -4.62 10.38
C GLN A 21 -1.66 -5.79 10.35
N ASN A 22 -1.09 -6.00 9.17
CA ASN A 22 -0.18 -7.09 8.93
C ASN A 22 -0.74 -8.37 9.52
N HIS A 23 -2.00 -8.63 9.16
CA HIS A 23 -2.69 -9.81 9.64
C HIS A 23 -2.70 -9.86 11.17
N HIS A 24 -3.63 -10.63 11.73
CA HIS A 24 -3.74 -10.75 13.18
C HIS A 24 -4.59 -11.95 13.55
N PHE A 1 -3.83 -10.35 -8.82
CA PHE A 1 -3.18 -9.52 -9.84
C PHE A 1 -4.15 -8.49 -10.39
N LEU A 2 -4.55 -7.54 -9.54
CA LEU A 2 -5.47 -6.49 -9.96
C LEU A 2 -4.79 -5.56 -10.95
N GLY A 3 -3.47 -5.43 -10.83
CA GLY A 3 -2.71 -4.56 -11.71
C GLY A 3 -3.16 -3.12 -11.60
N ALA A 4 -4.05 -2.84 -10.67
CA ALA A 4 -4.55 -1.49 -10.47
C ALA A 4 -3.42 -0.56 -10.02
N LEU A 5 -3.28 -0.39 -8.71
CA LEU A 5 -2.24 0.46 -8.17
C LEU A 5 -0.88 -0.23 -8.24
N ILE A 6 -0.84 -1.48 -7.78
CA ILE A 6 0.39 -2.28 -7.79
C ILE A 6 1.59 -1.44 -7.41
N LYS A 7 1.32 -0.40 -6.61
CA LYS A 7 2.42 0.32 -5.97
C LYS A 7 2.67 -0.55 -4.75
N GLY A 8 2.32 -1.80 -5.03
CA GLY A 8 2.31 -2.93 -4.18
C GLY A 8 1.48 -2.68 -2.94
N ALA A 9 0.17 -2.69 -3.14
CA ALA A 9 -0.78 -2.46 -2.07
C ALA A 9 -0.54 -1.09 -1.44
N ILE A 10 -0.57 -0.06 -2.29
CA ILE A 10 -0.34 1.32 -1.83
C ILE A 10 1.15 1.54 -1.61
N HIS A 11 1.77 0.63 -0.87
CA HIS A 11 3.20 0.70 -0.58
C HIS A 11 3.66 -0.65 -0.05
N GLY A 12 2.69 -1.49 0.32
CA GLY A 12 2.97 -2.82 0.87
C GLY A 12 2.34 -2.99 2.24
N GLY A 13 1.13 -2.49 2.38
CA GLY A 13 0.43 -2.58 3.65
C GLY A 13 1.16 -1.81 4.74
N ARG A 14 1.03 -0.49 4.71
CA ARG A 14 1.68 0.36 5.69
C ARG A 14 0.84 1.62 5.95
N PHE A 15 0.48 2.32 4.88
CA PHE A 15 -0.32 3.53 5.03
C PHE A 15 -1.73 3.15 5.49
N ILE A 16 -2.55 2.64 4.58
CA ILE A 16 -3.90 2.21 4.93
C ILE A 16 -3.81 0.81 5.51
N HIS A 17 -2.92 0.67 6.50
CA HIS A 17 -2.69 -0.62 7.16
C HIS A 17 -2.62 -0.40 8.67
N GLY A 18 -1.55 0.25 9.13
CA GLY A 18 -1.43 0.55 10.53
C GLY A 18 -2.59 1.42 10.93
N MET A 19 -2.62 2.58 10.30
CA MET A 19 -3.71 3.53 10.47
C MET A 19 -3.37 4.84 9.78
N ILE A 20 -3.65 4.88 8.47
CA ILE A 20 -3.33 6.05 7.68
C ILE A 20 -1.84 6.23 7.80
N GLN A 21 -1.22 5.11 8.22
CA GLN A 21 0.22 5.02 8.49
C GLN A 21 0.38 5.19 9.98
N ASN A 22 -0.64 4.71 10.69
CA ASN A 22 -0.69 4.81 12.14
C ASN A 22 -0.26 6.21 12.56
N HIS A 23 -0.79 7.17 11.81
CA HIS A 23 -0.50 8.59 12.06
C HIS A 23 -1.55 9.46 11.38
N HIS A 24 -2.72 9.58 12.01
CA HIS A 24 -3.79 10.39 11.45
C HIS A 24 -3.46 11.88 11.58
N PHE A 1 -5.65 -9.83 -12.99
CA PHE A 1 -5.85 -9.67 -11.54
C PHE A 1 -4.95 -8.56 -11.00
N LEU A 2 -5.40 -7.32 -11.13
CA LEU A 2 -4.63 -6.18 -10.65
C LEU A 2 -4.58 -6.18 -9.12
N GLY A 3 -5.75 -6.08 -8.50
CA GLY A 3 -5.84 -6.08 -7.05
C GLY A 3 -5.57 -4.71 -6.46
N ALA A 4 -4.67 -3.95 -7.10
CA ALA A 4 -4.33 -2.62 -6.62
C ALA A 4 -3.53 -1.86 -7.67
N LEU A 5 -3.36 -0.55 -7.45
CA LEU A 5 -2.62 0.29 -8.39
C LEU A 5 -1.10 0.09 -8.20
N ILE A 6 -0.68 -1.17 -8.21
CA ILE A 6 0.74 -1.50 -8.03
C ILE A 6 1.34 -0.70 -6.91
N LYS A 7 2.63 -0.32 -7.04
CA LYS A 7 3.32 0.28 -5.88
C LYS A 7 3.08 -0.76 -4.79
N GLY A 8 2.90 -1.94 -5.37
CA GLY A 8 2.54 -3.16 -4.73
C GLY A 8 1.62 -2.93 -3.55
N ALA A 9 0.35 -2.68 -3.85
CA ALA A 9 -0.65 -2.42 -2.85
C ALA A 9 -0.30 -1.14 -2.10
N ILE A 10 -0.48 0.00 -2.77
CA ILE A 10 -0.18 1.31 -2.19
C ILE A 10 1.34 1.43 -1.97
N HIS A 11 1.86 0.67 -1.03
CA HIS A 11 3.30 0.68 -0.73
C HIS A 11 3.67 -0.60 -0.03
N GLY A 12 2.69 -1.51 0.07
CA GLY A 12 2.89 -2.80 0.72
C GLY A 12 1.83 -3.05 1.77
N GLY A 13 0.82 -2.19 1.81
CA GLY A 13 -0.26 -2.34 2.77
C GLY A 13 0.19 -2.00 4.17
N ARG A 14 0.90 -0.87 4.31
CA ARG A 14 1.39 -0.42 5.61
C ARG A 14 1.23 1.09 5.72
N PHE A 15 1.44 1.78 4.61
CA PHE A 15 1.31 3.24 4.60
C PHE A 15 -0.15 3.59 4.86
N ILE A 16 -0.45 3.93 6.12
CA ILE A 16 -1.81 4.28 6.53
C ILE A 16 -2.84 3.41 5.80
N HIS A 17 -2.64 2.09 5.87
CA HIS A 17 -3.55 1.14 5.19
C HIS A 17 -3.77 -0.08 6.07
N GLY A 18 -2.80 -0.42 6.92
CA GLY A 18 -2.93 -1.56 7.80
C GLY A 18 -4.24 -1.50 8.54
N MET A 19 -4.47 -0.32 9.07
CA MET A 19 -5.67 -0.01 9.82
C MET A 19 -5.62 1.43 10.15
N ILE A 20 -4.73 2.13 9.47
CA ILE A 20 -4.48 3.50 9.79
C ILE A 20 -3.91 3.45 11.21
N GLN A 21 -3.93 2.21 11.76
CA GLN A 21 -3.44 1.97 13.13
C GLN A 21 -2.58 0.69 13.20
N ASN A 22 -2.59 -0.14 12.14
CA ASN A 22 -1.79 -1.38 12.15
C ASN A 22 -0.57 -1.22 11.27
N HIS A 23 -0.72 -0.46 10.20
CA HIS A 23 0.38 -0.22 9.27
C HIS A 23 1.14 -1.52 8.97
N HIS A 24 0.41 -2.57 8.63
CA HIS A 24 1.04 -3.86 8.33
C HIS A 24 2.14 -3.68 7.30
N PHE A 1 -2.41 -12.27 -9.40
CA PHE A 1 -1.55 -11.22 -9.91
C PHE A 1 -2.30 -9.89 -9.96
N LEU A 2 -1.69 -8.84 -9.42
CA LEU A 2 -2.31 -7.52 -9.41
C LEU A 2 -2.51 -7.02 -10.83
N GLY A 3 -2.93 -5.76 -10.96
CA GLY A 3 -3.15 -5.17 -12.28
C GLY A 3 -3.78 -3.80 -12.17
N ALA A 4 -3.62 -3.17 -11.02
CA ALA A 4 -4.19 -1.84 -10.81
C ALA A 4 -3.61 -1.20 -9.54
N LEU A 5 -3.89 -1.82 -8.40
CA LEU A 5 -3.40 -1.30 -7.12
C LEU A 5 -1.93 -1.69 -6.92
N ILE A 6 -1.11 -1.45 -7.94
CA ILE A 6 0.31 -1.78 -7.85
C ILE A 6 1.03 -0.77 -6.98
N LYS A 7 2.31 -0.48 -7.29
CA LYS A 7 3.09 0.32 -6.36
C LYS A 7 2.97 -0.48 -5.07
N GLY A 8 2.73 -1.74 -5.38
CA GLY A 8 2.43 -2.81 -4.48
C GLY A 8 1.60 -2.35 -3.30
N ALA A 9 0.28 -2.40 -3.49
CA ALA A 9 -0.65 -2.01 -2.45
C ALA A 9 -0.45 -0.55 -2.05
N ILE A 10 -0.34 0.32 -3.05
CA ILE A 10 -0.15 1.75 -2.82
C ILE A 10 1.30 2.03 -2.38
N HIS A 11 1.82 1.17 -1.50
CA HIS A 11 3.18 1.32 -1.00
C HIS A 11 3.56 0.11 -0.16
N GLY A 12 2.57 -0.76 0.08
CA GLY A 12 2.77 -1.97 0.87
C GLY A 12 1.66 -2.13 1.89
N GLY A 13 0.51 -1.54 1.60
CA GLY A 13 -0.62 -1.62 2.51
C GLY A 13 -0.28 -1.08 3.88
N ARG A 14 -0.20 0.24 3.99
CA ARG A 14 0.14 0.86 5.27
C ARG A 14 -0.11 2.37 5.21
N PHE A 15 0.26 2.99 4.11
CA PHE A 15 0.06 4.43 3.94
C PHE A 15 -1.41 4.75 4.17
N ILE A 16 -2.25 3.85 3.68
CA ILE A 16 -3.69 3.97 3.83
C ILE A 16 -4.31 2.58 3.63
N HIS A 17 -4.23 1.80 4.69
CA HIS A 17 -4.72 0.43 4.67
C HIS A 17 -4.74 -0.11 6.09
N GLY A 18 -3.61 0.01 6.77
CA GLY A 18 -3.55 -0.43 8.16
C GLY A 18 -4.53 0.40 8.96
N MET A 19 -4.23 1.69 8.98
CA MET A 19 -5.07 2.69 9.63
C MET A 19 -4.27 3.95 9.81
N ILE A 20 -4.15 4.71 8.72
CA ILE A 20 -3.35 5.92 8.73
C ILE A 20 -1.94 5.45 9.01
N GLN A 21 -1.79 4.13 8.80
CA GLN A 21 -0.55 3.39 9.09
C GLN A 21 -0.70 2.93 10.51
N ASN A 22 -1.95 2.61 10.83
CA ASN A 22 -2.33 2.18 12.15
C ASN A 22 -1.66 3.04 13.21
N HIS A 23 -1.97 4.34 13.12
CA HIS A 23 -1.41 5.31 14.05
C HIS A 23 0.11 5.27 14.03
N HIS A 24 0.73 6.15 14.82
CA HIS A 24 2.19 6.19 14.88
C HIS A 24 2.79 6.28 13.48
N PHE A 1 0.67 4.17 -14.77
CA PHE A 1 -0.53 4.83 -15.27
C PHE A 1 -1.77 4.33 -14.55
N LEU A 2 -1.55 3.77 -13.35
CA LEU A 2 -2.66 3.25 -12.56
C LEU A 2 -2.18 2.96 -11.13
N GLY A 3 -2.00 4.02 -10.36
CA GLY A 3 -1.54 3.88 -8.98
C GLY A 3 -2.64 3.38 -8.06
N ALA A 4 -2.73 2.06 -7.93
CA ALA A 4 -3.75 1.45 -7.08
C ALA A 4 -3.42 -0.01 -6.81
N LEU A 5 -3.48 -0.82 -7.87
CA LEU A 5 -3.19 -2.25 -7.73
C LEU A 5 -1.69 -2.45 -7.52
N ILE A 6 -0.88 -1.62 -8.17
CA ILE A 6 0.58 -1.71 -8.05
C ILE A 6 1.09 -0.69 -7.07
N LYS A 7 2.31 -0.17 -7.28
CA LYS A 7 2.93 0.66 -6.24
C LYS A 7 2.86 -0.24 -5.02
N GLY A 8 2.83 -1.50 -5.43
CA GLY A 8 2.64 -2.66 -4.63
C GLY A 8 1.70 -2.41 -3.47
N ALA A 9 0.41 -2.41 -3.79
CA ALA A 9 -0.62 -2.17 -2.79
C ALA A 9 -0.42 -0.81 -2.14
N ILE A 10 -0.63 0.26 -2.92
CA ILE A 10 -0.47 1.62 -2.43
C ILE A 10 1.01 1.89 -2.09
N HIS A 11 1.50 1.23 -1.03
CA HIS A 11 2.90 1.40 -0.61
C HIS A 11 3.40 0.11 0.00
N GLY A 12 2.53 -0.90 0.05
CA GLY A 12 2.87 -2.21 0.61
C GLY A 12 1.82 -2.68 1.59
N GLY A 13 0.66 -2.03 1.59
CA GLY A 13 -0.41 -2.40 2.49
C GLY A 13 -0.02 -2.24 3.94
N ARG A 14 0.12 -0.99 4.37
CA ARG A 14 0.50 -0.70 5.75
C ARG A 14 0.33 0.79 6.03
N PHE A 15 0.72 1.61 5.06
CA PHE A 15 0.60 3.07 5.21
C PHE A 15 -0.81 3.44 5.59
N ILE A 16 -1.77 2.75 4.97
CA ILE A 16 -3.19 2.97 5.25
C ILE A 16 -3.89 1.62 5.15
N HIS A 17 -3.40 0.68 5.94
CA HIS A 17 -3.95 -0.67 5.98
C HIS A 17 -3.79 -1.21 7.39
N GLY A 18 -2.84 -0.64 8.13
CA GLY A 18 -2.63 -1.04 9.52
C GLY A 18 -3.94 -0.98 10.24
N MET A 19 -4.52 0.20 10.14
CA MET A 19 -5.80 0.50 10.74
C MET A 19 -6.17 1.89 10.39
N ILE A 20 -5.48 2.42 9.37
CA ILE A 20 -5.64 3.82 9.04
C ILE A 20 -5.22 4.57 10.30
N GLN A 21 -4.92 3.76 11.35
CA GLN A 21 -4.50 4.28 12.65
C GLN A 21 -3.33 3.47 13.24
N ASN A 22 -3.04 2.28 12.68
CA ASN A 22 -1.92 1.47 13.19
C ASN A 22 -0.74 1.61 12.23
N HIS A 23 -1.05 1.97 10.98
CA HIS A 23 -0.01 2.15 9.95
C HIS A 23 1.28 2.71 10.55
N HIS A 24 2.23 1.82 10.83
CA HIS A 24 3.50 2.25 11.40
C HIS A 24 3.29 3.03 12.69
N PHE A 1 0.36 -6.63 -13.35
CA PHE A 1 0.11 -5.43 -14.14
C PHE A 1 -1.37 -5.03 -14.07
N LEU A 2 -1.92 -5.02 -12.87
CA LEU A 2 -3.31 -4.66 -12.68
C LEU A 2 -3.57 -3.27 -13.24
N GLY A 3 -2.51 -2.49 -13.39
CA GLY A 3 -2.62 -1.14 -13.91
C GLY A 3 -3.08 -0.14 -12.85
N ALA A 4 -3.25 -0.63 -11.62
CA ALA A 4 -3.69 0.23 -10.53
C ALA A 4 -3.53 -0.48 -9.20
N LEU A 5 -3.51 0.31 -8.12
CA LEU A 5 -3.37 -0.25 -6.78
C LEU A 5 -2.12 -1.12 -6.70
N ILE A 6 -1.25 -1.00 -7.69
CA ILE A 6 -0.01 -1.78 -7.70
C ILE A 6 1.01 -1.17 -6.78
N LYS A 7 2.32 -1.37 -7.08
CA LYS A 7 3.34 -0.98 -6.10
C LYS A 7 2.87 -1.71 -4.85
N GLY A 8 2.17 -2.77 -5.22
CA GLY A 8 1.45 -3.66 -4.36
C GLY A 8 0.80 -2.93 -3.21
N ALA A 9 -0.42 -2.49 -3.43
CA ALA A 9 -1.17 -1.76 -2.42
C ALA A 9 -0.34 -0.62 -1.89
N ILE A 10 0.41 0.03 -2.81
CA ILE A 10 1.29 1.14 -2.46
C ILE A 10 1.94 0.90 -1.10
N HIS A 11 1.35 1.47 -0.06
CA HIS A 11 1.88 1.30 1.28
C HIS A 11 2.10 -0.18 1.59
N GLY A 12 1.65 -1.08 0.71
CA GLY A 12 1.85 -2.49 0.96
C GLY A 12 3.33 -2.82 1.01
N GLY A 13 4.15 -1.80 0.75
CA GLY A 13 5.59 -1.95 0.76
C GLY A 13 6.29 -0.62 0.79
N ARG A 14 5.55 0.47 0.54
CA ARG A 14 6.13 1.81 0.54
C ARG A 14 5.98 2.46 1.92
N PHE A 15 5.11 1.90 2.76
CA PHE A 15 4.90 2.46 4.10
C PHE A 15 6.24 2.78 4.77
N ILE A 16 7.14 1.79 4.83
CA ILE A 16 8.46 1.99 5.44
C ILE A 16 9.46 0.96 4.91
N HIS A 17 9.59 0.90 3.59
CA HIS A 17 10.52 -0.04 2.96
C HIS A 17 10.71 0.34 1.50
N GLY A 18 9.96 1.34 1.08
CA GLY A 18 10.02 1.85 -0.29
C GLY A 18 9.77 3.34 -0.29
N MET A 19 10.40 4.02 0.66
CA MET A 19 10.26 5.47 0.85
C MET A 19 11.16 5.90 1.98
N ILE A 20 10.96 5.29 3.15
CA ILE A 20 11.89 5.54 4.24
C ILE A 20 13.18 4.90 3.73
N GLN A 21 12.99 4.19 2.61
CA GLN A 21 14.02 3.53 1.87
C GLN A 21 14.01 4.07 0.43
N ASN A 22 12.85 4.63 -0.07
CA ASN A 22 12.84 5.16 -1.47
C ASN A 22 12.62 6.67 -1.48
N HIS A 23 12.92 7.33 -0.37
CA HIS A 23 12.76 8.78 -0.29
C HIS A 23 11.33 9.18 -0.69
N HIS A 24 11.01 10.46 -0.49
CA HIS A 24 9.69 10.96 -0.84
C HIS A 24 9.58 11.19 -2.34
N PHE A 1 2.79 -9.09 -5.51
CA PHE A 1 3.53 -7.83 -5.63
C PHE A 1 2.56 -6.68 -5.82
N LEU A 2 1.26 -6.97 -5.77
CA LEU A 2 0.24 -5.94 -5.94
C LEU A 2 -1.12 -6.45 -5.47
N GLY A 3 -2.16 -5.66 -5.73
CA GLY A 3 -3.51 -6.04 -5.34
C GLY A 3 -4.54 -5.08 -5.89
N ALA A 4 -4.44 -3.82 -5.52
CA ALA A 4 -5.37 -2.80 -5.99
C ALA A 4 -5.06 -2.41 -7.42
N LEU A 5 -3.80 -2.07 -7.68
CA LEU A 5 -3.37 -1.67 -9.02
C LEU A 5 -1.85 -1.74 -9.14
N ILE A 6 -1.17 -0.84 -8.44
CA ILE A 6 0.29 -0.81 -8.46
C ILE A 6 0.82 0.11 -7.38
N LYS A 7 1.96 0.76 -7.61
CA LYS A 7 2.61 1.47 -6.52
C LYS A 7 2.75 0.39 -5.46
N GLY A 8 2.79 -0.78 -6.07
CA GLY A 8 2.80 -2.08 -5.46
C GLY A 8 1.99 -2.10 -4.18
N ALA A 9 0.67 -2.17 -4.35
CA ALA A 9 -0.25 -2.22 -3.22
C ALA A 9 0.10 -1.13 -2.20
N ILE A 10 0.32 0.08 -2.68
CA ILE A 10 0.67 1.22 -1.83
C ILE A 10 1.58 0.80 -0.66
N HIS A 11 2.80 0.40 -1.00
CA HIS A 11 3.76 -0.02 0.02
C HIS A 11 3.15 -1.11 0.90
N GLY A 12 2.16 -1.80 0.36
CA GLY A 12 1.50 -2.86 1.11
C GLY A 12 0.98 -2.37 2.46
N GLY A 13 0.06 -1.41 2.42
CA GLY A 13 -0.50 -0.88 3.65
C GLY A 13 0.56 -0.25 4.53
N ARG A 14 1.07 0.90 4.10
CA ARG A 14 2.09 1.61 4.86
C ARG A 14 2.31 2.99 4.27
N PHE A 15 2.06 3.13 2.97
CA PHE A 15 2.24 4.42 2.30
C PHE A 15 1.56 5.52 3.10
N ILE A 16 0.33 5.28 3.53
CA ILE A 16 -0.42 6.27 4.32
C ILE A 16 -0.16 6.07 5.81
N HIS A 17 -0.81 5.07 6.41
CA HIS A 17 -0.63 4.81 7.84
C HIS A 17 -1.11 3.41 8.19
N GLY A 18 -0.81 2.44 7.33
CA GLY A 18 -1.22 1.06 7.57
C GLY A 18 -2.60 0.81 7.05
N MET A 19 -2.68 0.75 5.75
CA MET A 19 -3.94 0.49 5.07
C MET A 19 -5.11 1.17 5.69
N ILE A 20 -4.85 2.16 6.55
CA ILE A 20 -5.93 2.78 7.28
C ILE A 20 -6.63 1.64 8.04
N GLN A 21 -6.16 0.41 7.75
CA GLN A 21 -6.70 -0.80 8.36
C GLN A 21 -5.59 -1.74 8.85
N ASN A 22 -4.37 -1.63 8.30
CA ASN A 22 -3.28 -2.48 8.78
C ASN A 22 -2.69 -1.78 9.97
N HIS A 23 -2.67 -0.47 9.89
CA HIS A 23 -2.16 0.36 10.97
C HIS A 23 -0.70 0.02 11.25
N HIS A 24 0.06 1.02 11.70
CA HIS A 24 1.47 0.81 12.01
C HIS A 24 1.62 -0.14 13.19
N PHE A 1 -5.96 7.86 -8.83
CA PHE A 1 -5.97 7.47 -10.24
C PHE A 1 -4.86 6.46 -10.52
N LEU A 2 -4.68 5.51 -9.60
CA LEU A 2 -3.65 4.49 -9.77
C LEU A 2 -4.00 3.57 -10.93
N GLY A 3 -5.25 3.65 -11.38
CA GLY A 3 -5.71 2.82 -12.49
C GLY A 3 -5.83 1.36 -12.09
N ALA A 4 -5.33 1.02 -10.91
CA ALA A 4 -5.39 -0.35 -10.44
C ALA A 4 -5.02 -0.41 -8.95
N LEU A 5 -3.93 -1.09 -8.63
CA LEU A 5 -3.48 -1.22 -7.25
C LEU A 5 -2.02 -1.67 -7.20
N ILE A 6 -1.26 -1.28 -8.22
CA ILE A 6 0.15 -1.65 -8.27
C ILE A 6 0.98 -0.81 -7.33
N LYS A 7 2.25 -0.59 -7.65
CA LYS A 7 3.14 0.04 -6.67
C LYS A 7 2.99 -0.89 -5.47
N GLY A 8 2.64 -2.09 -5.92
CA GLY A 8 2.29 -3.22 -5.14
C GLY A 8 1.55 -2.83 -3.88
N ALA A 9 0.31 -2.39 -4.06
CA ALA A 9 -0.54 -1.96 -2.97
C ALA A 9 -0.05 -0.62 -2.45
N ILE A 10 -0.29 0.42 -3.24
CA ILE A 10 0.14 1.79 -2.90
C ILE A 10 1.52 1.77 -2.23
N HIS A 11 1.59 2.17 -0.96
CA HIS A 11 2.87 2.18 -0.25
C HIS A 11 3.11 0.82 0.41
N GLY A 12 2.70 -0.23 -0.27
CA GLY A 12 2.85 -1.57 0.26
C GLY A 12 2.07 -1.74 1.55
N GLY A 13 0.83 -1.29 1.54
CA GLY A 13 -0.01 -1.37 2.72
C GLY A 13 0.64 -0.67 3.89
N ARG A 14 0.97 0.61 3.70
CA ARG A 14 1.60 1.40 4.76
C ARG A 14 1.13 2.84 4.68
N PHE A 15 0.68 3.26 3.51
CA PHE A 15 0.20 4.62 3.33
C PHE A 15 -0.74 5.01 4.47
N ILE A 16 -1.33 3.99 5.11
CA ILE A 16 -2.25 4.20 6.23
C ILE A 16 -1.77 3.42 7.45
N HIS A 17 -2.10 2.13 7.54
CA HIS A 17 -1.65 1.33 8.69
C HIS A 17 -1.48 -0.13 8.29
N GLY A 18 -1.52 -0.41 7.00
CA GLY A 18 -1.36 -1.77 6.53
C GLY A 18 -2.46 -2.64 7.10
N MET A 19 -3.69 -2.19 6.88
CA MET A 19 -4.87 -2.88 7.39
C MET A 19 -6.09 -2.20 6.86
N ILE A 20 -6.06 -0.87 6.84
CA ILE A 20 -7.14 -0.17 6.17
C ILE A 20 -6.92 -0.55 4.71
N GLN A 21 -5.73 -1.16 4.52
CA GLN A 21 -5.26 -1.70 3.28
C GLN A 21 -5.00 -3.20 3.44
N ASN A 22 -4.65 -3.73 4.67
CA ASN A 22 -4.42 -5.21 4.79
C ASN A 22 -5.56 -5.89 5.54
N HIS A 23 -6.67 -5.19 5.67
CA HIS A 23 -7.85 -5.73 6.37
C HIS A 23 -7.44 -6.50 7.63
N HIS A 24 -8.38 -7.28 8.15
CA HIS A 24 -8.11 -8.07 9.35
C HIS A 24 -7.01 -9.09 9.09
N PHE A 1 6.16 6.24 -13.51
CA PHE A 1 5.45 6.06 -12.24
C PHE A 1 3.99 5.66 -12.49
N LEU A 2 3.62 4.46 -12.06
CA LEU A 2 2.26 3.98 -12.25
C LEU A 2 1.30 4.74 -11.34
N GLY A 3 0.17 4.11 -11.03
CA GLY A 3 -0.82 4.73 -10.17
C GLY A 3 -2.03 3.83 -9.96
N ALA A 4 -2.07 2.72 -10.70
CA ALA A 4 -3.18 1.79 -10.59
C ALA A 4 -3.13 1.06 -9.25
N LEU A 5 -3.96 0.04 -9.10
CA LEU A 5 -4.01 -0.73 -7.86
C LEU A 5 -2.82 -1.69 -7.78
N ILE A 6 -1.62 -1.13 -7.73
CA ILE A 6 -0.40 -1.94 -7.65
C ILE A 6 0.68 -1.20 -6.89
N LYS A 7 1.95 -1.41 -7.26
CA LYS A 7 3.03 -0.89 -6.41
C LYS A 7 2.69 -1.47 -5.05
N GLY A 8 2.00 -2.58 -5.24
CA GLY A 8 1.38 -3.38 -4.23
C GLY A 8 0.86 -2.55 -3.07
N ALA A 9 -0.40 -2.14 -3.20
CA ALA A 9 -1.07 -1.33 -2.18
C ALA A 9 -0.12 -0.32 -1.58
N ILE A 10 0.62 0.40 -2.46
CA ILE A 10 1.59 1.41 -2.04
C ILE A 10 2.27 1.00 -0.73
N HIS A 11 1.72 1.47 0.39
CA HIS A 11 2.28 1.14 1.69
C HIS A 11 2.43 -0.37 1.84
N GLY A 12 1.91 -1.14 0.87
CA GLY A 12 2.02 -2.59 0.94
C GLY A 12 3.47 -3.01 0.83
N GLY A 13 4.36 -2.02 0.69
CA GLY A 13 5.78 -2.29 0.58
C GLY A 13 6.60 -1.05 0.89
N ARG A 14 5.97 0.12 0.71
CA ARG A 14 6.65 1.39 0.99
C ARG A 14 6.71 1.64 2.49
N PHE A 15 5.70 1.14 3.21
CA PHE A 15 5.63 1.30 4.66
C PHE A 15 7.00 1.13 5.31
N ILE A 16 7.58 -0.06 5.16
CA ILE A 16 8.89 -0.34 5.74
C ILE A 16 9.95 0.60 5.14
N HIS A 17 10.44 0.26 3.95
CA HIS A 17 11.45 1.09 3.31
C HIS A 17 11.68 0.63 1.87
N GLY A 18 10.58 0.42 1.15
CA GLY A 18 10.61 -0.04 -0.24
C GLY A 18 9.97 -1.41 -0.32
N MET A 19 10.27 -2.21 0.69
CA MET A 19 9.75 -3.58 0.87
C MET A 19 10.82 -4.45 1.50
N ILE A 20 10.82 -4.45 2.84
CA ILE A 20 11.84 -5.18 3.59
C ILE A 20 13.16 -4.56 3.19
N GLN A 21 13.02 -3.32 2.70
CA GLN A 21 14.14 -2.55 2.17
C GLN A 21 14.23 -2.92 0.70
N ASN A 22 13.05 -3.21 0.15
CA ASN A 22 12.92 -3.65 -1.22
C ASN A 22 13.95 -4.69 -1.53
N HIS A 23 13.84 -5.78 -0.78
CA HIS A 23 14.76 -6.92 -0.94
C HIS A 23 14.76 -7.41 -2.39
N HIS A 24 15.77 -8.19 -2.73
CA HIS A 24 15.88 -8.73 -4.09
C HIS A 24 14.63 -9.54 -4.44
N PHE A 1 0.76 2.78 -16.48
CA PHE A 1 0.22 4.12 -16.27
C PHE A 1 -0.48 4.22 -14.92
N LEU A 2 -0.97 3.09 -14.44
CA LEU A 2 -1.66 3.06 -13.14
C LEU A 2 -0.66 3.24 -12.00
N GLY A 3 -1.07 2.85 -10.79
CA GLY A 3 -0.21 2.98 -9.63
C GLY A 3 -0.95 2.67 -8.35
N ALA A 4 -2.27 2.89 -8.37
CA ALA A 4 -3.09 2.63 -7.19
C ALA A 4 -3.03 1.16 -6.81
N LEU A 5 -3.33 0.29 -7.77
CA LEU A 5 -3.30 -1.15 -7.51
C LEU A 5 -1.87 -1.64 -7.40
N ILE A 6 -0.95 -0.99 -8.13
CA ILE A 6 0.46 -1.36 -8.11
C ILE A 6 1.18 -0.65 -6.99
N LYS A 7 2.47 -0.35 -7.19
CA LYS A 7 3.28 0.12 -6.07
C LYS A 7 3.08 -0.96 -5.02
N GLY A 8 2.72 -2.06 -5.65
CA GLY A 8 2.35 -3.31 -5.07
C GLY A 8 1.40 -3.14 -3.91
N ALA A 9 0.21 -2.64 -4.21
CA ALA A 9 -0.81 -2.42 -3.21
C ALA A 9 -0.42 -1.28 -2.30
N ILE A 10 -0.54 -0.06 -2.82
CA ILE A 10 -0.19 1.14 -2.06
C ILE A 10 1.32 1.13 -1.85
N HIS A 11 1.76 1.29 -0.60
CA HIS A 11 3.17 1.23 -0.28
C HIS A 11 3.45 -0.22 0.04
N GLY A 12 2.47 -1.07 -0.30
CA GLY A 12 2.59 -2.49 -0.05
C GLY A 12 2.57 -2.81 1.43
N GLY A 13 1.44 -2.58 2.08
CA GLY A 13 1.29 -2.87 3.49
C GLY A 13 2.07 -1.91 4.36
N ARG A 14 3.02 -1.20 3.76
CA ARG A 14 3.84 -0.25 4.52
C ARG A 14 2.99 0.96 4.93
N PHE A 15 1.71 0.94 4.55
CA PHE A 15 0.81 2.03 4.89
C PHE A 15 0.77 2.22 6.41
N ILE A 16 1.24 1.20 7.14
CA ILE A 16 1.28 1.25 8.61
C ILE A 16 2.53 0.51 9.10
N HIS A 17 2.48 -0.83 9.14
CA HIS A 17 3.66 -1.61 9.55
C HIS A 17 3.57 -3.03 8.98
N GLY A 18 2.81 -3.16 7.90
CA GLY A 18 2.60 -4.43 7.23
C GLY A 18 1.14 -4.55 6.85
N MET A 19 0.32 -4.33 7.86
CA MET A 19 -1.13 -4.34 7.72
C MET A 19 -1.74 -4.30 9.10
N ILE A 20 -1.86 -3.08 9.64
CA ILE A 20 -2.36 -2.92 11.00
C ILE A 20 -1.35 -3.64 11.87
N GLN A 21 -0.19 -3.83 11.26
CA GLN A 21 0.94 -4.56 11.85
C GLN A 21 0.81 -5.99 11.36
N ASN A 22 0.27 -6.09 10.15
CA ASN A 22 0.03 -7.37 9.52
C ASN A 22 -0.64 -8.31 10.50
N HIS A 23 -1.72 -7.80 11.09
CA HIS A 23 -2.48 -8.57 12.08
C HIS A 23 -2.89 -9.93 11.50
N HIS A 24 -2.52 -10.99 12.19
CA HIS A 24 -2.85 -12.34 11.74
C HIS A 24 -2.43 -12.53 10.29
N PHE A 1 -3.02 -11.94 -9.38
CA PHE A 1 -4.01 -10.96 -9.81
C PHE A 1 -3.53 -9.55 -9.53
N LEU A 2 -3.45 -9.20 -8.24
CA LEU A 2 -3.01 -7.87 -7.84
C LEU A 2 -3.78 -6.80 -8.61
N GLY A 3 -5.11 -6.93 -8.61
CA GLY A 3 -5.96 -5.98 -9.29
C GLY A 3 -5.81 -4.58 -8.73
N ALA A 4 -5.11 -4.47 -7.61
CA ALA A 4 -4.91 -3.17 -6.98
C ALA A 4 -4.07 -2.26 -7.88
N LEU A 5 -3.83 -1.04 -7.42
CA LEU A 5 -3.04 -0.07 -8.19
C LEU A 5 -1.56 -0.38 -8.06
N ILE A 6 -1.24 -1.66 -7.84
CA ILE A 6 0.16 -2.10 -7.70
C ILE A 6 0.97 -1.10 -6.90
N LYS A 7 2.25 -0.91 -7.27
CA LYS A 7 3.13 -0.12 -6.41
C LYS A 7 2.99 -0.82 -5.07
N GLY A 8 2.65 -2.09 -5.30
CA GLY A 8 2.31 -3.07 -4.33
C GLY A 8 1.58 -2.47 -3.15
N ALA A 9 0.25 -2.61 -3.19
CA ALA A 9 -0.61 -2.08 -2.14
C ALA A 9 -0.18 -0.69 -1.73
N ILE A 10 0.02 0.18 -2.73
CA ILE A 10 0.46 1.56 -2.51
C ILE A 10 1.47 1.62 -1.35
N HIS A 11 0.98 1.94 -0.16
CA HIS A 11 1.85 2.03 1.00
C HIS A 11 2.76 0.80 1.10
N GLY A 12 2.46 -0.24 0.32
CA GLY A 12 3.29 -1.44 0.35
C GLY A 12 4.50 -1.28 -0.54
N GLY A 13 4.77 -0.03 -0.91
CA GLY A 13 5.90 0.29 -1.76
C GLY A 13 6.16 1.79 -1.78
N ARG A 14 5.21 2.55 -1.25
CA ARG A 14 5.33 4.02 -1.19
C ARG A 14 5.79 4.47 0.20
N PHE A 15 5.01 4.11 1.23
CA PHE A 15 5.33 4.48 2.59
C PHE A 15 6.72 3.97 2.99
N ILE A 16 7.69 4.88 3.03
CA ILE A 16 9.08 4.55 3.38
C ILE A 16 9.45 3.14 2.92
N HIS A 17 9.29 2.92 1.61
CA HIS A 17 9.60 1.63 1.00
C HIS A 17 10.10 1.86 -0.41
N GLY A 18 9.60 2.93 -1.03
CA GLY A 18 10.03 3.29 -2.37
C GLY A 18 11.52 3.23 -2.47
N MET A 19 12.16 3.60 -1.37
CA MET A 19 13.62 3.62 -1.22
C MET A 19 13.98 4.67 -0.24
N ILE A 20 12.98 5.10 0.56
CA ILE A 20 13.20 6.21 1.46
C ILE A 20 13.57 7.39 0.56
N GLN A 21 13.76 7.05 -0.75
CA GLN A 21 14.11 8.04 -1.78
C GLN A 21 12.92 8.25 -2.72
N ASN A 22 12.22 7.17 -3.07
CA ASN A 22 11.05 7.28 -3.94
C ASN A 22 9.82 7.48 -3.07
N HIS A 23 9.91 7.01 -1.82
CA HIS A 23 8.81 7.16 -0.88
C HIS A 23 8.33 8.62 -0.87
N HIS A 24 9.28 9.55 -0.91
CA HIS A 24 8.95 10.97 -0.90
C HIS A 24 7.92 11.29 0.18
N PHE A 1 -11.28 1.51 -5.25
CA PHE A 1 -11.32 2.80 -5.94
C PHE A 1 -9.90 3.33 -6.12
N LEU A 2 -8.91 2.49 -5.83
CA LEU A 2 -7.51 2.89 -5.98
C LEU A 2 -7.09 2.88 -7.45
N GLY A 3 -8.05 3.10 -8.33
CA GLY A 3 -7.77 3.10 -9.76
C GLY A 3 -7.10 1.82 -10.20
N ALA A 4 -5.77 1.82 -10.22
CA ALA A 4 -5.00 0.64 -10.63
C ALA A 4 -4.96 -0.37 -9.49
N LEU A 5 -3.81 -1.01 -9.31
CA LEU A 5 -3.65 -2.00 -8.26
C LEU A 5 -2.17 -2.30 -8.03
N ILE A 6 -1.36 -1.25 -7.93
CA ILE A 6 0.08 -1.40 -7.72
C ILE A 6 0.59 -0.37 -6.75
N LYS A 7 1.78 0.19 -7.02
CA LYS A 7 2.42 1.03 -6.00
C LYS A 7 2.44 0.10 -4.79
N GLY A 8 2.45 -1.15 -5.22
CA GLY A 8 2.35 -2.33 -4.43
C GLY A 8 1.50 -2.13 -3.19
N ALA A 9 0.20 -2.27 -3.37
CA ALA A 9 -0.75 -2.11 -2.28
C ALA A 9 -0.50 -0.77 -1.59
N ILE A 10 -0.82 0.31 -2.29
CA ILE A 10 -0.63 1.67 -1.76
C ILE A 10 0.87 1.97 -1.62
N HIS A 11 1.54 1.27 -0.70
CA HIS A 11 2.96 1.45 -0.47
C HIS A 11 3.57 0.14 0.01
N GLY A 12 2.70 -0.86 0.17
CA GLY A 12 3.12 -2.19 0.63
C GLY A 12 2.49 -2.54 1.95
N GLY A 13 1.36 -1.90 2.26
CA GLY A 13 0.66 -2.15 3.51
C GLY A 13 1.49 -1.72 4.70
N ARG A 14 1.73 -0.41 4.82
CA ARG A 14 2.51 0.11 5.94
C ARG A 14 2.34 1.62 6.04
N PHE A 15 1.59 2.20 5.10
CA PHE A 15 1.33 3.64 5.11
C PHE A 15 0.08 3.92 5.95
N ILE A 16 -0.86 3.00 5.86
CA ILE A 16 -2.11 3.08 6.60
C ILE A 16 -2.71 1.68 6.72
N HIS A 17 -2.00 0.81 7.43
CA HIS A 17 -2.44 -0.57 7.62
C HIS A 17 -1.93 -1.11 8.94
N GLY A 18 -0.82 -0.54 9.43
CA GLY A 18 -0.28 -0.97 10.70
C GLY A 18 -1.35 -0.92 11.75
N MET A 19 -1.96 0.25 11.81
CA MET A 19 -3.04 0.53 12.74
C MET A 19 -3.50 1.93 12.52
N ILE A 20 -3.14 2.48 11.37
CA ILE A 20 -3.42 3.87 11.13
C ILE A 20 -2.62 4.61 12.20
N GLN A 21 -2.03 3.80 13.12
CA GLN A 21 -1.24 4.33 14.23
C GLN A 21 0.12 3.62 14.32
N ASN A 22 0.25 2.43 13.70
CA ASN A 22 1.51 1.68 13.73
C ASN A 22 2.15 1.76 12.36
N HIS A 23 1.36 2.19 11.38
CA HIS A 23 1.83 2.33 10.00
C HIS A 23 3.25 2.89 9.96
N HIS A 24 4.21 2.02 9.65
CA HIS A 24 5.61 2.42 9.58
C HIS A 24 6.05 3.05 10.90
N PHE A 1 -8.92 4.34 -13.56
CA PHE A 1 -7.99 3.42 -14.21
C PHE A 1 -6.92 2.96 -13.22
N LEU A 2 -7.08 1.75 -12.71
CA LEU A 2 -6.12 1.19 -11.75
C LEU A 2 -5.97 2.13 -10.55
N GLY A 3 -6.74 1.83 -9.49
CA GLY A 3 -6.69 2.65 -8.29
C GLY A 3 -5.45 2.35 -7.45
N ALA A 4 -4.28 2.61 -8.04
CA ALA A 4 -3.02 2.36 -7.34
C ALA A 4 -2.95 0.92 -6.87
N LEU A 5 -3.25 -0.01 -7.76
CA LEU A 5 -3.21 -1.43 -7.42
C LEU A 5 -1.76 -1.89 -7.23
N ILE A 6 -0.85 -1.34 -8.04
CA ILE A 6 0.56 -1.69 -7.95
C ILE A 6 1.26 -0.82 -6.93
N LYS A 7 2.53 -0.47 -7.17
CA LYS A 7 3.30 0.20 -6.12
C LYS A 7 3.13 -0.74 -4.94
N GLY A 8 2.89 -1.96 -5.41
CA GLY A 8 2.55 -3.11 -4.65
C GLY A 8 1.68 -2.77 -3.46
N ALA A 9 0.39 -2.64 -3.70
CA ALA A 9 -0.56 -2.30 -2.66
C ALA A 9 -0.20 -0.96 -2.03
N ILE A 10 -0.23 0.10 -2.84
CA ILE A 10 0.10 1.45 -2.38
C ILE A 10 1.60 1.53 -2.04
N HIS A 11 2.02 0.79 -1.01
CA HIS A 11 3.42 0.78 -0.59
C HIS A 11 3.77 -0.59 -0.03
N GLY A 12 2.76 -1.46 0.04
CA GLY A 12 2.94 -2.81 0.55
C GLY A 12 1.79 -3.21 1.46
N GLY A 13 0.72 -2.43 1.42
CA GLY A 13 -0.45 -2.70 2.23
C GLY A 13 -0.14 -2.56 3.71
N ARG A 14 0.12 -1.33 4.14
CA ARG A 14 0.44 -1.08 5.54
C ARG A 14 0.31 0.42 5.86
N PHE A 15 0.88 1.25 4.99
CA PHE A 15 0.83 2.70 5.20
C PHE A 15 -0.61 3.15 5.45
N ILE A 16 -1.55 2.57 4.71
CA ILE A 16 -2.97 2.91 4.88
C ILE A 16 -3.86 1.76 4.40
N HIS A 17 -3.70 0.61 5.03
CA HIS A 17 -4.47 -0.57 4.69
C HIS A 17 -4.32 -1.61 5.79
N GLY A 18 -3.34 -1.37 6.66
CA GLY A 18 -3.05 -2.24 7.77
C GLY A 18 -2.55 -1.43 8.95
N MET A 19 -3.33 -0.39 9.28
CA MET A 19 -3.01 0.54 10.38
C MET A 19 -4.13 1.53 10.50
N ILE A 20 -4.39 2.27 9.42
CA ILE A 20 -5.56 3.13 9.42
C ILE A 20 -6.72 2.14 9.45
N GLN A 21 -6.31 0.87 9.29
CA GLN A 21 -7.15 -0.28 9.33
C GLN A 21 -6.64 -1.20 10.45
N ASN A 22 -5.31 -1.13 10.82
CA ASN A 22 -4.79 -2.01 11.90
C ASN A 22 -4.34 -1.21 13.11
N HIS A 23 -4.89 0.00 13.27
CA HIS A 23 -4.53 0.86 14.40
C HIS A 23 -5.60 1.91 14.63
N HIS A 24 -5.27 3.17 14.37
CA HIS A 24 -6.22 4.27 14.55
C HIS A 24 -5.69 5.55 13.93
N PHE A 1 1.27 6.11 -14.19
CA PHE A 1 -0.05 6.09 -13.57
C PHE A 1 -0.43 4.67 -13.16
N LEU A 2 -1.05 4.54 -11.99
CA LEU A 2 -1.46 3.24 -11.49
C LEU A 2 -2.55 2.64 -12.38
N GLY A 3 -3.77 3.12 -12.21
CA GLY A 3 -4.89 2.62 -13.00
C GLY A 3 -5.04 1.12 -12.89
N ALA A 4 -4.59 0.56 -11.77
CA ALA A 4 -4.68 -0.87 -11.55
C ALA A 4 -4.33 -1.22 -10.10
N LEU A 5 -4.19 -0.19 -9.27
CA LEU A 5 -3.86 -0.40 -7.86
C LEU A 5 -2.68 -1.36 -7.73
N ILE A 6 -1.47 -0.80 -7.64
CA ILE A 6 -0.27 -1.62 -7.51
C ILE A 6 0.77 -0.90 -6.68
N LYS A 7 2.06 -1.06 -7.02
CA LYS A 7 3.10 -0.56 -6.12
C LYS A 7 2.74 -1.21 -4.80
N GLY A 8 2.07 -2.32 -5.06
CA GLY A 8 1.43 -3.17 -4.11
C GLY A 8 0.88 -2.41 -2.92
N ALA A 9 -0.35 -1.93 -3.09
CA ALA A 9 -1.02 -1.15 -2.06
C ALA A 9 -0.07 -0.15 -1.45
N ILE A 10 0.70 0.53 -2.32
CA ILE A 10 1.70 1.52 -1.91
C ILE A 10 2.35 1.11 -0.59
N HIS A 11 1.84 1.62 0.52
CA HIS A 11 2.40 1.27 1.82
C HIS A 11 2.45 -0.24 2.00
N GLY A 12 1.90 -0.99 1.05
CA GLY A 12 1.94 -2.44 1.16
C GLY A 12 3.37 -2.94 1.09
N GLY A 13 4.29 -1.99 0.92
CA GLY A 13 5.71 -2.30 0.84
C GLY A 13 6.56 -1.08 1.11
N ARG A 14 6.04 0.09 0.77
CA ARG A 14 6.78 1.33 0.99
C ARG A 14 6.80 1.68 2.48
N PHE A 15 5.81 1.17 3.22
CA PHE A 15 5.74 1.43 4.66
C PHE A 15 7.12 1.30 5.31
N ILE A 16 7.70 0.11 5.22
CA ILE A 16 9.02 -0.12 5.79
C ILE A 16 10.07 0.63 4.97
N HIS A 17 10.62 0.01 3.93
CA HIS A 17 11.61 0.67 3.09
C HIS A 17 11.45 0.21 1.64
N GLY A 18 10.44 -0.62 1.42
CA GLY A 18 10.15 -1.16 0.10
C GLY A 18 9.49 -2.50 0.22
N MET A 19 10.11 -3.36 1.02
CA MET A 19 9.63 -4.71 1.26
C MET A 19 10.71 -5.48 1.93
N ILE A 20 11.69 -4.77 2.48
CA ILE A 20 12.84 -5.44 3.03
C ILE A 20 13.51 -6.10 1.82
N GLN A 21 12.75 -6.10 0.70
CA GLN A 21 13.23 -6.67 -0.57
C GLN A 21 13.63 -5.54 -1.51
N ASN A 22 12.81 -4.49 -1.54
CA ASN A 22 13.11 -3.34 -2.38
C ASN A 22 13.94 -2.35 -1.56
N HIS A 23 13.90 -2.52 -0.23
CA HIS A 23 14.68 -1.67 0.68
C HIS A 23 16.07 -1.38 0.11
N HIS A 24 16.23 -0.20 -0.48
CA HIS A 24 17.51 0.19 -1.06
C HIS A 24 18.05 -0.92 -1.97
N PHE A 1 -4.43 -8.53 -1.42
CA PHE A 1 -5.38 -9.20 -2.30
C PHE A 1 -5.60 -8.39 -3.57
N LEU A 2 -5.10 -7.16 -3.58
CA LEU A 2 -5.24 -6.29 -4.74
C LEU A 2 -4.30 -6.73 -5.85
N GLY A 3 -4.60 -6.31 -7.08
CA GLY A 3 -3.77 -6.66 -8.23
C GLY A 3 -4.12 -5.84 -9.45
N ALA A 4 -3.88 -4.53 -9.36
CA ALA A 4 -4.17 -3.64 -10.47
C ALA A 4 -3.55 -2.27 -10.24
N LEU A 5 -3.70 -1.76 -9.02
CA LEU A 5 -3.16 -0.46 -8.67
C LEU A 5 -1.64 -0.53 -8.52
N ILE A 6 -1.16 -1.63 -7.95
CA ILE A 6 0.28 -1.81 -7.77
C ILE A 6 0.84 -0.71 -6.90
N LYS A 7 2.05 -0.22 -7.23
CA LYS A 7 2.72 0.70 -6.31
C LYS A 7 2.71 -0.09 -5.00
N GLY A 8 2.66 -1.37 -5.29
CA GLY A 8 2.51 -2.45 -4.38
C GLY A 8 1.67 -2.08 -3.17
N ALA A 9 0.36 -2.18 -3.35
CA ALA A 9 -0.59 -1.87 -2.30
C ALA A 9 -0.35 -0.45 -1.77
N ILE A 10 -0.23 0.50 -2.69
CA ILE A 10 0.01 1.90 -2.35
C ILE A 10 1.45 2.10 -1.87
N HIS A 11 1.96 1.12 -1.12
CA HIS A 11 3.32 1.19 -0.60
C HIS A 11 3.71 -0.13 0.05
N GLY A 12 2.70 -0.96 0.31
CA GLY A 12 2.92 -2.26 0.93
C GLY A 12 1.79 -2.61 1.89
N GLY A 13 0.73 -1.81 1.85
CA GLY A 13 -0.42 -2.03 2.71
C GLY A 13 -0.15 -1.56 4.12
N ARG A 14 -0.12 -0.24 4.31
CA ARG A 14 0.11 0.33 5.63
C ARG A 14 -0.21 1.81 5.61
N PHE A 15 0.08 2.48 4.50
CA PHE A 15 -0.19 3.90 4.36
C PHE A 15 -1.66 4.11 4.03
N ILE A 16 -2.48 4.26 5.06
CA ILE A 16 -3.91 4.44 4.86
C ILE A 16 -4.44 3.30 3.98
N HIS A 17 -4.18 2.08 4.44
CA HIS A 17 -4.60 0.87 3.75
C HIS A 17 -5.27 -0.05 4.74
N GLY A 18 -4.49 -0.52 5.72
CA GLY A 18 -5.06 -1.35 6.77
C GLY A 18 -6.20 -0.58 7.39
N MET A 19 -5.85 0.61 7.87
CA MET A 19 -6.81 1.55 8.43
C MET A 19 -6.08 2.70 9.07
N ILE A 20 -5.68 3.67 8.24
CA ILE A 20 -4.91 4.80 8.74
C ILE A 20 -3.64 4.19 9.28
N GLN A 21 -3.42 2.97 8.82
CA GLN A 21 -2.29 2.12 9.22
C GLN A 21 -2.82 1.23 10.33
N ASN A 22 -4.10 0.91 10.19
CA ASN A 22 -4.80 0.10 11.18
C ASN A 22 -4.46 0.59 12.57
N HIS A 23 -4.56 1.90 12.73
CA HIS A 23 -4.27 2.54 14.00
C HIS A 23 -5.41 2.32 15.00
N HIS A 24 -6.52 2.99 14.77
CA HIS A 24 -7.68 2.85 15.66
C HIS A 24 -8.92 3.47 15.00
N PHE A 1 -8.33 3.82 -14.24
CA PHE A 1 -6.97 3.39 -14.61
C PHE A 1 -6.29 2.72 -13.43
N LEU A 2 -5.22 2.00 -13.71
CA LEU A 2 -4.47 1.31 -12.66
C LEU A 2 -3.70 2.32 -11.82
N GLY A 3 -3.47 1.97 -10.55
CA GLY A 3 -2.75 2.85 -9.65
C GLY A 3 -2.70 2.31 -8.24
N ALA A 4 -3.87 1.99 -7.69
CA ALA A 4 -3.95 1.45 -6.33
C ALA A 4 -3.47 0.00 -6.30
N LEU A 5 -3.65 -0.71 -7.41
CA LEU A 5 -3.23 -2.11 -7.49
C LEU A 5 -1.72 -2.21 -7.32
N ILE A 6 -0.98 -1.40 -8.10
CA ILE A 6 0.48 -1.41 -8.03
C ILE A 6 0.96 -0.36 -7.06
N LYS A 7 2.15 0.23 -7.27
CA LYS A 7 2.72 1.08 -6.22
C LYS A 7 2.73 0.14 -5.02
N GLY A 8 2.79 -1.11 -5.47
CA GLY A 8 2.68 -2.30 -4.68
C GLY A 8 1.76 -2.13 -3.50
N ALA A 9 0.47 -2.27 -3.77
CA ALA A 9 -0.55 -2.13 -2.74
C ALA A 9 -0.45 -0.76 -2.08
N ILE A 10 -0.45 0.28 -2.92
CA ILE A 10 -0.35 1.67 -2.44
C ILE A 10 1.07 1.95 -1.93
N HIS A 11 1.68 0.97 -1.27
CA HIS A 11 3.02 1.11 -0.75
C HIS A 11 3.52 -0.22 -0.19
N GLY A 12 2.58 -1.14 0.03
CA GLY A 12 2.92 -2.46 0.56
C GLY A 12 1.82 -2.99 1.45
N GLY A 13 0.61 -2.46 1.29
CA GLY A 13 -0.53 -2.88 2.09
C GLY A 13 -0.27 -2.66 3.57
N ARG A 14 -0.22 -1.39 3.96
CA ARG A 14 0.02 -1.05 5.36
C ARG A 14 -0.24 0.44 5.58
N PHE A 15 0.09 1.24 4.57
CA PHE A 15 -0.13 2.68 4.66
C PHE A 15 -1.61 2.99 4.78
N ILE A 16 -2.45 2.06 4.31
CA ILE A 16 -3.90 2.24 4.37
C ILE A 16 -4.41 1.96 5.78
N HIS A 17 -4.59 0.68 6.12
CA HIS A 17 -5.06 0.32 7.46
C HIS A 17 -4.75 -1.14 7.77
N GLY A 18 -3.60 -1.61 7.27
CA GLY A 18 -3.16 -2.99 7.47
C GLY A 18 -2.89 -3.62 6.12
N MET A 19 -3.82 -3.36 5.21
CA MET A 19 -3.74 -3.84 3.83
C MET A 19 -5.14 -3.81 3.22
N ILE A 20 -5.48 -2.64 2.68
CA ILE A 20 -6.82 -2.43 2.14
C ILE A 20 -7.76 -2.64 3.31
N GLN A 21 -7.14 -2.48 4.49
CA GLN A 21 -7.83 -2.70 5.77
C GLN A 21 -7.63 -4.17 6.07
N ASN A 22 -6.45 -4.64 5.66
CA ASN A 22 -6.07 -6.03 5.80
C ASN A 22 -7.24 -6.93 5.44
N HIS A 23 -7.69 -6.76 4.20
CA HIS A 23 -8.81 -7.54 3.67
C HIS A 23 -8.53 -9.03 3.79
N HIS A 24 -7.65 -9.53 2.93
CA HIS A 24 -7.31 -10.95 2.94
C HIS A 24 -6.08 -11.21 2.07
N PHE A 1 -9.95 6.46 -8.37
CA PHE A 1 -9.60 5.14 -8.87
C PHE A 1 -8.19 5.15 -9.48
N LEU A 2 -7.31 4.34 -8.90
CA LEU A 2 -5.92 4.26 -9.39
C LEU A 2 -5.86 3.47 -10.69
N GLY A 3 -4.78 3.68 -11.45
CA GLY A 3 -4.61 2.98 -12.71
C GLY A 3 -4.65 1.47 -12.53
N ALA A 4 -4.08 1.00 -11.43
CA ALA A 4 -4.05 -0.42 -11.14
C ALA A 4 -3.58 -0.67 -9.71
N LEU A 5 -3.94 -1.83 -9.17
CA LEU A 5 -3.55 -2.18 -7.81
C LEU A 5 -2.05 -2.50 -7.76
N ILE A 6 -1.23 -1.46 -7.60
CA ILE A 6 0.22 -1.64 -7.54
C ILE A 6 0.84 -0.60 -6.63
N LYS A 7 2.07 -0.16 -6.95
CA LYS A 7 2.79 0.68 -5.98
C LYS A 7 2.76 -0.18 -4.73
N GLY A 8 2.65 -1.45 -5.09
CA GLY A 8 2.47 -2.57 -4.23
C GLY A 8 1.64 -2.23 -3.01
N ALA A 9 0.33 -2.16 -3.23
CA ALA A 9 -0.60 -1.84 -2.17
C ALA A 9 -0.20 -0.51 -1.52
N ILE A 10 -0.29 0.57 -2.29
CA ILE A 10 0.07 1.91 -1.82
C ILE A 10 1.59 1.98 -1.57
N HIS A 11 2.07 1.21 -0.60
CA HIS A 11 3.49 1.19 -0.27
C HIS A 11 3.84 -0.13 0.41
N GLY A 12 2.82 -1.00 0.52
CA GLY A 12 2.99 -2.30 1.16
C GLY A 12 1.78 -2.67 2.01
N GLY A 13 0.92 -1.69 2.22
CA GLY A 13 -0.29 -1.89 3.01
C GLY A 13 -1.08 -0.62 3.13
N ARG A 14 -0.63 0.27 4.02
CA ARG A 14 -1.28 1.55 4.24
C ARG A 14 -0.29 2.54 4.80
N PHE A 15 0.42 3.25 3.91
CA PHE A 15 1.43 4.22 4.33
C PHE A 15 2.44 3.47 5.20
N ILE A 16 2.10 3.28 6.46
CA ILE A 16 2.98 2.52 7.33
C ILE A 16 3.02 1.09 6.80
N HIS A 17 1.92 0.34 7.00
CA HIS A 17 1.86 -1.02 6.48
C HIS A 17 0.49 -1.67 6.67
N GLY A 18 -0.60 -1.08 6.14
CA GLY A 18 -1.93 -1.68 6.29
C GLY A 18 -2.78 -0.83 7.22
N MET A 19 -2.09 -0.25 8.20
CA MET A 19 -2.67 0.65 9.20
C MET A 19 -2.11 0.34 10.58
N ILE A 20 -0.98 0.98 10.89
CA ILE A 20 -0.31 0.73 12.16
C ILE A 20 0.08 -0.72 12.13
N GLN A 21 0.12 -1.23 10.89
CA GLN A 21 0.40 -2.64 10.63
C GLN A 21 -0.95 -3.31 10.67
N ASN A 22 -1.95 -2.53 10.24
CA ASN A 22 -3.34 -2.95 10.24
C ASN A 22 -3.67 -3.62 11.56
N HIS A 23 -3.56 -2.82 12.61
CA HIS A 23 -3.85 -3.29 13.95
C HIS A 23 -5.34 -3.55 14.12
N HIS A 24 -5.67 -4.79 14.47
CA HIS A 24 -7.08 -5.17 14.66
C HIS A 24 -7.74 -4.25 15.69
N PHE A 1 -4.71 -7.00 -12.59
CA PHE A 1 -4.53 -6.00 -11.55
C PHE A 1 -4.32 -6.68 -10.19
N LEU A 2 -3.31 -6.22 -9.46
CA LEU A 2 -3.02 -6.78 -8.14
C LEU A 2 -3.99 -6.24 -7.10
N GLY A 3 -5.29 -6.45 -7.33
CA GLY A 3 -6.30 -5.98 -6.41
C GLY A 3 -6.09 -4.52 -6.04
N ALA A 4 -5.38 -3.80 -6.89
CA ALA A 4 -5.11 -2.39 -6.65
C ALA A 4 -4.49 -1.74 -7.90
N LEU A 5 -3.32 -1.12 -7.71
CA LEU A 5 -2.63 -0.47 -8.82
C LEU A 5 -1.13 -0.41 -8.54
N ILE A 6 -0.53 -1.59 -8.33
CA ILE A 6 0.90 -1.67 -8.04
C ILE A 6 1.27 -0.71 -6.94
N LYS A 7 2.46 -0.09 -7.03
CA LYS A 7 2.96 0.68 -5.89
C LYS A 7 2.87 -0.32 -4.75
N GLY A 8 2.95 -1.55 -5.26
CA GLY A 8 2.78 -2.77 -4.56
C GLY A 8 1.78 -2.66 -3.44
N ALA A 9 0.50 -2.71 -3.81
CA ALA A 9 -0.58 -2.61 -2.85
C ALA A 9 -0.52 -1.27 -2.15
N ILE A 10 -0.88 -0.21 -2.88
CA ILE A 10 -0.84 1.17 -2.35
C ILE A 10 0.60 1.59 -2.09
N HIS A 11 1.22 0.99 -1.09
CA HIS A 11 2.61 1.30 -0.74
C HIS A 11 3.22 0.11 -0.04
N GLY A 12 2.44 -0.96 0.06
CA GLY A 12 2.87 -2.20 0.71
C GLY A 12 2.10 -2.47 1.98
N GLY A 13 0.82 -2.13 1.98
CA GLY A 13 -0.01 -2.34 3.16
C GLY A 13 0.65 -1.84 4.42
N ARG A 14 0.70 -0.52 4.58
CA ARG A 14 1.31 0.08 5.75
C ARG A 14 0.92 1.55 5.87
N PHE A 15 0.81 2.23 4.73
CA PHE A 15 0.44 3.64 4.71
C PHE A 15 -0.88 3.85 5.45
N ILE A 16 -1.85 2.97 5.17
CA ILE A 16 -3.16 3.07 5.83
C ILE A 16 -3.86 1.71 5.82
N HIS A 17 -3.22 0.73 6.45
CA HIS A 17 -3.78 -0.62 6.53
C HIS A 17 -3.08 -1.41 7.63
N GLY A 18 -1.94 -0.87 8.06
CA GLY A 18 -1.15 -1.49 9.12
C GLY A 18 -0.60 -0.43 10.05
N MET A 19 -1.50 0.45 10.50
CA MET A 19 -1.16 1.57 11.39
C MET A 19 -2.42 2.30 11.72
N ILE A 20 -3.14 2.74 10.67
CA ILE A 20 -4.45 3.32 10.90
C ILE A 20 -5.25 2.12 11.43
N GLN A 21 -4.57 0.96 11.28
CA GLN A 21 -5.04 -0.31 11.74
C GLN A 21 -4.04 -0.85 12.77
N ASN A 22 -2.71 -0.45 12.73
CA ASN A 22 -1.76 -0.97 13.74
C ASN A 22 -1.21 0.14 14.64
N HIS A 23 -1.96 1.23 14.77
CA HIS A 23 -1.53 2.35 15.61
C HIS A 23 -0.14 2.82 15.21
N HIS A 24 0.23 4.01 15.69
CA HIS A 24 1.54 4.58 15.38
C HIS A 24 2.64 3.70 15.98
N PHE A 1 -2.64 9.06 -13.88
CA PHE A 1 -3.86 8.60 -13.22
C PHE A 1 -3.86 7.08 -13.07
N LEU A 2 -3.11 6.59 -12.10
CA LEU A 2 -3.02 5.15 -11.85
C LEU A 2 -4.33 4.65 -11.24
N GLY A 3 -4.76 3.46 -11.66
CA GLY A 3 -5.99 2.88 -11.14
C GLY A 3 -5.83 2.43 -9.70
N ALA A 4 -4.70 2.76 -9.10
CA ALA A 4 -4.43 2.38 -7.71
C ALA A 4 -4.60 0.88 -7.53
N LEU A 5 -3.62 0.12 -8.00
CA LEU A 5 -3.66 -1.34 -7.87
C LEU A 5 -2.26 -1.92 -8.07
N ILE A 6 -1.25 -1.10 -7.88
CA ILE A 6 0.14 -1.53 -8.03
C ILE A 6 1.02 -0.85 -7.00
N LYS A 7 2.30 -0.58 -7.34
CA LYS A 7 3.22 -0.10 -6.31
C LYS A 7 3.09 -1.16 -5.24
N GLY A 8 2.70 -2.29 -5.82
CA GLY A 8 2.35 -3.52 -5.17
C GLY A 8 1.67 -3.28 -3.84
N ALA A 9 0.45 -2.77 -3.91
CA ALA A 9 -0.35 -2.47 -2.73
C ALA A 9 0.22 -1.22 -2.08
N ILE A 10 -0.04 -0.06 -2.71
CA ILE A 10 0.46 1.24 -2.24
C ILE A 10 1.85 1.09 -1.62
N HIS A 11 2.01 1.48 -0.36
CA HIS A 11 3.30 1.36 0.31
C HIS A 11 3.52 -0.07 0.76
N GLY A 12 3.07 -1.02 -0.05
CA GLY A 12 3.22 -2.43 0.29
C GLY A 12 2.53 -2.76 1.59
N GLY A 13 1.29 -2.27 1.73
CA GLY A 13 0.53 -2.51 2.94
C GLY A 13 1.16 -1.84 4.13
N ARG A 14 1.21 -0.51 4.10
CA ARG A 14 1.80 0.26 5.19
C ARG A 14 1.34 1.71 5.12
N PHE A 15 0.84 2.13 3.95
CA PHE A 15 0.37 3.49 3.78
C PHE A 15 -0.57 3.88 4.92
N ILE A 16 -1.12 2.87 5.58
CA ILE A 16 -2.03 3.09 6.71
C ILE A 16 -1.75 2.07 7.82
N HIS A 17 -2.16 0.83 7.60
CA HIS A 17 -1.93 -0.23 8.58
C HIS A 17 -2.14 -1.58 7.92
N GLY A 18 -1.16 -2.04 7.16
CA GLY A 18 -1.27 -3.31 6.47
C GLY A 18 -2.39 -3.31 5.51
N MET A 19 -2.71 -2.18 4.94
CA MET A 19 -3.82 -2.14 4.01
C MET A 19 -5.12 -2.25 4.71
N ILE A 20 -5.06 -2.35 6.03
CA ILE A 20 -6.28 -2.57 6.80
C ILE A 20 -6.83 -3.91 6.32
N GLN A 21 -6.24 -4.40 5.21
CA GLN A 21 -6.64 -5.68 4.63
C GLN A 21 -5.49 -6.68 4.77
N ASN A 22 -4.37 -6.21 5.33
CA ASN A 22 -3.20 -7.06 5.56
C ASN A 22 -2.84 -6.87 7.01
N HIS A 23 -3.14 -5.68 7.53
CA HIS A 23 -2.85 -5.36 8.95
C HIS A 23 -1.50 -5.93 9.37
N HIS A 24 -0.46 -5.10 9.27
CA HIS A 24 0.88 -5.53 9.65
C HIS A 24 1.24 -6.84 8.96
N PHE A 1 -2.11 6.69 -15.57
CA PHE A 1 -2.93 7.33 -14.54
C PHE A 1 -3.19 6.35 -13.39
N LEU A 2 -2.83 5.08 -13.60
CA LEU A 2 -3.02 4.07 -12.57
C LEU A 2 -2.16 4.36 -11.36
N GLY A 3 -2.67 4.03 -10.18
CA GLY A 3 -1.93 4.26 -8.95
C GLY A 3 -2.64 3.67 -7.74
N ALA A 4 -2.78 2.36 -7.73
CA ALA A 4 -3.45 1.68 -6.62
C ALA A 4 -3.27 0.17 -6.74
N LEU A 5 -3.52 -0.36 -7.93
CA LEU A 5 -3.39 -1.80 -8.16
C LEU A 5 -1.93 -2.22 -8.00
N ILE A 6 -1.03 -1.24 -8.03
CA ILE A 6 0.41 -1.50 -7.89
C ILE A 6 1.00 -0.66 -6.78
N LYS A 7 2.25 -0.21 -6.96
CA LYS A 7 2.94 0.43 -5.84
C LYS A 7 2.84 -0.63 -4.75
N GLY A 8 2.73 -1.82 -5.33
CA GLY A 8 2.48 -3.07 -4.68
C GLY A 8 1.62 -2.91 -3.46
N ALA A 9 0.36 -2.53 -3.69
CA ALA A 9 -0.58 -2.32 -2.61
C ALA A 9 -0.27 -1.00 -1.89
N ILE A 10 -0.55 0.11 -2.59
CA ILE A 10 -0.30 1.46 -2.07
C ILE A 10 0.91 1.51 -1.11
N HIS A 11 0.62 1.54 0.19
CA HIS A 11 1.68 1.62 1.21
C HIS A 11 2.90 0.77 0.85
N GLY A 12 2.73 -0.18 -0.05
CA GLY A 12 3.84 -1.04 -0.46
C GLY A 12 5.10 -0.24 -0.74
N GLY A 13 4.93 1.08 -0.88
CA GLY A 13 6.06 1.96 -1.15
C GLY A 13 5.76 3.38 -0.72
N ARG A 14 4.47 3.69 -0.60
CA ARG A 14 4.04 5.02 -0.18
C ARG A 14 4.25 5.19 1.32
N PHE A 15 4.26 4.07 2.04
CA PHE A 15 4.46 4.08 3.50
C PHE A 15 5.52 5.11 3.90
N ILE A 16 6.74 4.93 3.38
CA ILE A 16 7.83 5.84 3.69
C ILE A 16 7.68 7.13 2.88
N HIS A 17 8.12 7.12 1.62
CA HIS A 17 7.99 8.31 0.77
C HIS A 17 8.17 7.96 -0.70
N GLY A 18 7.87 6.71 -1.03
CA GLY A 18 7.99 6.20 -2.39
C GLY A 18 8.57 4.81 -2.34
N MET A 19 9.69 4.72 -1.66
CA MET A 19 10.40 3.47 -1.44
C MET A 19 11.75 3.78 -0.82
N ILE A 20 11.75 3.97 0.50
CA ILE A 20 12.96 4.36 1.20
C ILE A 20 13.34 5.70 0.62
N GLN A 21 12.32 6.30 -0.01
CA GLN A 21 12.42 7.57 -0.72
C GLN A 21 12.67 7.22 -2.16
N ASN A 22 12.10 6.07 -2.54
CA ASN A 22 12.25 5.54 -3.88
C ASN A 22 13.71 5.61 -4.30
N HIS A 23 14.55 5.07 -3.41
CA HIS A 23 15.99 5.05 -3.66
C HIS A 23 16.51 6.46 -3.93
N HIS A 24 17.79 6.56 -4.25
CA HIS A 24 18.40 7.85 -4.53
C HIS A 24 17.90 8.40 -5.86
N PHE A 1 -7.08 -5.98 -11.77
CA PHE A 1 -6.94 -5.06 -10.64
C PHE A 1 -5.66 -4.25 -10.76
N LEU A 2 -4.91 -4.47 -11.84
CA LEU A 2 -3.66 -3.77 -12.05
C LEU A 2 -2.76 -3.92 -10.82
N GLY A 3 -2.81 -5.08 -10.18
CA GLY A 3 -2.01 -5.33 -9.00
C GLY A 3 -2.35 -4.38 -7.88
N ALA A 4 -3.64 -4.21 -7.63
CA ALA A 4 -4.09 -3.32 -6.56
C ALA A 4 -3.43 -1.95 -6.70
N LEU A 5 -3.83 -1.20 -7.72
CA LEU A 5 -3.27 0.12 -7.96
C LEU A 5 -1.74 0.05 -7.98
N ILE A 6 -1.22 -1.17 -8.14
CA ILE A 6 0.23 -1.40 -8.17
C ILE A 6 0.95 -0.51 -7.18
N LYS A 7 2.24 -0.25 -7.39
CA LYS A 7 3.02 0.42 -6.34
C LYS A 7 2.82 -0.52 -5.17
N GLY A 8 2.57 -1.73 -5.63
CA GLY A 8 2.21 -2.89 -4.88
C GLY A 8 1.34 -2.54 -3.69
N ALA A 9 0.05 -2.41 -3.96
CA ALA A 9 -0.93 -2.07 -2.93
C ALA A 9 -0.50 -0.81 -2.21
N ILE A 10 -0.61 0.33 -2.91
CA ILE A 10 -0.22 1.63 -2.35
C ILE A 10 1.31 1.65 -2.12
N HIS A 11 1.77 0.87 -1.14
CA HIS A 11 3.20 0.82 -0.84
C HIS A 11 3.52 -0.55 -0.25
N GLY A 12 2.49 -1.40 -0.18
CA GLY A 12 2.64 -2.75 0.35
C GLY A 12 1.65 -3.01 1.47
N GLY A 13 0.52 -2.31 1.43
CA GLY A 13 -0.50 -2.47 2.45
C GLY A 13 0.07 -2.34 3.84
N ARG A 14 0.44 -1.11 4.21
CA ARG A 14 1.01 -0.85 5.52
C ARG A 14 0.96 0.66 5.82
N PHE A 15 1.09 1.47 4.78
CA PHE A 15 1.07 2.92 4.95
C PHE A 15 -0.10 3.34 5.85
N ILE A 16 -1.23 2.64 5.72
CA ILE A 16 -2.41 2.93 6.54
C ILE A 16 -2.42 2.03 7.78
N HIS A 17 -2.85 0.79 7.60
CA HIS A 17 -2.90 -0.17 8.71
C HIS A 17 -3.25 -1.56 8.19
N GLY A 18 -2.55 -1.97 7.14
CA GLY A 18 -2.78 -3.27 6.50
C GLY A 18 -3.23 -3.08 5.07
N MET A 19 -4.07 -2.06 4.90
CA MET A 19 -4.61 -1.64 3.60
C MET A 19 -6.04 -1.17 3.79
N ILE A 20 -6.17 0.12 4.10
CA ILE A 20 -7.48 0.70 4.40
C ILE A 20 -7.95 -0.02 5.65
N GLN A 21 -6.95 -0.58 6.35
CA GLN A 21 -7.18 -1.39 7.53
C GLN A 21 -7.40 -2.80 7.01
N ASN A 22 -6.73 -3.05 5.89
CA ASN A 22 -6.82 -4.30 5.17
C ASN A 22 -8.27 -4.71 5.01
N HIS A 23 -8.97 -3.88 4.24
CA HIS A 23 -10.38 -4.12 3.95
C HIS A 23 -10.53 -5.16 2.83
N HIS A 24 -10.85 -4.69 1.63
CA HIS A 24 -11.01 -5.59 0.49
C HIS A 24 -9.66 -6.14 0.05
N PHE A 1 -0.43 5.75 -15.71
CA PHE A 1 -1.88 5.80 -15.66
C PHE A 1 -2.44 4.58 -14.92
N LEU A 2 -1.59 3.95 -14.11
CA LEU A 2 -2.01 2.78 -13.35
C LEU A 2 -2.98 3.18 -12.23
N GLY A 3 -2.88 4.44 -11.80
CA GLY A 3 -3.74 4.93 -10.75
C GLY A 3 -3.63 4.11 -9.49
N ALA A 4 -2.39 3.86 -9.06
CA ALA A 4 -2.15 3.07 -7.86
C ALA A 4 -2.82 1.72 -7.96
N LEU A 5 -2.02 0.69 -8.23
CA LEU A 5 -2.55 -0.67 -8.36
C LEU A 5 -1.42 -1.69 -8.17
N ILE A 6 -0.24 -1.19 -7.83
CA ILE A 6 0.92 -2.04 -7.60
C ILE A 6 1.92 -1.35 -6.75
N LYS A 7 1.45 -0.30 -6.06
CA LYS A 7 2.25 0.29 -5.00
C LYS A 7 1.86 -0.62 -3.83
N GLY A 8 1.52 -1.82 -4.31
CA GLY A 8 1.03 -2.95 -3.61
C GLY A 8 -0.36 -2.71 -3.08
N ALA A 9 -1.23 -2.22 -3.96
CA ALA A 9 -2.61 -1.93 -3.60
C ALA A 9 -2.67 -0.82 -2.57
N ILE A 10 -1.49 -0.25 -2.26
CA ILE A 10 -1.39 0.83 -1.29
C ILE A 10 -0.02 1.51 -1.43
N HIS A 11 0.97 0.98 -0.73
CA HIS A 11 2.32 1.53 -0.77
C HIS A 11 3.33 0.46 -0.35
N GLY A 12 2.96 -0.80 -0.58
CA GLY A 12 3.83 -1.91 -0.22
C GLY A 12 3.77 -2.23 1.25
N GLY A 13 2.55 -2.31 1.79
CA GLY A 13 2.35 -2.61 3.19
C GLY A 13 3.01 -1.58 4.09
N ARG A 14 3.61 -0.57 3.49
CA ARG A 14 4.28 0.49 4.25
C ARG A 14 3.24 1.40 4.91
N PHE A 15 2.00 1.31 4.45
CA PHE A 15 0.94 2.13 4.99
C PHE A 15 0.90 2.01 6.52
N ILE A 16 1.36 0.86 7.01
CA ILE A 16 1.38 0.60 8.46
C ILE A 16 2.79 0.86 9.01
N HIS A 17 3.71 -0.09 8.81
CA HIS A 17 5.07 0.09 9.29
C HIS A 17 6.00 -0.99 8.73
N GLY A 18 5.79 -1.32 7.46
CA GLY A 18 6.58 -2.34 6.78
C GLY A 18 5.65 -3.36 6.17
N MET A 19 4.70 -3.76 6.99
CA MET A 19 3.64 -4.72 6.63
C MET A 19 3.11 -5.38 7.89
N ILE A 20 2.12 -4.69 8.49
CA ILE A 20 1.57 -5.14 9.76
C ILE A 20 2.72 -5.12 10.73
N GLN A 21 3.72 -4.32 10.34
CA GLN A 21 4.97 -4.19 11.07
C GLN A 21 5.88 -5.25 10.52
N ASN A 22 5.67 -5.50 9.22
CA ASN A 22 6.40 -6.50 8.49
C ASN A 22 6.47 -7.78 9.30
N HIS A 23 5.29 -8.28 9.60
CA HIS A 23 5.16 -9.52 10.38
C HIS A 23 3.73 -10.04 10.31
N HIS A 24 3.60 -11.33 10.00
CA HIS A 24 2.29 -11.95 9.91
C HIS A 24 1.62 -12.03 11.28
N PHE A 1 -5.38 -4.36 -14.96
CA PHE A 1 -5.16 -5.65 -15.62
C PHE A 1 -4.82 -6.71 -14.58
N LEU A 2 -3.89 -6.39 -13.68
CA LEU A 2 -3.48 -7.33 -12.65
C LEU A 2 -4.60 -7.53 -11.63
N GLY A 3 -4.63 -6.67 -10.61
CA GLY A 3 -5.65 -6.75 -9.59
C GLY A 3 -5.51 -5.66 -8.55
N ALA A 4 -4.64 -4.69 -8.84
CA ALA A 4 -4.42 -3.58 -7.92
C ALA A 4 -3.68 -2.44 -8.62
N LEU A 5 -3.64 -1.28 -7.98
CA LEU A 5 -2.96 -0.12 -8.54
C LEU A 5 -1.45 -0.20 -8.33
N ILE A 6 -0.97 -1.40 -8.00
CA ILE A 6 0.46 -1.59 -7.77
C ILE A 6 0.99 -0.57 -6.81
N LYS A 7 2.20 -0.06 -7.06
CA LYS A 7 2.86 0.77 -6.04
C LYS A 7 2.80 -0.11 -4.81
N GLY A 8 2.74 -1.38 -5.21
CA GLY A 8 2.55 -2.52 -4.37
C GLY A 8 1.67 -2.23 -3.18
N ALA A 9 0.36 -2.31 -3.41
CA ALA A 9 -0.62 -2.05 -2.38
C ALA A 9 -0.46 -0.63 -1.83
N ILE A 10 -0.34 0.33 -2.74
CA ILE A 10 -0.18 1.74 -2.37
C ILE A 10 1.24 2.00 -1.85
N HIS A 11 1.79 1.02 -1.14
CA HIS A 11 3.14 1.15 -0.59
C HIS A 11 3.68 -0.21 -0.16
N GLY A 12 2.77 -1.14 0.13
CA GLY A 12 3.16 -2.48 0.56
C GLY A 12 2.14 -3.08 1.51
N GLY A 13 1.28 -2.22 2.06
CA GLY A 13 0.26 -2.67 2.99
C GLY A 13 -0.33 -1.52 3.76
N ARG A 14 -0.60 -0.41 3.08
CA ARG A 14 -1.16 0.74 3.78
C ARG A 14 -0.25 1.08 4.94
N PHE A 15 0.98 0.59 4.84
CA PHE A 15 1.99 0.81 5.87
C PHE A 15 1.46 0.33 7.21
N ILE A 16 1.70 -0.95 7.48
CA ILE A 16 1.24 -1.61 8.71
C ILE A 16 -0.27 -1.86 8.66
N HIS A 17 -1.02 -0.91 8.07
CA HIS A 17 -2.49 -0.99 7.92
C HIS A 17 -3.12 0.42 7.99
N GLY A 18 -2.87 1.29 7.00
CA GLY A 18 -3.42 2.65 7.04
C GLY A 18 -2.35 3.63 7.45
N MET A 19 -1.48 3.11 8.31
CA MET A 19 -0.32 3.83 8.86
C MET A 19 -0.16 3.58 10.35
N ILE A 20 0.56 2.49 10.66
CA ILE A 20 0.76 2.09 12.04
C ILE A 20 -0.61 1.82 12.60
N GLN A 21 -1.51 1.57 11.65
CA GLN A 21 -2.93 1.36 11.94
C GLN A 21 -3.56 2.72 11.88
N ASN A 22 -3.00 3.53 10.97
CA ASN A 22 -3.41 4.91 10.81
C ASN A 22 -3.64 5.55 12.15
N HIS A 23 -2.56 5.56 12.93
CA HIS A 23 -2.57 6.14 14.26
C HIS A 23 -3.61 5.44 15.13
N HIS A 24 -3.15 4.59 16.04
CA HIS A 24 -4.05 3.87 16.93
C HIS A 24 -4.96 4.84 17.69
N PHE A 1 1.43 -9.05 -13.17
CA PHE A 1 0.62 -9.39 -12.01
C PHE A 1 -0.28 -8.22 -11.62
N LEU A 2 -1.57 -8.51 -11.43
CA LEU A 2 -2.53 -7.49 -11.05
C LEU A 2 -2.49 -6.34 -12.06
N GLY A 3 -3.20 -5.25 -11.75
CA GLY A 3 -3.25 -4.11 -12.63
C GLY A 3 -3.85 -2.89 -11.97
N ALA A 4 -4.23 -3.04 -10.70
CA ALA A 4 -4.82 -1.94 -9.95
C ALA A 4 -3.76 -0.91 -9.57
N LEU A 5 -3.88 -0.36 -8.36
CA LEU A 5 -2.92 0.62 -7.88
C LEU A 5 -1.53 0.01 -7.76
N ILE A 6 -1.47 -1.32 -7.66
CA ILE A 6 -0.20 -2.03 -7.54
C ILE A 6 0.78 -1.31 -6.67
N LYS A 7 2.09 -1.35 -7.01
CA LYS A 7 3.09 -0.83 -6.08
C LYS A 7 2.77 -1.59 -4.80
N GLY A 8 2.17 -2.73 -5.13
CA GLY A 8 1.59 -3.68 -4.24
C GLY A 8 0.98 -3.01 -3.03
N ALA A 9 -0.32 -2.78 -3.11
CA ALA A 9 -1.08 -2.13 -2.05
C ALA A 9 -0.34 -0.89 -1.58
N ILE A 10 0.18 -0.12 -2.55
CA ILE A 10 0.93 1.12 -2.27
C ILE A 10 1.80 0.94 -1.02
N HIS A 11 1.29 1.38 0.12
CA HIS A 11 2.04 1.27 1.36
C HIS A 11 2.47 -0.18 1.60
N GLY A 12 2.02 -1.11 0.76
CA GLY A 12 2.41 -2.50 0.94
C GLY A 12 3.90 -2.66 0.73
N GLY A 13 4.54 -1.55 0.37
CA GLY A 13 5.96 -1.53 0.13
C GLY A 13 6.48 -0.10 0.10
N ARG A 14 5.57 0.84 -0.14
CA ARG A 14 5.94 2.25 -0.19
C ARG A 14 6.18 2.76 1.24
N PHE A 15 5.49 2.14 2.20
CA PHE A 15 5.64 2.52 3.60
C PHE A 15 7.10 2.77 3.95
N ILE A 16 7.98 1.88 3.50
CA ILE A 16 9.40 2.03 3.78
C ILE A 16 10.01 3.11 2.87
N HIS A 17 10.33 2.75 1.63
CA HIS A 17 10.89 3.75 0.71
C HIS A 17 10.92 3.24 -0.73
N GLY A 18 9.92 2.44 -1.08
CA GLY A 18 9.81 1.88 -2.43
C GLY A 18 9.39 0.43 -2.33
N MET A 19 10.13 -0.28 -1.50
CA MET A 19 9.86 -1.68 -1.22
C MET A 19 11.01 -2.24 -0.39
N ILE A 20 10.91 -2.03 0.93
CA ILE A 20 11.97 -2.44 1.83
C ILE A 20 13.20 -1.68 1.39
N GLN A 21 12.90 -0.64 0.62
CA GLN A 21 13.88 0.25 0.01
C GLN A 21 14.08 -0.25 -1.40
N ASN A 22 12.96 -0.76 -1.94
CA ASN A 22 12.94 -1.34 -3.27
C ASN A 22 14.15 -2.24 -3.46
N HIS A 23 14.36 -3.09 -2.46
CA HIS A 23 15.48 -4.02 -2.48
C HIS A 23 16.78 -3.31 -2.85
N HIS A 24 17.59 -3.02 -1.84
CA HIS A 24 18.86 -2.33 -2.07
C HIS A 24 19.85 -3.27 -2.73
N PHE A 1 1.01 2.95 -15.41
CA PHE A 1 -0.15 3.70 -15.88
C PHE A 1 -1.19 3.85 -14.78
N LEU A 2 -1.49 2.75 -14.10
CA LEU A 2 -2.48 2.76 -13.02
C LEU A 2 -1.93 3.52 -11.81
N GLY A 3 -2.60 3.35 -10.68
CA GLY A 3 -2.19 4.01 -9.46
C GLY A 3 -2.97 3.52 -8.25
N ALA A 4 -3.02 2.20 -8.10
CA ALA A 4 -3.75 1.60 -6.98
C ALA A 4 -3.37 0.13 -6.83
N LEU A 5 -3.41 -0.61 -7.93
CA LEU A 5 -3.07 -2.02 -7.90
C LEU A 5 -1.58 -2.21 -7.63
N ILE A 6 -0.75 -1.63 -8.50
CA ILE A 6 0.69 -1.74 -8.35
C ILE A 6 1.18 -0.79 -7.28
N LYS A 7 2.45 -0.34 -7.38
CA LYS A 7 3.02 0.40 -6.26
C LYS A 7 2.83 -0.56 -5.10
N GLY A 8 2.77 -1.79 -5.59
CA GLY A 8 2.48 -2.99 -4.88
C GLY A 8 1.45 -2.76 -3.79
N ALA A 9 0.19 -2.76 -4.21
CA ALA A 9 -0.92 -2.55 -3.29
C ALA A 9 -0.78 -1.21 -2.60
N ILE A 10 -0.98 -0.13 -3.36
CA ILE A 10 -0.87 1.24 -2.82
C ILE A 10 0.58 1.53 -2.44
N HIS A 11 1.08 0.84 -1.43
CA HIS A 11 2.46 1.04 -0.97
C HIS A 11 2.94 -0.21 -0.26
N GLY A 12 2.07 -1.22 -0.22
CA GLY A 12 2.41 -2.47 0.43
C GLY A 12 2.77 -2.25 1.88
N GLY A 13 2.33 -1.12 2.42
CA GLY A 13 2.60 -0.78 3.81
C GLY A 13 1.60 0.20 4.35
N ARG A 14 1.04 1.02 3.46
CA ARG A 14 0.04 2.02 3.85
C ARG A 14 -1.36 1.46 3.59
N PHE A 15 -1.44 0.49 2.68
CA PHE A 15 -2.71 -0.14 2.34
C PHE A 15 -3.55 -0.39 3.59
N ILE A 16 -3.05 -1.27 4.46
CA ILE A 16 -3.77 -1.57 5.70
C ILE A 16 -3.69 -0.39 6.66
N HIS A 17 -2.56 -0.25 7.33
CA HIS A 17 -2.36 0.86 8.27
C HIS A 17 -0.93 0.80 8.79
N GLY A 18 0.02 1.18 7.94
CA GLY A 18 1.41 1.12 8.33
C GLY A 18 1.80 -0.30 8.63
N MET A 19 1.47 -1.19 7.73
CA MET A 19 1.83 -2.58 7.93
C MET A 19 1.53 -3.07 9.30
N ILE A 20 0.74 -2.30 10.05
CA ILE A 20 0.48 -2.65 11.42
C ILE A 20 1.84 -2.66 12.12
N GLN A 21 2.91 -2.58 11.29
CA GLN A 21 4.28 -2.56 11.80
C GLN A 21 4.83 -1.14 11.72
N ASN A 22 4.54 -0.45 10.61
CA ASN A 22 4.94 0.92 10.45
C ASN A 22 3.90 1.78 11.14
N HIS A 23 2.67 1.25 11.20
CA HIS A 23 1.56 1.96 11.85
C HIS A 23 1.60 3.46 11.55
N HIS A 24 2.24 3.82 10.44
CA HIS A 24 2.34 5.22 10.06
C HIS A 24 2.91 6.05 11.20
N PHE A 1 -9.12 -5.76 -2.00
CA PHE A 1 -8.72 -5.92 -3.40
C PHE A 1 -7.84 -4.76 -3.84
N LEU A 2 -7.99 -4.35 -5.10
CA LEU A 2 -7.20 -3.25 -5.63
C LEU A 2 -7.65 -1.92 -5.02
N GLY A 3 -6.78 -0.91 -5.11
CA GLY A 3 -7.09 0.39 -4.56
C GLY A 3 -6.07 1.44 -4.98
N ALA A 4 -5.13 1.04 -5.82
CA ALA A 4 -4.09 1.96 -6.28
C ALA A 4 -3.30 1.34 -7.42
N LEU A 5 -3.64 0.10 -7.78
CA LEU A 5 -2.95 -0.60 -8.85
C LEU A 5 -1.45 -0.65 -8.57
N ILE A 6 -0.95 -1.83 -8.24
CA ILE A 6 0.48 -2.01 -7.95
C ILE A 6 0.90 -1.06 -6.86
N LYS A 7 2.11 -0.48 -6.99
CA LYS A 7 2.67 0.28 -5.87
C LYS A 7 2.59 -0.73 -4.72
N GLY A 8 2.61 -1.95 -5.25
CA GLY A 8 2.43 -3.19 -4.54
C GLY A 8 1.48 -3.05 -3.38
N ALA A 9 0.19 -3.13 -3.70
CA ALA A 9 -0.84 -3.02 -2.69
C ALA A 9 -0.67 -1.71 -1.95
N ILE A 10 -1.00 -0.60 -2.63
CA ILE A 10 -0.87 0.75 -2.05
C ILE A 10 0.61 1.09 -1.88
N HIS A 11 1.25 0.42 -0.95
CA HIS A 11 2.67 0.63 -0.67
C HIS A 11 3.30 -0.68 -0.25
N GLY A 12 2.45 -1.68 -0.08
CA GLY A 12 2.89 -2.99 0.32
C GLY A 12 3.30 -3.05 1.78
N GLY A 13 3.02 -1.97 2.52
CA GLY A 13 3.39 -1.94 3.92
C GLY A 13 3.14 -0.60 4.59
N ARG A 14 1.93 -0.05 4.42
CA ARG A 14 1.59 1.22 5.06
C ARG A 14 0.09 1.39 5.10
N PHE A 15 -0.61 0.75 4.15
CA PHE A 15 -2.06 0.84 4.09
C PHE A 15 -2.67 0.64 5.49
N ILE A 16 -1.88 0.06 6.40
CA ILE A 16 -2.34 -0.18 7.78
C ILE A 16 -1.27 0.27 8.77
N HIS A 17 -0.23 -0.55 9.00
CA HIS A 17 0.83 -0.18 9.93
C HIS A 17 2.15 -0.79 9.50
N GLY A 18 2.22 -1.24 8.26
CA GLY A 18 3.43 -1.85 7.75
C GLY A 18 3.79 -3.07 8.55
N MET A 19 2.80 -3.95 8.71
CA MET A 19 2.94 -5.20 9.47
C MET A 19 1.64 -5.95 9.45
N ILE A 20 0.55 -5.26 9.80
CA ILE A 20 -0.75 -5.87 9.65
C ILE A 20 -0.90 -6.01 8.14
N GLN A 21 0.07 -5.34 7.48
CA GLN A 21 0.23 -5.33 6.06
C GLN A 21 1.67 -5.78 5.72
N ASN A 22 2.67 -5.69 6.67
CA ASN A 22 4.04 -6.13 6.31
C ASN A 22 4.45 -7.38 7.10
N HIS A 23 3.47 -8.03 7.72
CA HIS A 23 3.73 -9.25 8.49
C HIS A 23 5.00 -9.13 9.34
N HIS A 24 5.45 -7.90 9.56
CA HIS A 24 6.66 -7.66 10.34
C HIS A 24 6.54 -8.33 11.71
N PHE A 1 -7.25 -7.18 -16.44
CA PHE A 1 -7.74 -6.30 -15.39
C PHE A 1 -6.71 -6.19 -14.28
N LEU A 2 -7.13 -5.63 -13.14
CA LEU A 2 -6.23 -5.47 -11.99
C LEU A 2 -7.03 -5.34 -10.70
N GLY A 3 -6.34 -5.01 -9.61
CA GLY A 3 -6.99 -4.87 -8.33
C GLY A 3 -6.01 -4.49 -7.24
N ALA A 4 -5.15 -3.52 -7.52
CA ALA A 4 -4.16 -3.07 -6.56
C ALA A 4 -3.49 -1.78 -7.03
N LEU A 5 -3.55 -1.54 -8.33
CA LEU A 5 -2.95 -0.34 -8.90
C LEU A 5 -1.44 -0.32 -8.64
N ILE A 6 -0.88 -1.49 -8.37
CA ILE A 6 0.55 -1.60 -8.10
C ILE A 6 0.97 -0.60 -7.04
N LYS A 7 2.15 -0.01 -7.19
CA LYS A 7 2.70 0.80 -6.10
C LYS A 7 2.66 -0.17 -4.93
N GLY A 8 2.71 -1.41 -5.41
CA GLY A 8 2.57 -2.62 -4.68
C GLY A 8 1.63 -2.47 -3.51
N ALA A 9 0.33 -2.52 -3.82
CA ALA A 9 -0.71 -2.39 -2.81
C ALA A 9 -0.64 -1.02 -2.13
N ILE A 10 -0.58 0.03 -2.95
CA ILE A 10 -0.52 1.40 -2.44
C ILE A 10 0.88 1.71 -1.90
N HIS A 11 1.49 0.75 -1.21
CA HIS A 11 2.82 0.95 -0.64
C HIS A 11 3.38 -0.35 -0.09
N GLY A 12 2.58 -1.41 -0.15
CA GLY A 12 3.00 -2.72 0.35
C GLY A 12 2.87 -2.82 1.85
N GLY A 13 1.91 -2.08 2.41
CA GLY A 13 1.68 -2.11 3.84
C GLY A 13 0.49 -1.29 4.26
N ARG A 14 -0.29 -0.80 3.28
CA ARG A 14 -1.45 0.00 3.63
C ARG A 14 -1.01 1.15 4.51
N PHE A 15 0.27 1.50 4.39
CA PHE A 15 0.85 2.57 5.20
C PHE A 15 0.63 2.24 6.67
N ILE A 16 1.50 1.37 7.19
CA ILE A 16 1.45 0.92 8.58
C ILE A 16 0.29 -0.07 8.79
N HIS A 17 -0.84 0.19 8.13
CA HIS A 17 -2.04 -0.68 8.24
C HIS A 17 -3.31 0.14 7.90
N GLY A 18 -3.45 0.60 6.66
CA GLY A 18 -4.63 1.41 6.29
C GLY A 18 -4.25 2.87 6.21
N MET A 19 -3.29 3.24 7.06
CA MET A 19 -2.71 4.59 7.15
C MET A 19 -2.48 4.98 8.60
N ILE A 20 -1.26 4.65 9.07
CA ILE A 20 -0.89 4.92 10.46
C ILE A 20 -1.86 4.14 11.30
N GLN A 21 -2.44 3.13 10.64
CA GLN A 21 -3.48 2.29 11.21
C GLN A 21 -4.78 2.98 10.88
N ASN A 22 -4.78 3.58 9.68
CA ASN A 22 -5.90 4.36 9.20
C ASN A 22 -6.49 5.18 10.33
N HIS A 23 -5.62 6.00 10.89
CA HIS A 23 -6.00 6.88 11.99
C HIS A 23 -6.77 8.10 11.48
N HIS A 24 -6.88 8.21 10.17
CA HIS A 24 -7.59 9.33 9.56
C HIS A 24 -9.09 9.22 9.83
N PHE A 1 -6.15 6.45 -6.98
CA PHE A 1 -7.18 5.64 -7.62
C PHE A 1 -6.59 4.78 -8.72
N LEU A 2 -5.97 5.42 -9.72
CA LEU A 2 -5.36 4.70 -10.83
C LEU A 2 -6.36 3.73 -11.46
N GLY A 3 -5.85 2.62 -11.96
CA GLY A 3 -6.69 1.60 -12.59
C GLY A 3 -5.99 0.27 -12.68
N ALA A 4 -5.21 -0.06 -11.66
CA ALA A 4 -4.49 -1.32 -11.63
C ALA A 4 -3.96 -1.59 -10.22
N LEU A 5 -3.92 -0.53 -9.42
CA LEU A 5 -3.44 -0.64 -8.04
C LEU A 5 -2.04 -1.27 -8.01
N ILE A 6 -1.01 -0.41 -8.03
CA ILE A 6 0.38 -0.86 -7.99
C ILE A 6 1.10 -0.14 -6.87
N LYS A 7 2.35 0.28 -7.09
CA LYS A 7 3.15 0.80 -5.98
C LYS A 7 3.02 -0.31 -4.93
N GLY A 8 2.78 -1.45 -5.58
CA GLY A 8 2.48 -2.71 -4.98
C GLY A 8 1.69 -2.57 -3.70
N ALA A 9 0.40 -2.33 -3.85
CA ALA A 9 -0.50 -2.16 -2.72
C ALA A 9 0.02 -1.05 -1.80
N ILE A 10 0.28 0.12 -2.40
CA ILE A 10 0.78 1.29 -1.66
C ILE A 10 1.72 0.87 -0.52
N HIS A 11 2.98 0.59 -0.87
CA HIS A 11 3.96 0.18 0.12
C HIS A 11 3.42 -0.92 1.01
N GLY A 12 2.33 -1.54 0.56
CA GLY A 12 1.70 -2.60 1.31
C GLY A 12 0.94 -2.06 2.51
N GLY A 13 0.11 -1.05 2.26
CA GLY A 13 -0.66 -0.45 3.32
C GLY A 13 0.23 0.23 4.35
N ARG A 14 1.54 0.24 4.06
CA ARG A 14 2.51 0.85 4.96
C ARG A 14 2.69 2.33 4.62
N PHE A 15 2.27 2.71 3.40
CA PHE A 15 2.39 4.10 2.95
C PHE A 15 1.99 5.06 4.08
N ILE A 16 1.06 4.62 4.93
CA ILE A 16 0.59 5.42 6.06
C ILE A 16 0.92 4.70 7.37
N HIS A 17 0.10 3.71 7.74
CA HIS A 17 0.34 2.95 8.94
C HIS A 17 -0.64 1.79 9.00
N GLY A 18 -0.50 0.86 8.07
CA GLY A 18 -1.40 -0.26 7.99
C GLY A 18 -2.79 0.21 7.72
N MET A 19 -2.93 0.95 6.66
CA MET A 19 -4.24 1.47 6.30
C MET A 19 -5.01 2.00 7.44
N ILE A 20 -4.34 2.24 8.56
CA ILE A 20 -5.05 2.64 9.76
C ILE A 20 -6.05 1.51 10.06
N GLN A 21 -6.13 0.58 9.09
CA GLN A 21 -7.03 -0.58 9.19
C GLN A 21 -6.21 -1.85 9.41
N ASN A 22 -5.11 -1.99 8.67
CA ASN A 22 -4.24 -3.14 8.84
C ASN A 22 -3.37 -2.85 10.04
N HIS A 23 -3.08 -1.57 10.24
CA HIS A 23 -2.25 -1.14 11.38
C HIS A 23 -1.07 -2.09 11.58
N HIS A 24 -0.71 -2.84 10.53
CA HIS A 24 0.41 -3.77 10.60
C HIS A 24 1.73 -3.02 10.59
N PHE A 1 -4.55 -9.93 -9.39
CA PHE A 1 -3.99 -10.74 -8.32
C PHE A 1 -2.59 -10.28 -7.97
N LEU A 2 -2.48 -9.07 -7.43
CA LEU A 2 -1.19 -8.53 -7.04
C LEU A 2 -1.37 -7.29 -6.17
N GLY A 3 -1.85 -6.21 -6.77
CA GLY A 3 -2.07 -4.97 -6.04
C GLY A 3 -2.89 -3.98 -6.84
N ALA A 4 -3.46 -4.44 -7.94
CA ALA A 4 -4.28 -3.59 -8.79
C ALA A 4 -3.49 -2.34 -9.21
N LEU A 5 -3.54 -1.31 -8.37
CA LEU A 5 -2.84 -0.07 -8.66
C LEU A 5 -1.33 -0.22 -8.43
N ILE A 6 -0.92 -1.46 -8.13
CA ILE A 6 0.50 -1.73 -7.88
C ILE A 6 1.05 -0.77 -6.86
N LYS A 7 2.31 -0.31 -7.07
CA LYS A 7 2.96 0.46 -6.00
C LYS A 7 2.83 -0.45 -4.79
N GLY A 8 2.72 -1.71 -5.24
CA GLY A 8 2.45 -2.87 -4.46
C GLY A 8 1.55 -2.57 -3.27
N ALA A 9 0.27 -2.46 -3.57
CA ALA A 9 -0.73 -2.17 -2.55
C ALA A 9 -0.46 -0.81 -1.94
N ILE A 10 -0.70 0.25 -2.73
CA ILE A 10 -0.47 1.62 -2.28
C ILE A 10 1.03 1.86 -2.07
N HIS A 11 1.60 1.21 -1.05
CA HIS A 11 3.02 1.35 -0.74
C HIS A 11 3.51 0.10 -0.03
N GLY A 12 2.59 -0.85 0.14
CA GLY A 12 2.90 -2.12 0.80
C GLY A 12 1.90 -2.42 1.90
N GLY A 13 0.82 -1.66 1.95
CA GLY A 13 -0.21 -1.87 2.95
C GLY A 13 0.27 -1.49 4.34
N ARG A 14 0.48 -0.19 4.55
CA ARG A 14 0.94 0.30 5.83
C ARG A 14 0.79 1.81 5.92
N PHE A 15 0.82 2.47 4.77
CA PHE A 15 0.68 3.92 4.72
C PHE A 15 -0.67 4.34 5.28
N ILE A 16 -1.72 3.63 4.87
CA ILE A 16 -3.07 3.93 5.33
C ILE A 16 -3.95 2.69 5.21
N HIS A 17 -3.56 1.63 5.92
CA HIS A 17 -4.31 0.37 5.90
C HIS A 17 -4.06 -0.40 7.19
N GLY A 18 -2.93 -0.09 7.84
CA GLY A 18 -2.55 -0.72 9.09
C GLY A 18 -1.94 0.29 10.03
N MET A 19 -2.67 1.37 10.19
CA MET A 19 -2.26 2.45 11.08
C MET A 19 -3.40 3.42 11.21
N ILE A 20 -4.10 3.63 10.09
CA ILE A 20 -5.33 4.39 10.19
C ILE A 20 -6.23 3.51 11.04
N GLN A 21 -5.70 2.27 11.23
CA GLN A 21 -6.29 1.23 12.02
C GLN A 21 -5.29 0.77 13.09
N ASN A 22 -3.92 0.87 12.88
CA ASN A 22 -2.99 0.44 13.95
C ASN A 22 -2.34 1.65 14.62
N HIS A 23 -2.94 2.81 14.42
CA HIS A 23 -2.43 4.04 15.01
C HIS A 23 -0.93 4.20 14.72
N HIS A 24 -0.10 3.68 15.61
CA HIS A 24 1.34 3.76 15.43
C HIS A 24 1.81 2.83 14.31
N PHE A 1 1.40 5.27 -15.99
CA PHE A 1 0.80 4.02 -16.47
C PHE A 1 0.44 3.12 -15.29
N LEU A 2 -0.54 3.54 -14.51
CA LEU A 2 -0.98 2.75 -13.36
C LEU A 2 -1.76 1.52 -13.83
N GLY A 3 -2.85 1.76 -14.55
CA GLY A 3 -3.67 0.67 -15.05
C GLY A 3 -4.51 0.04 -13.95
N ALA A 4 -3.94 -0.03 -12.75
CA ALA A 4 -4.66 -0.62 -11.61
C ALA A 4 -3.91 -0.32 -10.32
N LEU A 5 -4.44 -0.84 -9.21
CA LEU A 5 -3.82 -0.63 -7.91
C LEU A 5 -2.60 -1.55 -7.74
N ILE A 6 -1.40 -0.95 -7.77
CA ILE A 6 -0.16 -1.72 -7.63
C ILE A 6 0.84 -0.94 -6.81
N LYS A 7 2.13 -1.05 -7.16
CA LYS A 7 3.16 -0.49 -6.27
C LYS A 7 2.82 -1.13 -4.93
N GLY A 8 2.20 -2.28 -5.16
CA GLY A 8 1.60 -3.14 -4.20
C GLY A 8 1.01 -2.37 -3.03
N ALA A 9 -0.24 -1.96 -3.20
CA ALA A 9 -0.96 -1.20 -2.18
C ALA A 9 -0.05 -0.18 -1.53
N ILE A 10 0.76 0.50 -2.34
CA ILE A 10 1.71 1.51 -1.87
C ILE A 10 2.32 1.07 -0.53
N HIS A 11 1.72 1.53 0.57
CA HIS A 11 2.21 1.16 1.89
C HIS A 11 2.42 -0.36 1.98
N GLY A 12 1.92 -1.11 0.99
CA GLY A 12 2.11 -2.54 1.01
C GLY A 12 3.57 -2.88 0.91
N GLY A 13 4.40 -1.84 0.78
CA GLY A 13 5.84 -1.99 0.68
C GLY A 13 6.57 -0.82 1.30
N ARG A 14 6.16 0.40 0.93
CA ARG A 14 6.79 1.60 1.47
C ARG A 14 6.84 1.53 3.00
N PHE A 15 5.72 1.14 3.61
CA PHE A 15 5.64 1.02 5.07
C PHE A 15 6.93 0.41 5.63
N ILE A 16 7.65 -0.31 4.78
CA ILE A 16 8.91 -0.93 5.16
C ILE A 16 9.69 -1.31 3.91
N HIS A 17 9.98 -0.30 3.10
CA HIS A 17 10.75 -0.47 1.87
C HIS A 17 11.41 0.85 1.52
N GLY A 18 10.62 1.92 1.43
CA GLY A 18 11.18 3.22 1.18
C GLY A 18 12.07 3.56 2.34
N MET A 19 11.41 3.71 3.49
CA MET A 19 12.08 3.95 4.77
C MET A 19 11.02 4.31 5.81
N ILE A 20 10.37 3.27 6.35
CA ILE A 20 9.30 3.50 7.31
C ILE A 20 8.18 4.17 6.54
N GLN A 21 8.39 4.16 5.22
CA GLN A 21 7.50 4.79 4.24
C GLN A 21 8.25 6.00 3.74
N ASN A 22 9.57 5.90 3.87
CA ASN A 22 10.45 6.98 3.50
C ASN A 22 10.01 8.25 4.20
N HIS A 23 9.72 8.09 5.51
CA HIS A 23 9.29 9.21 6.32
C HIS A 23 10.29 10.35 6.25
N HIS A 24 9.88 11.47 5.67
CA HIS A 24 10.75 12.62 5.55
C HIS A 24 11.33 13.01 6.90
N PHE A 1 -5.44 8.35 -11.38
CA PHE A 1 -4.27 8.45 -12.25
C PHE A 1 -3.40 7.21 -12.13
N LEU A 2 -3.70 6.38 -11.13
CA LEU A 2 -2.94 5.14 -10.93
C LEU A 2 -3.33 4.10 -11.96
N GLY A 3 -2.33 3.51 -12.61
CA GLY A 3 -2.58 2.50 -13.63
C GLY A 3 -3.47 1.39 -13.12
N ALA A 4 -3.15 0.88 -11.94
CA ALA A 4 -3.93 -0.20 -11.34
C ALA A 4 -3.50 -0.45 -9.89
N LEU A 5 -3.95 -1.56 -9.34
CA LEU A 5 -3.61 -1.92 -7.97
C LEU A 5 -2.15 -2.33 -7.88
N ILE A 6 -1.26 -1.34 -7.72
CA ILE A 6 0.17 -1.62 -7.62
C ILE A 6 0.83 -0.61 -6.71
N LYS A 7 2.12 -0.29 -6.97
CA LYS A 7 2.87 0.51 -5.99
C LYS A 7 2.70 -0.30 -4.71
N GLY A 8 2.49 -1.57 -5.05
CA GLY A 8 2.16 -2.63 -4.16
C GLY A 8 1.28 -2.18 -3.02
N ALA A 9 -0.01 -2.06 -3.31
CA ALA A 9 -0.98 -1.62 -2.31
C ALA A 9 -0.54 -0.30 -1.72
N ILE A 10 -0.59 0.75 -2.54
CA ILE A 10 -0.18 2.10 -2.10
C ILE A 10 1.34 2.11 -1.86
N HIS A 11 1.79 1.41 -0.83
CA HIS A 11 3.21 1.34 -0.51
C HIS A 11 3.50 0.01 0.17
N GLY A 12 2.45 -0.79 0.35
CA GLY A 12 2.55 -2.10 0.98
C GLY A 12 1.61 -2.25 2.15
N GLY A 13 0.45 -1.61 2.06
CA GLY A 13 -0.54 -1.68 3.12
C GLY A 13 0.08 -1.41 4.48
N ARG A 14 0.40 -0.15 4.72
CA ARG A 14 1.00 0.25 5.98
C ARG A 14 0.97 1.77 6.08
N PHE A 15 1.58 2.44 5.11
CA PHE A 15 1.59 3.90 5.10
C PHE A 15 0.17 4.40 4.84
N ILE A 16 -0.41 5.07 5.84
CA ILE A 16 -1.78 5.59 5.73
C ILE A 16 -2.67 4.62 4.95
N HIS A 17 -2.62 3.35 5.34
CA HIS A 17 -3.41 2.30 4.71
C HIS A 17 -3.87 1.29 5.75
N GLY A 18 -3.10 1.18 6.84
CA GLY A 18 -3.47 0.28 7.92
C GLY A 18 -4.91 0.50 8.29
N MET A 19 -5.21 1.77 8.46
CA MET A 19 -6.53 2.23 8.82
C MET A 19 -6.52 3.70 8.87
N ILE A 20 -5.45 4.28 8.31
CA ILE A 20 -5.25 5.70 8.45
C ILE A 20 -5.08 5.92 9.94
N GLN A 21 -5.28 4.81 10.69
CA GLN A 21 -5.18 4.81 12.15
C GLN A 21 -4.40 3.59 12.66
N ASN A 22 -4.16 2.59 11.80
CA ASN A 22 -3.41 1.39 12.20
C ASN A 22 -2.06 1.41 11.52
N HIS A 23 -1.95 2.25 10.49
CA HIS A 23 -0.71 2.39 9.74
C HIS A 23 0.52 2.33 10.66
N HIS A 24 1.01 3.50 11.05
CA HIS A 24 2.17 3.56 11.94
C HIS A 24 1.81 3.11 13.35
N PHE A 1 -5.74 4.55 -13.91
CA PHE A 1 -6.15 4.90 -12.54
C PHE A 1 -5.53 3.92 -11.54
N LEU A 2 -4.21 3.95 -11.45
CA LEU A 2 -3.51 3.06 -10.51
C LEU A 2 -3.84 3.43 -9.07
N GLY A 3 -2.84 3.38 -8.20
CA GLY A 3 -3.05 3.70 -6.80
C GLY A 3 -3.72 2.57 -6.05
N ALA A 4 -3.57 1.36 -6.58
CA ALA A 4 -4.17 0.18 -5.95
C ALA A 4 -3.71 -1.10 -6.64
N LEU A 5 -3.64 -1.05 -7.97
CA LEU A 5 -3.21 -2.22 -8.74
C LEU A 5 -1.69 -2.40 -8.65
N ILE A 6 -1.02 -1.37 -8.13
CA ILE A 6 0.44 -1.44 -7.99
C ILE A 6 0.94 -0.36 -7.06
N LYS A 7 2.13 0.19 -7.32
CA LYS A 7 2.74 1.08 -6.33
C LYS A 7 2.73 0.22 -5.08
N GLY A 8 2.75 -1.05 -5.44
CA GLY A 8 2.63 -2.19 -4.59
C GLY A 8 1.73 -1.93 -3.41
N ALA A 9 0.43 -1.99 -3.65
CA ALA A 9 -0.56 -1.75 -2.62
C ALA A 9 -0.32 -0.40 -1.94
N ILE A 10 -0.23 0.65 -2.75
CA ILE A 10 0.00 2.01 -2.25
C ILE A 10 1.44 2.16 -1.74
N HIS A 11 1.98 1.10 -1.16
CA HIS A 11 3.34 1.12 -0.64
C HIS A 11 3.74 -0.28 -0.18
N GLY A 12 2.72 -1.12 0.03
CA GLY A 12 2.93 -2.49 0.48
C GLY A 12 1.80 -2.95 1.36
N GLY A 13 0.63 -2.34 1.18
CA GLY A 13 -0.53 -2.70 1.97
C GLY A 13 -0.21 -2.61 3.45
N ARG A 14 0.04 -1.39 3.93
CA ARG A 14 0.37 -1.20 5.34
C ARG A 14 0.19 0.27 5.72
N PHE A 15 0.44 1.17 4.76
CA PHE A 15 0.31 2.61 5.02
C PHE A 15 -0.95 2.91 5.85
N ILE A 16 -1.91 1.97 5.81
CA ILE A 16 -3.17 2.11 6.55
C ILE A 16 -3.34 0.91 7.48
N HIS A 17 -3.74 -0.23 6.94
CA HIS A 17 -3.93 -1.43 7.75
C HIS A 17 -4.18 -2.65 6.86
N GLY A 18 -3.35 -2.78 5.82
CA GLY A 18 -3.47 -3.88 4.87
C GLY A 18 -3.76 -3.32 3.49
N MET A 19 -4.64 -2.31 3.50
CA MET A 19 -5.06 -1.58 2.31
C MET A 19 -6.51 -1.12 2.49
N ILE A 20 -6.65 0.08 3.07
CA ILE A 20 -7.96 0.62 3.38
C ILE A 20 -8.59 -0.38 4.33
N GLN A 21 -7.69 -1.13 4.96
CA GLN A 21 -8.05 -2.23 5.87
C GLN A 21 -8.20 -3.45 4.99
N ASN A 22 -7.36 -3.46 3.96
CA ASN A 22 -7.36 -4.51 2.97
C ASN A 22 -8.77 -4.86 2.57
N HIS A 23 -9.45 -3.83 2.06
CA HIS A 23 -10.84 -3.95 1.62
C HIS A 23 -10.89 -4.46 0.18
N HIS A 24 -11.60 -5.57 -0.03
CA HIS A 24 -11.72 -6.15 -1.35
C HIS A 24 -12.37 -5.15 -2.31
N PHE A 1 -4.11 -8.54 -17.48
CA PHE A 1 -3.65 -7.46 -16.61
C PHE A 1 -3.99 -7.76 -15.15
N LEU A 2 -3.18 -7.25 -14.24
CA LEU A 2 -3.40 -7.46 -12.81
C LEU A 2 -4.57 -6.59 -12.33
N GLY A 3 -4.78 -5.47 -13.00
CA GLY A 3 -5.86 -4.56 -12.64
C GLY A 3 -5.68 -4.01 -11.23
N ALA A 4 -4.58 -4.39 -10.58
CA ALA A 4 -4.31 -3.91 -9.23
C ALA A 4 -3.86 -2.46 -9.26
N LEU A 5 -3.85 -1.82 -8.08
CA LEU A 5 -3.45 -0.43 -7.98
C LEU A 5 -1.93 -0.32 -8.09
N ILE A 6 -1.27 -1.46 -8.33
CA ILE A 6 0.19 -1.51 -8.46
C ILE A 6 0.86 -0.56 -7.48
N LYS A 7 2.10 -0.13 -7.76
CA LYS A 7 2.84 0.60 -6.74
C LYS A 7 2.83 -0.38 -5.57
N GLY A 8 2.69 -1.61 -6.06
CA GLY A 8 2.51 -2.81 -5.32
C GLY A 8 1.68 -2.59 -4.08
N ALA A 9 0.36 -2.56 -4.28
CA ALA A 9 -0.57 -2.36 -3.18
C ALA A 9 -0.25 -1.06 -2.45
N ILE A 10 -0.13 0.03 -3.22
CA ILE A 10 0.19 1.35 -2.66
C ILE A 10 1.16 1.24 -1.47
N HIS A 11 2.42 0.93 -1.77
CA HIS A 11 3.44 0.79 -0.75
C HIS A 11 2.94 -0.05 0.42
N GLY A 12 1.94 -0.90 0.15
CA GLY A 12 1.38 -1.76 1.17
C GLY A 12 1.18 -1.04 2.50
N GLY A 13 -0.03 -0.51 2.71
CA GLY A 13 -0.33 0.20 3.94
C GLY A 13 0.78 1.13 4.35
N ARG A 14 0.89 2.26 3.65
CA ARG A 14 1.94 3.24 3.96
C ARG A 14 1.72 4.51 3.13
N PHE A 15 1.72 4.36 1.81
CA PHE A 15 1.50 5.50 0.93
C PHE A 15 0.08 5.98 1.08
N ILE A 16 -0.11 7.08 1.84
CA ILE A 16 -1.45 7.64 2.10
C ILE A 16 -2.46 6.50 2.23
N HIS A 17 -2.34 5.74 3.32
CA HIS A 17 -3.23 4.61 3.56
C HIS A 17 -3.33 4.32 5.05
N GLY A 18 -2.19 4.14 5.71
CA GLY A 18 -2.21 3.90 7.15
C GLY A 18 -2.99 5.01 7.81
N MET A 19 -2.50 6.21 7.54
CA MET A 19 -3.10 7.45 7.99
C MET A 19 -2.08 8.55 7.94
N ILE A 20 -1.78 8.98 6.71
CA ILE A 20 -0.75 9.97 6.49
C ILE A 20 0.54 9.33 6.98
N GLN A 21 0.40 8.00 7.14
CA GLN A 21 1.47 7.14 7.67
C GLN A 21 1.17 7.02 9.14
N ASN A 22 -0.13 7.00 9.43
CA ASN A 22 -0.62 6.95 10.79
C ASN A 22 0.20 7.85 11.67
N HIS A 23 0.28 9.10 11.22
CA HIS A 23 1.03 10.13 11.93
C HIS A 23 2.49 9.68 12.14
N HIS A 24 2.86 9.42 13.38
CA HIS A 24 4.22 8.98 13.69
C HIS A 24 4.49 7.62 13.07
N PHE A 1 -5.26 -4.92 -14.14
CA PHE A 1 -4.17 -4.99 -13.18
C PHE A 1 -4.57 -5.81 -11.96
N LEU A 2 -3.67 -5.90 -10.99
CA LEU A 2 -3.95 -6.66 -9.77
C LEU A 2 -5.03 -5.97 -8.94
N GLY A 3 -5.19 -6.41 -7.69
CA GLY A 3 -6.18 -5.83 -6.81
C GLY A 3 -5.75 -4.46 -6.30
N ALA A 4 -4.85 -3.81 -7.03
CA ALA A 4 -4.37 -2.50 -6.63
C ALA A 4 -3.54 -1.88 -7.75
N LEU A 5 -3.40 -0.55 -7.71
CA LEU A 5 -2.64 0.16 -8.73
C LEU A 5 -1.14 0.03 -8.43
N ILE A 6 -0.66 -1.21 -8.37
CA ILE A 6 0.76 -1.45 -8.09
C ILE A 6 1.23 -0.61 -6.92
N LYS A 7 2.48 -0.10 -6.99
CA LYS A 7 3.04 0.53 -5.80
C LYS A 7 2.88 -0.54 -4.73
N GLY A 8 2.84 -1.72 -5.33
CA GLY A 8 2.57 -2.98 -4.72
C GLY A 8 1.62 -2.87 -3.56
N ALA A 9 0.36 -2.66 -3.90
CA ALA A 9 -0.70 -2.52 -2.91
C ALA A 9 -0.53 -1.20 -2.17
N ILE A 10 -0.82 -0.10 -2.88
CA ILE A 10 -0.70 1.25 -2.30
C ILE A 10 0.79 1.56 -2.05
N HIS A 11 1.36 0.90 -1.05
CA HIS A 11 2.76 1.11 -0.71
C HIS A 11 3.26 -0.10 0.07
N GLY A 12 2.42 -1.12 0.13
CA GLY A 12 2.74 -2.36 0.84
C GLY A 12 2.05 -2.42 2.19
N GLY A 13 0.78 -2.03 2.22
CA GLY A 13 0.01 -2.05 3.45
C GLY A 13 0.77 -1.42 4.60
N ARG A 14 0.86 -0.09 4.59
CA ARG A 14 1.56 0.64 5.63
C ARG A 14 1.17 2.12 5.60
N PHE A 15 0.95 2.63 4.40
CA PHE A 15 0.56 4.04 4.24
C PHE A 15 -0.85 4.25 4.80
N ILE A 16 -1.64 3.18 4.83
CA ILE A 16 -3.00 3.25 5.34
C ILE A 16 -3.53 1.84 5.56
N HIS A 17 -2.98 1.19 6.58
CA HIS A 17 -3.37 -0.17 6.93
C HIS A 17 -2.67 -0.57 8.22
N GLY A 18 -1.56 0.11 8.49
CA GLY A 18 -0.78 -0.14 9.70
C GLY A 18 -0.02 1.11 10.11
N MET A 19 -0.76 2.20 10.29
CA MET A 19 -0.19 3.50 10.67
C MET A 19 -1.32 4.48 10.90
N ILE A 20 -2.04 4.81 9.83
CA ILE A 20 -3.23 5.63 10.01
C ILE A 20 -4.14 4.76 10.88
N GLN A 21 -3.65 3.52 11.05
CA GLN A 21 -4.25 2.51 11.86
C GLN A 21 -3.22 2.13 12.94
N ASN A 22 -1.88 2.31 12.67
CA ASN A 22 -0.86 1.95 13.70
C ASN A 22 -0.05 3.17 14.15
N HIS A 23 -0.64 4.36 14.12
CA HIS A 23 0.05 5.56 14.53
C HIS A 23 0.28 5.56 16.04
N HIS A 24 1.30 4.84 16.48
CA HIS A 24 1.60 4.76 17.91
C HIS A 24 1.69 6.16 18.52
N PHE A 1 5.36 4.06 -13.92
CA PHE A 1 4.48 3.13 -14.64
C PHE A 1 3.35 2.65 -13.73
N LEU A 2 2.12 2.74 -14.24
CA LEU A 2 0.96 2.31 -13.46
C LEU A 2 -0.24 2.07 -14.37
N GLY A 3 -1.34 1.61 -13.78
CA GLY A 3 -2.55 1.35 -14.55
C GLY A 3 -3.66 0.83 -13.68
N ALA A 4 -3.33 0.45 -12.45
CA ALA A 4 -4.32 -0.08 -11.52
C ALA A 4 -3.74 -0.17 -10.11
N LEU A 5 -4.23 -1.13 -9.33
CA LEU A 5 -3.75 -1.30 -7.97
C LEU A 5 -2.37 -1.96 -7.97
N ILE A 6 -1.33 -1.14 -7.87
CA ILE A 6 0.05 -1.63 -7.86
C ILE A 6 0.89 -0.80 -6.93
N LYS A 7 2.16 -0.55 -7.31
CA LYS A 7 3.07 0.08 -6.36
C LYS A 7 2.98 -0.85 -5.15
N GLY A 8 2.61 -2.06 -5.59
CA GLY A 8 2.29 -3.19 -4.78
C GLY A 8 1.64 -2.80 -3.47
N ALA A 9 0.42 -2.30 -3.57
CA ALA A 9 -0.34 -1.88 -2.42
C ALA A 9 0.23 -0.58 -1.88
N ILE A 10 0.02 0.50 -2.64
CA ILE A 10 0.52 1.83 -2.26
C ILE A 10 1.91 1.73 -1.61
N HIS A 11 2.03 2.05 -0.33
CA HIS A 11 3.32 1.96 0.35
C HIS A 11 3.53 0.57 0.92
N GLY A 12 3.03 -0.43 0.21
CA GLY A 12 3.15 -1.82 0.65
C GLY A 12 2.15 -2.14 1.74
N GLY A 13 1.02 -1.43 1.71
CA GLY A 13 -0.01 -1.64 2.71
C GLY A 13 0.44 -1.15 4.07
N ARG A 14 1.03 0.04 4.08
CA ARG A 14 1.52 0.64 5.33
C ARG A 14 1.08 2.10 5.44
N PHE A 15 0.95 2.78 4.30
CA PHE A 15 0.54 4.19 4.33
C PHE A 15 -0.74 4.33 5.16
N ILE A 16 -1.72 3.48 4.87
CA ILE A 16 -3.00 3.51 5.58
C ILE A 16 -3.69 2.14 5.49
N HIS A 17 -3.07 1.14 6.11
CA HIS A 17 -3.62 -0.21 6.09
C HIS A 17 -2.87 -1.08 7.10
N GLY A 18 -1.74 -0.56 7.55
CA GLY A 18 -0.91 -1.25 8.53
C GLY A 18 -0.27 -0.24 9.46
N MET A 19 -1.11 0.63 10.02
CA MET A 19 -0.68 1.71 10.93
C MET A 19 -1.90 2.45 11.41
N ILE A 20 -2.65 3.03 10.48
CA ILE A 20 -3.92 3.62 10.88
C ILE A 20 -4.76 2.42 11.29
N GLN A 21 -4.15 1.26 11.02
CA GLN A 21 -4.67 -0.04 11.36
C GLN A 21 -3.62 -0.73 12.24
N ASN A 22 -2.30 -0.36 12.14
CA ASN A 22 -1.27 -1.01 13.00
C ASN A 22 -0.64 -0.02 13.99
N HIS A 23 -1.36 1.05 14.31
CA HIS A 23 -0.85 2.05 15.23
C HIS A 23 0.57 2.47 14.86
N HIS A 24 1.16 3.34 15.67
CA HIS A 24 2.53 3.79 15.42
C HIS A 24 3.47 2.61 15.26
N PHE A 1 -5.45 8.57 -10.94
CA PHE A 1 -6.69 7.80 -10.86
C PHE A 1 -6.39 6.33 -10.58
N LEU A 2 -5.10 6.02 -10.40
CA LEU A 2 -4.70 4.66 -10.12
C LEU A 2 -5.26 3.71 -11.17
N GLY A 3 -6.40 3.10 -10.87
CA GLY A 3 -7.02 2.18 -11.80
C GLY A 3 -6.04 1.12 -12.29
N ALA A 4 -5.35 0.50 -11.35
CA ALA A 4 -4.38 -0.55 -11.70
C ALA A 4 -4.04 -1.38 -10.46
N LEU A 5 -4.29 -0.81 -9.29
CA LEU A 5 -4.01 -1.51 -8.04
C LEU A 5 -2.56 -2.03 -8.04
N ILE A 6 -1.64 -1.16 -7.66
CA ILE A 6 -0.23 -1.53 -7.61
C ILE A 6 0.56 -0.49 -6.85
N LYS A 7 1.84 -0.27 -7.20
CA LYS A 7 2.68 0.57 -6.34
C LYS A 7 2.57 -0.15 -5.00
N GLY A 8 2.30 -1.43 -5.23
CA GLY A 8 2.00 -2.42 -4.26
C GLY A 8 1.27 -1.86 -3.06
N ALA A 9 -0.03 -1.65 -3.23
CA ALA A 9 -0.87 -1.11 -2.18
C ALA A 9 -0.22 0.11 -1.54
N ILE A 10 0.16 1.07 -2.37
CA ILE A 10 0.80 2.31 -1.91
C ILE A 10 2.27 2.02 -1.56
N HIS A 11 2.50 0.93 -0.85
CA HIS A 11 3.86 0.53 -0.46
C HIS A 11 3.86 -0.93 -0.02
N GLY A 12 2.67 -1.44 0.28
CA GLY A 12 2.51 -2.82 0.72
C GLY A 12 1.29 -2.97 1.62
N GLY A 13 0.50 -1.91 1.70
CA GLY A 13 -0.69 -1.92 2.53
C GLY A 13 -0.35 -1.82 4.00
N ARG A 14 0.17 -0.66 4.41
CA ARG A 14 0.54 -0.46 5.80
C ARG A 14 0.91 1.00 6.06
N PHE A 15 1.66 1.60 5.13
CA PHE A 15 2.08 3.00 5.27
C PHE A 15 0.94 3.84 5.86
N ILE A 16 -0.28 3.48 5.49
CA ILE A 16 -1.47 4.15 5.97
C ILE A 16 -2.66 3.22 5.80
N HIS A 17 -2.49 1.96 6.21
CA HIS A 17 -3.55 0.96 6.10
C HIS A 17 -3.69 0.21 7.42
N GLY A 18 -2.56 -0.07 8.08
CA GLY A 18 -2.60 -0.75 9.36
C GLY A 18 -3.55 -0.07 10.29
N MET A 19 -3.47 1.25 10.27
CA MET A 19 -4.30 2.13 11.10
C MET A 19 -3.64 3.45 11.17
N ILE A 20 -2.69 3.65 10.25
CA ILE A 20 -1.88 4.86 10.30
C ILE A 20 -1.18 4.81 11.65
N GLN A 21 -1.58 3.80 12.45
CA GLN A 21 -1.02 3.60 13.80
C GLN A 21 -0.47 2.18 14.00
N ASN A 22 -0.89 1.22 13.14
CA ASN A 22 -0.41 -0.17 13.29
C ASN A 22 0.59 -0.49 12.18
N HIS A 23 0.34 0.05 10.99
CA HIS A 23 1.21 -0.21 9.86
C HIS A 23 1.49 -1.72 9.72
N HIS A 24 2.77 -2.07 9.55
CA HIS A 24 3.13 -3.48 9.41
C HIS A 24 2.50 -4.32 10.51
N PHE A 1 -6.51 5.80 -13.38
CA PHE A 1 -7.75 5.11 -13.71
C PHE A 1 -7.84 3.78 -12.96
N LEU A 2 -6.72 3.05 -12.94
CA LEU A 2 -6.68 1.76 -12.26
C LEU A 2 -6.82 1.95 -10.74
N GLY A 3 -7.32 0.92 -10.07
CA GLY A 3 -7.51 0.98 -8.63
C GLY A 3 -6.19 0.84 -7.89
N ALA A 4 -5.12 1.33 -8.49
CA ALA A 4 -3.79 1.25 -7.88
C ALA A 4 -3.46 -0.20 -7.53
N LEU A 5 -3.57 -1.08 -8.52
CA LEU A 5 -3.28 -2.50 -8.31
C LEU A 5 -1.77 -2.71 -8.20
N ILE A 6 -1.03 -1.62 -8.07
CA ILE A 6 0.43 -1.68 -7.95
C ILE A 6 0.93 -0.60 -7.03
N LYS A 7 2.12 -0.04 -7.31
CA LYS A 7 2.73 0.85 -6.32
C LYS A 7 2.75 -0.01 -5.07
N GLY A 8 2.76 -1.28 -5.44
CA GLY A 8 2.66 -2.42 -4.59
C GLY A 8 1.77 -2.15 -3.38
N ALA A 9 0.47 -2.15 -3.64
CA ALA A 9 -0.52 -1.91 -2.59
C ALA A 9 -0.24 -0.58 -1.91
N ILE A 10 -0.28 0.50 -2.68
CA ILE A 10 -0.01 1.86 -2.17
C ILE A 10 1.46 1.97 -1.73
N HIS A 11 1.83 1.24 -0.69
CA HIS A 11 3.21 1.26 -0.19
C HIS A 11 3.59 -0.12 0.34
N GLY A 12 2.62 -1.04 0.29
CA GLY A 12 2.82 -2.41 0.75
C GLY A 12 1.81 -2.81 1.80
N GLY A 13 0.62 -2.22 1.72
CA GLY A 13 -0.43 -2.54 2.67
C GLY A 13 0.00 -2.26 4.11
N ARG A 14 -0.02 -0.98 4.49
CA ARG A 14 0.38 -0.60 5.84
C ARG A 14 0.00 0.87 6.09
N PHE A 15 0.30 1.72 5.11
CA PHE A 15 -0.01 3.14 5.23
C PHE A 15 -1.46 3.35 5.68
N ILE A 16 -2.38 2.57 5.11
CA ILE A 16 -3.79 2.70 5.49
C ILE A 16 -3.95 2.27 6.95
N HIS A 17 -4.01 0.96 7.18
CA HIS A 17 -4.15 0.45 8.54
C HIS A 17 -3.91 -1.05 8.59
N GLY A 18 -2.73 -1.48 8.14
CA GLY A 18 -2.41 -2.90 8.14
C GLY A 18 -3.01 -3.62 6.98
N MET A 19 -2.53 -3.28 5.81
CA MET A 19 -2.99 -3.91 4.58
C MET A 19 -4.46 -4.16 4.56
N ILE A 20 -5.21 -3.53 5.45
CA ILE A 20 -6.62 -3.81 5.56
C ILE A 20 -6.73 -5.32 5.84
N GLN A 21 -5.54 -5.98 5.79
CA GLN A 21 -5.43 -7.43 6.02
C GLN A 21 -4.40 -7.72 7.12
N ASN A 22 -3.39 -6.86 7.28
CA ASN A 22 -2.41 -7.08 8.33
C ASN A 22 -2.99 -6.48 9.59
N HIS A 23 -3.77 -5.42 9.37
CA HIS A 23 -4.43 -4.74 10.48
C HIS A 23 -3.41 -4.20 11.48
N HIS A 24 -2.13 -4.38 11.17
CA HIS A 24 -1.07 -3.91 12.05
C HIS A 24 -0.92 -2.39 11.97
N PHE A 1 -4.78 5.00 -7.79
CA PHE A 1 -5.86 4.24 -8.41
C PHE A 1 -5.65 4.14 -9.91
N LEU A 2 -4.54 3.52 -10.31
CA LEU A 2 -4.23 3.36 -11.73
C LEU A 2 -5.04 2.21 -12.32
N GLY A 3 -6.10 1.82 -11.62
CA GLY A 3 -6.95 0.73 -12.09
C GLY A 3 -6.15 -0.55 -12.29
N ALA A 4 -5.33 -0.89 -11.31
CA ALA A 4 -4.52 -2.10 -11.38
C ALA A 4 -3.97 -2.46 -10.00
N LEU A 5 -4.15 -1.55 -9.05
CA LEU A 5 -3.68 -1.79 -7.69
C LEU A 5 -2.20 -2.19 -7.71
N ILE A 6 -1.32 -1.19 -7.64
CA ILE A 6 0.12 -1.44 -7.65
C ILE A 6 0.84 -0.39 -6.85
N LYS A 7 2.08 -0.02 -7.25
CA LYS A 7 2.90 0.82 -6.39
C LYS A 7 2.90 0.04 -5.08
N GLY A 8 2.71 -1.24 -5.37
CA GLY A 8 2.52 -2.30 -4.43
C GLY A 8 1.78 -1.86 -3.19
N ALA A 9 0.45 -1.83 -3.31
CA ALA A 9 -0.40 -1.41 -2.21
C ALA A 9 -0.01 -0.03 -1.72
N ILE A 10 0.36 0.84 -2.65
CA ILE A 10 0.76 2.21 -2.33
C ILE A 10 2.19 2.21 -1.73
N HIS A 11 2.46 1.21 -0.90
CA HIS A 11 3.77 1.08 -0.26
C HIS A 11 3.83 -0.22 0.52
N GLY A 12 2.68 -0.89 0.62
CA GLY A 12 2.56 -2.15 1.33
C GLY A 12 1.23 -2.26 2.04
N GLY A 13 0.36 -1.28 1.78
CA GLY A 13 -0.95 -1.24 2.40
C GLY A 13 -0.86 -0.95 3.87
N ARG A 14 -0.41 0.25 4.21
CA ARG A 14 -0.28 0.64 5.61
C ARG A 14 -0.05 2.14 5.72
N PHE A 15 0.65 2.70 4.73
CA PHE A 15 0.94 4.13 4.71
C PHE A 15 -0.29 4.95 5.10
N ILE A 16 -1.42 4.65 4.46
CA ILE A 16 -2.68 5.35 4.75
C ILE A 16 -3.39 4.68 5.94
N HIS A 17 -4.03 3.54 5.68
CA HIS A 17 -4.74 2.83 6.75
C HIS A 17 -5.20 1.48 6.22
N GLY A 18 -4.25 0.57 6.02
CA GLY A 18 -4.59 -0.74 5.48
C GLY A 18 -5.17 -0.60 4.12
N MET A 19 -4.41 0.08 3.28
CA MET A 19 -4.80 0.33 1.90
C MET A 19 -6.26 0.61 1.77
N ILE A 20 -6.90 0.97 2.87
CA ILE A 20 -8.34 1.13 2.85
C ILE A 20 -8.91 -0.20 2.33
N GLN A 21 -7.96 -1.11 1.98
CA GLN A 21 -8.31 -2.43 1.45
C GLN A 21 -7.40 -3.53 2.02
N ASN A 22 -6.22 -3.16 2.55
CA ASN A 22 -5.33 -4.18 3.13
C ASN A 22 -5.78 -4.39 4.56
N HIS A 23 -6.15 -3.29 5.21
CA HIS A 23 -6.63 -3.34 6.61
C HIS A 23 -5.45 -3.55 7.56
N HIS A 24 -5.77 -3.98 8.78
CA HIS A 24 -4.73 -4.21 9.79
C HIS A 24 -3.78 -5.31 9.33
N PHE A 1 -2.95 -11.99 -6.27
CA PHE A 1 -3.89 -11.13 -6.98
C PHE A 1 -3.61 -9.67 -6.66
N LEU A 2 -2.63 -9.10 -7.36
CA LEU A 2 -2.27 -7.70 -7.16
C LEU A 2 -3.27 -6.77 -7.84
N GLY A 3 -4.55 -7.06 -7.68
CA GLY A 3 -5.59 -6.26 -8.27
C GLY A 3 -5.41 -4.78 -7.99
N ALA A 4 -4.80 -4.47 -6.85
CA ALA A 4 -4.56 -3.09 -6.47
C ALA A 4 -3.82 -2.35 -7.58
N LEU A 5 -3.78 -1.02 -7.48
CA LEU A 5 -3.10 -0.20 -8.48
C LEU A 5 -1.58 -0.24 -8.28
N ILE A 6 -1.05 -1.44 -8.05
CA ILE A 6 0.39 -1.60 -7.84
C ILE A 6 0.89 -0.62 -6.80
N LYS A 7 2.08 -0.03 -7.04
CA LYS A 7 2.71 0.76 -5.97
C LYS A 7 2.71 -0.21 -4.81
N GLY A 8 2.72 -1.45 -5.30
CA GLY A 8 2.60 -2.66 -4.55
C GLY A 8 1.72 -2.51 -3.34
N ALA A 9 0.43 -2.72 -3.53
CA ALA A 9 -0.55 -2.59 -2.47
C ALA A 9 -0.57 -1.18 -1.90
N ILE A 10 -0.68 -0.20 -2.79
CA ILE A 10 -0.72 1.21 -2.40
C ILE A 10 0.70 1.69 -2.03
N HIS A 11 1.44 0.84 -1.32
CA HIS A 11 2.79 1.19 -0.90
C HIS A 11 3.47 -0.03 -0.26
N GLY A 12 2.69 -1.11 -0.11
CA GLY A 12 3.19 -2.34 0.49
C GLY A 12 2.36 -2.75 1.68
N GLY A 13 1.07 -2.46 1.61
CA GLY A 13 0.16 -2.80 2.70
C GLY A 13 0.59 -2.16 4.00
N ARG A 14 0.46 -0.83 4.07
CA ARG A 14 0.84 -0.09 5.28
C ARG A 14 0.10 1.24 5.34
N PHE A 15 0.32 2.09 4.34
CA PHE A 15 -0.35 3.38 4.31
C PHE A 15 -1.86 3.19 4.37
N ILE A 16 -2.40 3.24 5.59
CA ILE A 16 -3.84 3.06 5.83
C ILE A 16 -4.43 2.02 4.86
N HIS A 17 -4.04 0.77 5.08
CA HIS A 17 -4.51 -0.33 4.24
C HIS A 17 -4.06 -1.67 4.84
N GLY A 18 -3.06 -1.61 5.72
CA GLY A 18 -2.54 -2.80 6.36
C GLY A 18 -1.77 -2.45 7.62
N MET A 19 -2.43 -1.70 8.51
CA MET A 19 -1.85 -1.26 9.79
C MET A 19 -2.90 -0.51 10.56
N ILE A 20 -3.36 0.60 9.99
CA ILE A 20 -4.49 1.28 10.60
C ILE A 20 -5.64 0.30 10.44
N GLN A 21 -5.29 -0.76 9.68
CA GLN A 21 -6.13 -1.89 9.40
C GLN A 21 -5.40 -3.14 9.91
N ASN A 22 -4.03 -3.12 10.00
CA ASN A 22 -3.31 -4.32 10.50
C ASN A 22 -2.55 -4.03 11.80
N HIS A 23 -3.03 -3.08 12.58
CA HIS A 23 -2.38 -2.72 13.84
C HIS A 23 -2.10 -3.97 14.67
N HIS A 24 -3.04 -4.34 15.54
CA HIS A 24 -2.88 -5.52 16.37
C HIS A 24 -2.93 -6.79 15.53
N PHE A 1 0.63 -7.27 -12.65
CA PHE A 1 -0.43 -8.25 -12.44
C PHE A 1 -1.79 -7.56 -12.35
N LEU A 2 -1.97 -6.77 -11.29
CA LEU A 2 -3.22 -6.06 -11.08
C LEU A 2 -3.31 -4.86 -12.02
N GLY A 3 -2.19 -4.19 -12.25
CA GLY A 3 -2.15 -3.04 -13.11
C GLY A 3 -2.98 -1.89 -12.57
N ALA A 4 -2.95 -1.71 -11.26
CA ALA A 4 -3.71 -0.63 -10.63
C ALA A 4 -3.32 -0.50 -9.16
N LEU A 5 -3.65 -1.51 -8.37
CA LEU A 5 -3.33 -1.50 -6.93
C LEU A 5 -1.85 -1.84 -6.72
N ILE A 6 -1.02 -1.51 -7.71
CA ILE A 6 0.41 -1.78 -7.62
C ILE A 6 1.09 -0.77 -6.73
N LYS A 7 2.37 -0.45 -7.04
CA LYS A 7 3.14 0.36 -6.09
C LYS A 7 3.00 -0.42 -4.80
N GLY A 8 2.79 -1.70 -5.12
CA GLY A 8 2.49 -2.76 -4.22
C GLY A 8 1.64 -2.31 -3.06
N ALA A 9 0.33 -2.38 -3.26
CA ALA A 9 -0.62 -1.97 -2.25
C ALA A 9 -0.37 -0.54 -1.82
N ILE A 10 -0.33 0.36 -2.81
CA ILE A 10 -0.10 1.79 -2.56
C ILE A 10 1.37 2.03 -2.15
N HIS A 11 1.95 1.09 -1.41
CA HIS A 11 3.34 1.22 -0.98
C HIS A 11 3.79 -0.06 -0.28
N GLY A 12 2.81 -0.87 0.13
CA GLY A 12 3.10 -2.12 0.82
C GLY A 12 1.93 -2.52 1.70
N GLY A 13 0.86 -1.74 1.65
CA GLY A 13 -0.32 -2.00 2.44
C GLY A 13 -1.32 -0.88 2.32
N ARG A 14 -1.05 0.23 3.01
CA ARG A 14 -1.91 1.40 2.96
C ARG A 14 -1.23 2.58 3.63
N PHE A 15 -0.41 3.30 2.87
CA PHE A 15 0.32 4.43 3.42
C PHE A 15 1.22 3.92 4.53
N ILE A 16 0.63 3.67 5.70
CA ILE A 16 1.39 3.11 6.79
C ILE A 16 1.77 1.69 6.37
N HIS A 17 0.75 0.82 6.32
CA HIS A 17 0.95 -0.57 5.89
C HIS A 17 -0.36 -1.37 6.01
N GLY A 18 -1.41 -1.01 5.24
CA GLY A 18 -2.68 -1.74 5.31
C GLY A 18 -3.76 -0.86 5.91
N MET A 19 -3.33 -0.04 6.87
CA MET A 19 -4.17 0.94 7.57
C MET A 19 -3.74 1.02 9.03
N ILE A 20 -2.81 1.95 9.29
CA ILE A 20 -2.26 2.09 10.63
C ILE A 20 -1.63 0.76 10.96
N GLN A 21 -1.33 0.05 9.88
CA GLN A 21 -0.79 -1.31 9.93
C GLN A 21 -1.99 -2.22 10.00
N ASN A 22 -3.04 -1.77 9.30
CA ASN A 22 -4.32 -2.44 9.27
C ASN A 22 -4.69 -2.92 10.66
N HIS A 23 -4.81 -1.93 11.53
CA HIS A 23 -5.15 -2.19 12.93
C HIS A 23 -4.22 -3.25 13.52
N HIS A 24 -4.44 -3.60 14.78
CA HIS A 24 -3.62 -4.60 15.44
C HIS A 24 -3.58 -5.89 14.63
N PHE A 1 -1.68 8.90 -12.47
CA PHE A 1 -2.22 8.28 -13.68
C PHE A 1 -2.11 6.77 -13.60
N LEU A 2 -1.73 6.27 -12.43
CA LEU A 2 -1.58 4.82 -12.23
C LEU A 2 -2.95 4.15 -12.21
N GLY A 3 -3.46 3.81 -13.40
CA GLY A 3 -4.76 3.16 -13.50
C GLY A 3 -4.69 1.69 -13.14
N ALA A 4 -4.14 1.39 -11.97
CA ALA A 4 -4.01 0.01 -11.52
C ALA A 4 -3.52 -0.05 -10.08
N LEU A 5 -4.29 -0.71 -9.22
CA LEU A 5 -3.91 -0.83 -7.81
C LEU A 5 -2.72 -1.78 -7.66
N ILE A 6 -1.52 -1.21 -7.62
CA ILE A 6 -0.30 -2.00 -7.47
C ILE A 6 0.74 -1.24 -6.70
N LYS A 7 2.04 -1.43 -7.03
CA LYS A 7 3.08 -0.88 -6.18
C LYS A 7 2.73 -1.45 -4.81
N GLY A 8 2.04 -2.57 -5.00
CA GLY A 8 1.43 -3.36 -4.00
C GLY A 8 0.87 -2.53 -2.86
N ALA A 9 -0.37 -2.08 -3.04
CA ALA A 9 -1.05 -1.25 -2.06
C ALA A 9 -0.09 -0.21 -1.48
N ILE A 10 0.68 0.41 -2.36
CA ILE A 10 1.67 1.43 -1.95
C ILE A 10 2.33 1.05 -0.63
N HIS A 11 1.81 1.56 0.47
CA HIS A 11 2.36 1.24 1.78
C HIS A 11 2.44 -0.27 1.98
N GLY A 12 1.88 -1.04 1.04
CA GLY A 12 1.95 -2.48 1.17
C GLY A 12 3.37 -2.97 1.05
N GLY A 13 4.28 -2.02 0.86
CA GLY A 13 5.69 -2.33 0.73
C GLY A 13 6.55 -1.10 0.88
N ARG A 14 5.99 0.07 0.53
CA ARG A 14 6.73 1.31 0.64
C ARG A 14 6.99 1.66 2.11
N PHE A 15 6.01 1.39 2.97
CA PHE A 15 6.15 1.68 4.39
C PHE A 15 7.55 1.28 4.90
N ILE A 16 7.96 0.06 4.58
CA ILE A 16 9.27 -0.41 5.01
C ILE A 16 10.38 0.45 4.40
N HIS A 17 10.81 0.13 3.17
CA HIS A 17 11.86 0.90 2.52
C HIS A 17 11.81 0.67 1.00
N GLY A 18 10.60 0.50 0.48
CA GLY A 18 10.39 0.26 -0.94
C GLY A 18 9.56 -0.99 -1.12
N MET A 19 9.95 -2.01 -0.36
CA MET A 19 9.28 -3.31 -0.34
C MET A 19 10.25 -4.34 0.20
N ILE A 20 10.28 -4.46 1.54
CA ILE A 20 11.21 -5.34 2.19
C ILE A 20 12.58 -4.83 1.81
N GLN A 21 12.56 -3.55 1.42
CA GLN A 21 13.75 -2.85 0.92
C GLN A 21 13.78 -3.11 -0.57
N ASN A 22 12.56 -3.21 -1.10
CA ASN A 22 12.35 -3.49 -2.51
C ASN A 22 13.25 -4.61 -2.96
N HIS A 23 13.09 -5.74 -2.28
CA HIS A 23 13.87 -6.94 -2.57
C HIS A 23 13.48 -7.52 -3.93
N HIS A 24 14.06 -6.99 -5.00
CA HIS A 24 13.75 -7.47 -6.34
C HIS A 24 13.91 -8.98 -6.42
N PHE A 1 -1.69 -11.67 -10.78
CA PHE A 1 -3.06 -11.23 -10.97
C PHE A 1 -3.14 -9.70 -11.02
N LEU A 2 -2.04 -9.06 -10.67
CA LEU A 2 -1.99 -7.59 -10.68
C LEU A 2 -2.53 -7.03 -12.00
N GLY A 3 -2.60 -5.71 -12.09
CA GLY A 3 -3.09 -5.06 -13.28
C GLY A 3 -3.35 -3.58 -13.05
N ALA A 4 -3.34 -3.18 -11.79
CA ALA A 4 -3.57 -1.79 -11.43
C ALA A 4 -3.09 -1.52 -10.01
N LEU A 5 -3.53 -0.41 -9.42
CA LEU A 5 -3.13 -0.06 -8.06
C LEU A 5 -1.62 0.12 -7.97
N ILE A 6 -0.89 -0.99 -7.97
CA ILE A 6 0.57 -0.95 -7.87
C ILE A 6 0.99 -0.06 -6.73
N LYS A 7 2.15 0.61 -6.87
CA LYS A 7 2.70 1.32 -5.71
C LYS A 7 2.73 0.24 -4.63
N GLY A 8 2.79 -0.95 -5.23
CA GLY A 8 2.73 -2.23 -4.62
C GLY A 8 1.77 -2.28 -3.44
N ALA A 9 0.48 -2.47 -3.76
CA ALA A 9 -0.57 -2.56 -2.76
C ALA A 9 -0.52 -1.37 -1.83
N ILE A 10 -0.68 -0.16 -2.38
CA ILE A 10 -0.64 1.04 -1.56
C ILE A 10 0.73 1.13 -0.88
N HIS A 11 1.62 0.21 -1.27
CA HIS A 11 2.98 0.13 -0.74
C HIS A 11 2.98 -0.60 0.59
N GLY A 12 1.95 -1.42 0.78
CA GLY A 12 1.81 -2.19 2.01
C GLY A 12 1.56 -1.28 3.19
N GLY A 13 0.72 -0.26 2.97
CA GLY A 13 0.39 0.68 4.02
C GLY A 13 1.53 1.66 4.25
N ARG A 14 1.98 2.32 3.18
CA ARG A 14 3.08 3.29 3.27
C ARG A 14 2.88 4.42 2.25
N PHE A 15 1.97 4.21 1.30
CA PHE A 15 1.70 5.23 0.28
C PHE A 15 0.78 6.30 0.85
N ILE A 16 -0.15 5.86 1.70
CA ILE A 16 -1.10 6.76 2.34
C ILE A 16 -1.33 6.28 3.77
N HIS A 17 -0.24 6.13 4.51
CA HIS A 17 -0.29 5.67 5.90
C HIS A 17 0.74 6.43 6.71
N GLY A 18 1.83 6.80 6.06
CA GLY A 18 2.89 7.56 6.71
C GLY A 18 2.31 8.71 7.51
N MET A 19 1.17 9.19 7.02
CA MET A 19 0.44 10.31 7.61
C MET A 19 -0.35 10.96 6.54
N ILE A 20 -0.45 10.25 5.41
CA ILE A 20 -1.07 10.81 4.25
C ILE A 20 -0.22 12.02 3.88
N GLN A 21 0.74 12.33 4.80
CA GLN A 21 1.65 13.46 4.61
C GLN A 21 3.11 13.02 4.64
N ASN A 22 3.39 11.78 5.06
CA ASN A 22 4.77 11.27 5.11
C ASN A 22 4.92 10.09 4.16
N HIS A 23 3.84 9.34 3.99
CA HIS A 23 3.85 8.18 3.09
C HIS A 23 5.15 7.39 3.23
N HIS A 24 5.77 7.48 4.41
CA HIS A 24 7.02 6.78 4.66
C HIS A 24 7.23 6.61 6.17
N PHE A 1 -5.12 -7.81 -13.87
CA PHE A 1 -5.95 -6.67 -13.47
C PHE A 1 -6.37 -6.79 -12.01
N LEU A 2 -5.40 -6.66 -11.11
CA LEU A 2 -5.68 -6.76 -9.68
C LEU A 2 -6.39 -5.49 -9.18
N GLY A 3 -7.06 -5.60 -8.05
CA GLY A 3 -7.77 -4.47 -7.48
C GLY A 3 -6.81 -3.35 -7.09
N ALA A 4 -5.59 -3.72 -6.74
CA ALA A 4 -4.59 -2.74 -6.33
C ALA A 4 -3.98 -2.07 -7.56
N LEU A 5 -3.71 -0.77 -7.45
CA LEU A 5 -3.11 0.00 -8.55
C LEU A 5 -1.59 -0.04 -8.46
N ILE A 6 -1.04 -1.24 -8.37
CA ILE A 6 0.42 -1.40 -8.28
C ILE A 6 0.99 -0.51 -7.20
N LYS A 7 2.16 0.11 -7.46
CA LYS A 7 2.86 0.79 -6.37
C LYS A 7 2.95 -0.28 -5.31
N GLY A 8 2.92 -1.47 -5.91
CA GLY A 8 2.87 -2.75 -5.28
C GLY A 8 2.09 -2.71 -3.98
N ALA A 9 0.78 -2.85 -4.11
CA ALA A 9 -0.11 -2.83 -2.95
C ALA A 9 0.09 -1.57 -2.14
N ILE A 10 -0.15 -0.42 -2.78
CA ILE A 10 0.00 0.90 -2.14
C ILE A 10 1.13 0.92 -1.12
N HIS A 11 2.36 1.06 -1.60
CA HIS A 11 3.53 1.10 -0.73
C HIS A 11 3.48 0.01 0.32
N GLY A 12 2.66 -1.00 0.07
CA GLY A 12 2.52 -2.11 1.00
C GLY A 12 1.67 -1.75 2.22
N GLY A 13 0.41 -1.45 1.97
CA GLY A 13 -0.50 -1.09 3.04
C GLY A 13 0.07 0.00 3.92
N ARG A 14 1.16 0.62 3.48
CA ARG A 14 1.79 1.69 4.25
C ARG A 14 1.09 3.03 3.97
N PHE A 15 0.98 3.37 2.70
CA PHE A 15 0.33 4.62 2.29
C PHE A 15 -1.14 4.60 2.67
N ILE A 16 -1.48 5.37 3.73
CA ILE A 16 -2.87 5.44 4.22
C ILE A 16 -3.58 4.10 4.06
N HIS A 17 -3.29 3.18 4.97
CA HIS A 17 -3.88 1.86 4.92
C HIS A 17 -3.47 1.09 6.17
N GLY A 18 -2.17 1.14 6.50
CA GLY A 18 -1.70 0.48 7.71
C GLY A 18 -2.54 0.93 8.86
N MET A 19 -2.61 2.26 8.98
CA MET A 19 -3.43 2.91 9.98
C MET A 19 -3.13 4.39 9.97
N ILE A 20 -3.72 5.09 9.00
CA ILE A 20 -3.46 6.51 8.84
C ILE A 20 -2.00 6.61 8.52
N GLN A 21 -1.48 5.44 8.12
CA GLN A 21 -0.07 5.25 7.80
C GLN A 21 0.54 4.66 9.04
N ASN A 22 -0.28 3.88 9.74
CA ASN A 22 0.11 3.25 10.98
C ASN A 22 0.84 4.26 11.85
N HIS A 23 0.22 5.43 11.97
CA HIS A 23 0.78 6.51 12.77
C HIS A 23 0.58 6.23 14.26
N HIS A 24 1.48 6.75 15.09
CA HIS A 24 1.39 6.55 16.53
C HIS A 24 1.31 5.07 16.86
N PHE A 1 -4.42 -7.07 -15.91
CA PHE A 1 -5.52 -7.01 -14.96
C PHE A 1 -5.14 -6.15 -13.75
N LEU A 2 -4.63 -4.95 -14.03
CA LEU A 2 -4.23 -4.05 -12.96
C LEU A 2 -4.06 -2.63 -13.51
N GLY A 3 -3.78 -1.68 -12.61
CA GLY A 3 -3.59 -0.29 -13.00
C GLY A 3 -3.81 0.65 -11.84
N ALA A 4 -3.80 0.10 -10.63
CA ALA A 4 -4.01 0.91 -9.43
C ALA A 4 -3.60 0.14 -8.18
N LEU A 5 -3.69 -1.18 -8.26
CA LEU A 5 -3.34 -2.04 -7.13
C LEU A 5 -1.82 -2.16 -7.02
N ILE A 6 -1.11 -1.65 -8.03
CA ILE A 6 0.35 -1.70 -8.03
C ILE A 6 0.91 -0.66 -7.12
N LYS A 7 2.12 -0.15 -7.42
CA LYS A 7 2.79 0.71 -6.45
C LYS A 7 2.83 -0.17 -5.21
N GLY A 8 2.78 -1.45 -5.60
CA GLY A 8 2.67 -2.59 -4.78
C GLY A 8 1.80 -2.34 -3.56
N ALA A 9 0.49 -2.49 -3.77
CA ALA A 9 -0.48 -2.27 -2.71
C ALA A 9 -0.36 -0.85 -2.17
N ILE A 10 -0.36 0.12 -3.09
CA ILE A 10 -0.26 1.54 -2.74
C ILE A 10 1.17 1.87 -2.26
N HIS A 11 1.69 1.07 -1.32
CA HIS A 11 3.02 1.28 -0.80
C HIS A 11 3.43 0.11 0.10
N GLY A 12 2.55 -0.89 0.18
CA GLY A 12 2.78 -2.07 1.00
C GLY A 12 1.72 -2.24 2.06
N GLY A 13 0.57 -1.59 1.85
CA GLY A 13 -0.52 -1.67 2.80
C GLY A 13 -0.12 -1.15 4.16
N ARG A 14 0.02 0.17 4.25
CA ARG A 14 0.40 0.80 5.51
C ARG A 14 0.26 2.31 5.42
N PHE A 15 0.21 2.82 4.18
CA PHE A 15 0.07 4.25 3.96
C PHE A 15 -1.07 4.82 4.80
N ILE A 16 -2.00 3.93 5.19
CA ILE A 16 -3.15 4.32 6.02
C ILE A 16 -3.31 3.31 7.15
N HIS A 17 -3.78 2.10 6.80
CA HIS A 17 -3.97 1.07 7.81
C HIS A 17 -4.28 -0.26 7.13
N GLY A 18 -3.26 -0.86 6.53
CA GLY A 18 -3.45 -2.11 5.82
C GLY A 18 -4.37 -1.93 4.65
N MET A 19 -4.07 -0.98 3.83
CA MET A 19 -4.87 -0.73 2.65
C MET A 19 -6.33 -0.76 2.93
N ILE A 20 -6.71 -0.67 4.19
CA ILE A 20 -8.10 -0.79 4.56
C ILE A 20 -8.55 -2.18 4.07
N GLN A 21 -7.65 -2.81 3.27
CA GLN A 21 -7.90 -4.15 2.73
C GLN A 21 -7.08 -5.17 3.52
N ASN A 22 -5.81 -4.83 3.76
CA ASN A 22 -4.94 -5.69 4.55
C ASN A 22 -5.27 -5.42 6.01
N HIS A 23 -5.75 -4.20 6.28
CA HIS A 23 -6.11 -3.83 7.64
C HIS A 23 -4.92 -4.05 8.59
N HIS A 24 -4.80 -5.26 9.12
CA HIS A 24 -3.71 -5.57 10.04
C HIS A 24 -3.65 -7.06 10.32
N PHE A 1 -6.82 1.05 -17.93
CA PHE A 1 -5.68 0.30 -17.42
C PHE A 1 -5.64 0.37 -15.89
N LEU A 2 -4.77 -0.43 -15.29
CA LEU A 2 -4.63 -0.46 -13.84
C LEU A 2 -4.04 0.87 -13.35
N GLY A 3 -4.22 1.16 -12.07
CA GLY A 3 -3.70 2.38 -11.49
C GLY A 3 -3.90 2.42 -9.99
N ALA A 4 -3.82 1.26 -9.35
CA ALA A 4 -3.99 1.17 -7.91
C ALA A 4 -3.59 -0.21 -7.41
N LEU A 5 -3.75 -1.22 -8.25
CA LEU A 5 -3.40 -2.58 -7.89
C LEU A 5 -1.88 -2.78 -7.93
N ILE A 6 -1.15 -1.67 -7.93
CA ILE A 6 0.31 -1.71 -7.95
C ILE A 6 0.89 -0.57 -7.16
N LYS A 7 2.10 -0.12 -7.53
CA LYS A 7 2.80 0.84 -6.68
C LYS A 7 2.84 0.10 -5.34
N GLY A 8 2.79 -1.20 -5.59
CA GLY A 8 2.68 -2.25 -4.63
C GLY A 8 1.82 -1.87 -3.45
N ALA A 9 0.52 -2.01 -3.61
CA ALA A 9 -0.44 -1.69 -2.56
C ALA A 9 -0.17 -0.30 -2.00
N ILE A 10 0.04 0.67 -2.90
CA ILE A 10 0.30 2.06 -2.52
C ILE A 10 1.71 2.19 -1.92
N HIS A 11 2.06 1.30 -1.00
CA HIS A 11 3.38 1.33 -0.36
C HIS A 11 3.73 -0.06 0.15
N GLY A 12 2.72 -0.93 0.20
CA GLY A 12 2.90 -2.30 0.69
C GLY A 12 1.82 -2.67 1.68
N GLY A 13 0.63 -2.12 1.48
CA GLY A 13 -0.48 -2.39 2.38
C GLY A 13 -0.17 -1.97 3.80
N ARG A 14 0.13 -0.68 3.97
CA ARG A 14 0.45 -0.12 5.30
C ARG A 14 -0.45 1.08 5.56
N PHE A 15 -0.46 2.03 4.63
CA PHE A 15 -1.29 3.21 4.76
C PHE A 15 -2.75 2.78 4.80
N ILE A 16 -3.29 2.42 3.63
CA ILE A 16 -4.68 1.95 3.54
C ILE A 16 -4.69 0.44 3.78
N HIS A 17 -4.32 0.08 5.00
CA HIS A 17 -4.26 -1.33 5.40
C HIS A 17 -4.44 -1.44 6.91
N GLY A 18 -3.53 -0.82 7.67
CA GLY A 18 -3.67 -0.82 9.10
C GLY A 18 -4.94 -0.09 9.43
N MET A 19 -4.94 1.19 9.08
CA MET A 19 -6.10 2.05 9.25
C MET A 19 -5.74 3.48 8.94
N ILE A 20 -5.79 3.81 7.64
CA ILE A 20 -5.41 5.15 7.20
C ILE A 20 -3.97 5.31 7.62
N GLN A 21 -3.37 4.14 7.88
CA GLN A 21 -1.99 4.02 8.36
C GLN A 21 -2.09 3.84 9.86
N ASN A 22 -3.20 3.21 10.26
CA ASN A 22 -3.50 2.99 11.65
C ASN A 22 -3.24 4.27 12.44
N HIS A 23 -3.73 5.36 11.87
CA HIS A 23 -3.56 6.68 12.49
C HIS A 23 -2.09 7.01 12.66
N HIS A 24 -1.76 8.29 12.69
CA HIS A 24 -0.38 8.73 12.84
C HIS A 24 0.52 8.03 11.83
N PHE A 1 -2.51 4.13 -18.37
CA PHE A 1 -2.38 4.29 -16.93
C PHE A 1 -2.10 2.93 -16.26
N LEU A 2 -1.99 2.95 -14.94
CA LEU A 2 -1.72 1.72 -14.19
C LEU A 2 -2.94 0.80 -14.23
N GLY A 3 -2.70 -0.47 -14.52
CA GLY A 3 -3.78 -1.44 -14.58
C GLY A 3 -4.51 -1.58 -13.25
N ALA A 4 -3.78 -1.37 -12.16
CA ALA A 4 -4.38 -1.48 -10.83
C ALA A 4 -3.48 -0.81 -9.79
N LEU A 5 -3.87 -0.94 -8.52
CA LEU A 5 -3.11 -0.35 -7.43
C LEU A 5 -1.87 -1.19 -7.12
N ILE A 6 -0.79 -0.93 -7.85
CA ILE A 6 0.47 -1.66 -7.64
C ILE A 6 1.29 -0.96 -6.58
N LYS A 7 2.62 -0.94 -6.75
CA LYS A 7 3.47 -0.46 -5.64
C LYS A 7 2.99 -1.30 -4.47
N GLY A 8 2.49 -2.44 -4.94
CA GLY A 8 1.82 -3.45 -4.21
C GLY A 8 1.02 -2.90 -3.05
N ALA A 9 -0.08 -2.24 -3.40
CA ALA A 9 -0.96 -1.65 -2.41
C ALA A 9 -0.35 -0.37 -1.85
N ILE A 10 -0.29 0.66 -2.69
CA ILE A 10 0.27 1.97 -2.31
C ILE A 10 1.42 1.85 -1.31
N HIS A 11 1.13 2.09 -0.03
CA HIS A 11 2.14 2.03 1.02
C HIS A 11 3.09 0.86 0.84
N GLY A 12 2.72 -0.12 0.02
CA GLY A 12 3.59 -1.26 -0.22
C GLY A 12 5.01 -0.80 -0.56
N GLY A 13 5.13 0.48 -0.87
CA GLY A 13 6.41 1.07 -1.21
C GLY A 13 6.38 2.58 -1.02
N ARG A 14 5.25 3.19 -1.35
CA ARG A 14 5.10 4.64 -1.21
C ARG A 14 5.58 5.11 0.15
N PHE A 15 5.05 4.48 1.19
CA PHE A 15 5.42 4.85 2.56
C PHE A 15 6.95 4.89 2.72
N ILE A 16 7.65 4.09 1.92
CA ILE A 16 9.13 4.06 1.98
C ILE A 16 9.74 4.35 0.63
N HIS A 17 9.11 5.24 -0.13
CA HIS A 17 9.62 5.66 -1.44
C HIS A 17 9.50 7.16 -1.53
N GLY A 18 8.46 7.70 -0.88
CA GLY A 18 8.28 9.14 -0.85
C GLY A 18 9.57 9.81 -0.42
N MET A 19 10.14 9.23 0.62
CA MET A 19 11.39 9.70 1.21
C MET A 19 11.53 9.11 2.56
N ILE A 20 10.77 8.04 2.80
CA ILE A 20 10.73 7.45 4.11
C ILE A 20 10.24 8.56 5.04
N GLN A 21 10.10 9.77 4.44
CA GLN A 21 9.65 10.95 5.18
C GLN A 21 8.52 11.70 4.45
N ASN A 22 8.29 11.42 3.15
CA ASN A 22 7.22 12.10 2.41
C ASN A 22 6.07 11.15 2.19
N HIS A 23 6.37 9.87 1.99
CA HIS A 23 5.31 8.89 1.77
C HIS A 23 4.39 9.35 0.64
N HIS A 24 3.19 9.79 0.99
CA HIS A 24 2.23 10.26 0.00
C HIS A 24 2.67 11.60 -0.57
N PHE A 1 -5.96 8.83 -12.29
CA PHE A 1 -6.06 7.73 -11.33
C PHE A 1 -5.64 6.42 -11.97
N LEU A 2 -5.16 5.49 -11.15
CA LEU A 2 -4.72 4.19 -11.65
C LEU A 2 -5.94 3.34 -12.02
N GLY A 3 -5.78 2.02 -11.94
CA GLY A 3 -6.86 1.11 -12.28
C GLY A 3 -6.52 -0.33 -11.95
N ALA A 4 -5.61 -0.52 -11.00
CA ALA A 4 -5.21 -1.86 -10.59
C ALA A 4 -4.35 -1.82 -9.34
N LEU A 5 -3.87 -0.62 -9.00
CA LEU A 5 -3.04 -0.46 -7.81
C LEU A 5 -1.86 -1.42 -7.85
N ILE A 6 -0.69 -0.90 -8.23
CA ILE A 6 0.52 -1.73 -8.31
C ILE A 6 1.74 -0.92 -8.03
N LYS A 7 1.57 0.08 -7.17
CA LYS A 7 2.73 0.78 -6.63
C LYS A 7 3.06 -0.11 -5.43
N GLY A 8 2.67 -1.35 -5.71
CA GLY A 8 2.71 -2.49 -4.87
C GLY A 8 2.00 -2.23 -3.55
N ALA A 9 0.67 -2.20 -3.64
CA ALA A 9 -0.17 -1.95 -2.50
C ALA A 9 0.22 -0.62 -1.87
N ILE A 10 -0.05 0.46 -2.60
CA ILE A 10 0.29 1.82 -2.14
C ILE A 10 1.71 1.82 -1.55
N HIS A 11 1.83 1.76 -0.23
CA HIS A 11 3.13 1.76 0.44
C HIS A 11 3.39 0.41 1.08
N GLY A 12 2.87 -0.64 0.45
CA GLY A 12 3.02 -1.99 0.95
C GLY A 12 2.08 -2.25 2.11
N GLY A 13 0.82 -1.90 1.92
CA GLY A 13 -0.18 -2.09 2.96
C GLY A 13 0.28 -1.46 4.26
N ARG A 14 1.18 -0.48 4.15
CA ARG A 14 1.70 0.23 5.31
C ARG A 14 0.80 1.41 5.64
N PHE A 15 0.13 1.92 4.62
CA PHE A 15 -0.77 3.06 4.81
C PHE A 15 -1.75 2.77 5.94
N ILE A 16 -2.34 1.57 5.92
CA ILE A 16 -3.30 1.20 6.94
C ILE A 16 -2.62 1.15 8.32
N HIS A 17 -2.03 0.00 8.68
CA HIS A 17 -1.36 -0.11 9.98
C HIS A 17 -0.33 -1.24 9.96
N GLY A 18 0.17 -1.55 8.77
CA GLY A 18 1.17 -2.60 8.59
C GLY A 18 0.79 -3.43 7.40
N MET A 19 -0.46 -3.85 7.41
CA MET A 19 -1.05 -4.63 6.34
C MET A 19 -2.41 -5.13 6.79
N ILE A 20 -3.41 -4.25 6.63
CA ILE A 20 -4.75 -4.57 7.09
C ILE A 20 -4.63 -4.75 8.58
N GLN A 21 -3.50 -4.23 9.08
CA GLN A 21 -3.09 -4.33 10.47
C GLN A 21 -2.16 -5.51 10.55
N ASN A 22 -1.43 -5.69 9.44
CA ASN A 22 -0.51 -6.79 9.30
C ASN A 22 -1.15 -8.08 9.77
N HIS A 23 -2.36 -8.30 9.25
CA HIS A 23 -3.12 -9.49 9.60
C HIS A 23 -2.39 -10.76 9.16
N HIS A 24 -2.23 -10.92 7.85
CA HIS A 24 -1.54 -12.08 7.32
C HIS A 24 -0.15 -12.22 7.94
N PHE A 1 -7.91 -0.89 -13.26
CA PHE A 1 -6.54 -0.81 -13.77
C PHE A 1 -5.72 -2.01 -13.28
N LEU A 2 -5.75 -3.08 -14.06
CA LEU A 2 -5.01 -4.29 -13.70
C LEU A 2 -5.48 -4.81 -12.34
N GLY A 3 -6.65 -4.36 -11.91
CA GLY A 3 -7.20 -4.78 -10.63
C GLY A 3 -6.26 -4.46 -9.48
N ALA A 4 -5.34 -3.54 -9.71
CA ALA A 4 -4.38 -3.14 -8.69
C ALA A 4 -3.63 -1.88 -9.10
N LEU A 5 -3.67 -0.87 -8.25
CA LEU A 5 -2.98 0.39 -8.54
C LEU A 5 -1.47 0.23 -8.37
N ILE A 6 -1.02 -1.01 -8.27
CA ILE A 6 0.41 -1.29 -8.10
C ILE A 6 0.98 -0.49 -6.97
N LYS A 7 2.19 0.06 -7.14
CA LYS A 7 2.87 0.67 -5.99
C LYS A 7 2.84 -0.45 -4.96
N GLY A 8 2.77 -1.61 -5.60
CA GLY A 8 2.59 -2.91 -5.04
C GLY A 8 1.77 -2.87 -3.77
N ALA A 9 0.45 -2.85 -3.97
CA ALA A 9 -0.49 -2.81 -2.86
C ALA A 9 -0.29 -1.56 -2.02
N ILE A 10 -0.56 -0.39 -2.63
CA ILE A 10 -0.41 0.90 -1.96
C ILE A 10 0.77 0.92 -0.98
N HIS A 11 1.98 1.06 -1.52
CA HIS A 11 3.19 1.11 -0.70
C HIS A 11 3.14 0.05 0.41
N GLY A 12 2.31 -0.95 0.22
CA GLY A 12 2.17 -2.02 1.20
C GLY A 12 1.88 -1.47 2.60
N GLY A 13 0.63 -1.15 2.85
CA GLY A 13 0.23 -0.62 4.14
C GLY A 13 1.17 0.47 4.62
N ARG A 14 0.99 1.67 4.07
CA ARG A 14 1.82 2.81 4.43
C ARG A 14 1.25 4.09 3.82
N PHE A 15 1.15 4.11 2.49
CA PHE A 15 0.62 5.27 1.78
C PHE A 15 -0.63 5.80 2.48
N ILE A 16 -1.45 4.87 2.96
CA ILE A 16 -2.67 5.20 3.69
C ILE A 16 -2.89 4.17 4.78
N HIS A 17 -1.92 4.12 5.70
CA HIS A 17 -1.95 3.17 6.81
C HIS A 17 -1.17 3.75 7.98
N GLY A 18 0.09 4.10 7.76
CA GLY A 18 0.88 4.71 8.82
C GLY A 18 0.18 5.96 9.26
N MET A 19 0.04 6.85 8.29
CA MET A 19 -0.67 8.11 8.46
C MET A 19 -0.38 9.01 7.28
N ILE A 20 -1.09 8.74 6.18
CA ILE A 20 -0.87 9.48 4.95
C ILE A 20 0.56 9.20 4.56
N GLN A 21 1.07 8.14 5.21
CA GLN A 21 2.46 7.71 5.08
C GLN A 21 3.19 8.33 6.24
N ASN A 22 2.45 8.45 7.34
CA ASN A 22 2.95 9.06 8.55
C ASN A 22 3.71 10.32 8.22
N HIS A 23 3.05 11.16 7.43
CA HIS A 23 3.63 12.43 7.01
C HIS A 23 5.06 12.23 6.50
N HIS A 24 5.71 13.33 6.15
CA HIS A 24 7.08 13.27 5.65
C HIS A 24 7.19 12.26 4.51
N PHE A 1 -2.95 3.63 -17.30
CA PHE A 1 -2.92 4.78 -16.42
C PHE A 1 -2.80 4.35 -14.97
N LEU A 2 -2.98 3.06 -14.72
CA LEU A 2 -2.89 2.54 -13.36
C LEU A 2 -3.78 3.35 -12.41
N GLY A 3 -3.50 3.22 -11.11
CA GLY A 3 -4.28 3.94 -10.12
C GLY A 3 -3.81 3.64 -8.71
N ALA A 4 -3.95 2.39 -8.29
CA ALA A 4 -3.53 1.98 -6.96
C ALA A 4 -3.43 0.46 -6.88
N LEU A 5 -3.72 -0.21 -7.98
CA LEU A 5 -3.67 -1.66 -8.03
C LEU A 5 -2.21 -2.13 -8.08
N ILE A 6 -1.30 -1.21 -7.80
CA ILE A 6 0.13 -1.53 -7.82
C ILE A 6 0.91 -0.54 -7.00
N LYS A 7 2.17 -0.26 -7.35
CA LYS A 7 3.02 0.54 -6.45
C LYS A 7 2.91 -0.23 -5.15
N GLY A 8 2.64 -1.51 -5.43
CA GLY A 8 2.34 -2.54 -4.50
C GLY A 8 1.59 -2.03 -3.29
N ALA A 9 0.26 -2.01 -3.42
CA ALA A 9 -0.63 -1.55 -2.37
C ALA A 9 -0.03 -0.35 -1.64
N ILE A 10 0.37 0.66 -2.42
CA ILE A 10 0.98 1.87 -1.87
C ILE A 10 1.89 1.53 -0.68
N HIS A 11 1.37 1.69 0.53
CA HIS A 11 2.16 1.40 1.73
C HIS A 11 2.76 -0.02 1.67
N GLY A 12 2.38 -0.80 0.65
CA GLY A 12 2.91 -2.14 0.54
C GLY A 12 4.35 -2.10 0.07
N GLY A 13 4.88 -0.89 -0.01
CA GLY A 13 6.25 -0.67 -0.43
C GLY A 13 6.70 0.74 -0.11
N ARG A 14 5.74 1.65 0.03
CA ARG A 14 6.04 3.04 0.34
C ARG A 14 6.31 3.18 1.84
N PHE A 15 5.61 2.39 2.65
CA PHE A 15 5.77 2.42 4.11
C PHE A 15 7.24 2.61 4.49
N ILE A 16 8.10 1.73 3.98
CA ILE A 16 9.52 1.82 4.27
C ILE A 16 10.10 3.04 3.54
N HIS A 17 10.62 2.84 2.33
CA HIS A 17 11.17 3.95 1.55
C HIS A 17 11.22 3.54 0.09
N GLY A 18 10.06 3.19 -0.46
CA GLY A 18 9.99 2.76 -1.83
C GLY A 18 10.80 1.51 -1.99
N MET A 19 10.47 0.52 -1.21
CA MET A 19 11.18 -0.74 -1.27
C MET A 19 12.65 -0.59 -1.39
N ILE A 20 13.15 0.60 -1.06
CA ILE A 20 14.56 0.87 -1.24
C ILE A 20 14.83 0.66 -2.75
N GLN A 21 13.79 0.13 -3.44
CA GLN A 21 13.85 -0.14 -4.87
C GLN A 21 12.99 0.88 -5.62
N ASN A 22 11.77 1.10 -5.13
CA ASN A 22 10.90 2.08 -5.74
C ASN A 22 11.40 3.43 -5.29
N HIS A 23 11.99 3.45 -4.09
CA HIS A 23 12.52 4.70 -3.54
C HIS A 23 11.43 5.77 -3.50
N HIS A 24 10.82 5.93 -2.33
CA HIS A 24 9.76 6.92 -2.17
C HIS A 24 8.66 6.71 -3.20
N PHE A 1 -3.81 8.53 -9.68
CA PHE A 1 -4.94 7.88 -10.35
C PHE A 1 -4.85 6.36 -10.19
N LEU A 2 -5.38 5.85 -9.08
CA LEU A 2 -5.35 4.42 -8.83
C LEU A 2 -6.33 3.69 -9.75
N GLY A 3 -5.97 2.48 -10.15
CA GLY A 3 -6.81 1.69 -11.02
C GLY A 3 -6.29 0.28 -11.20
N ALA A 4 -5.04 0.16 -11.62
CA ALA A 4 -4.43 -1.15 -11.82
C ALA A 4 -4.03 -1.76 -10.49
N LEU A 5 -4.19 -1.00 -9.41
CA LEU A 5 -3.84 -1.48 -8.08
C LEU A 5 -2.39 -1.97 -8.06
N ILE A 6 -1.46 -1.03 -7.87
CA ILE A 6 -0.04 -1.39 -7.83
C ILE A 6 0.70 -0.42 -6.93
N LYS A 7 2.00 -0.20 -7.18
CA LYS A 7 2.80 0.54 -6.21
C LYS A 7 2.60 -0.27 -4.94
N GLY A 8 2.32 -1.52 -5.29
CA GLY A 8 1.94 -2.59 -4.43
C GLY A 8 1.11 -2.12 -3.26
N ALA A 9 -0.19 -1.99 -3.50
CA ALA A 9 -1.12 -1.55 -2.48
C ALA A 9 -0.64 -0.25 -1.87
N ILE A 10 -0.73 0.84 -2.66
CA ILE A 10 -0.30 2.16 -2.20
C ILE A 10 1.23 2.17 -2.01
N HIS A 11 1.72 1.43 -1.03
CA HIS A 11 3.15 1.36 -0.75
C HIS A 11 3.46 0.05 -0.05
N GLY A 12 2.42 -0.77 0.13
CA GLY A 12 2.55 -2.07 0.78
C GLY A 12 1.79 -2.12 2.09
N GLY A 13 0.62 -1.48 2.10
CA GLY A 13 -0.20 -1.46 3.29
C GLY A 13 0.59 -1.07 4.52
N ARG A 14 0.91 0.22 4.62
CA ARG A 14 1.67 0.72 5.76
C ARG A 14 1.63 2.25 5.78
N PHE A 15 1.30 2.84 4.64
CA PHE A 15 1.22 4.30 4.55
C PHE A 15 0.32 4.85 5.64
N ILE A 16 -0.42 3.96 6.31
CA ILE A 16 -1.32 4.36 7.40
C ILE A 16 -1.34 3.29 8.49
N HIS A 17 -2.02 2.18 8.24
CA HIS A 17 -2.07 1.10 9.23
C HIS A 17 -2.59 -0.17 8.57
N GLY A 18 -1.76 -0.77 7.72
CA GLY A 18 -2.15 -1.97 7.03
C GLY A 18 -3.33 -1.70 6.15
N MET A 19 -3.21 -0.71 5.32
CA MET A 19 -4.29 -0.37 4.42
C MET A 19 -5.63 -0.35 5.08
N ILE A 20 -5.63 -0.35 6.41
CA ILE A 20 -6.88 -0.44 7.13
C ILE A 20 -7.54 -1.75 6.69
N GLN A 21 -6.93 -2.36 5.65
CA GLN A 21 -7.41 -3.64 5.10
C GLN A 21 -6.47 -4.76 5.53
N ASN A 22 -5.17 -4.48 5.51
CA ASN A 22 -4.18 -5.45 5.94
C ASN A 22 -4.06 -5.32 7.45
N HIS A 23 -4.27 -4.09 7.93
CA HIS A 23 -4.19 -3.84 9.37
C HIS A 23 -2.85 -4.32 9.94
N HIS A 24 -1.94 -4.72 9.06
CA HIS A 24 -0.64 -5.20 9.49
C HIS A 24 0.31 -5.29 8.30
N PHE A 1 -7.02 1.62 -17.58
CA PHE A 1 -5.69 1.04 -17.80
C PHE A 1 -5.32 0.11 -16.65
N LEU A 2 -5.05 0.69 -15.49
CA LEU A 2 -4.69 -0.11 -14.32
C LEU A 2 -5.88 -0.94 -13.86
N GLY A 3 -5.63 -1.87 -12.94
CA GLY A 3 -6.68 -2.73 -12.43
C GLY A 3 -6.17 -3.68 -11.36
N ALA A 4 -5.32 -3.16 -10.47
CA ALA A 4 -4.77 -3.98 -9.41
C ALA A 4 -4.03 -3.11 -8.39
N LEU A 5 -3.96 -1.81 -8.68
CA LEU A 5 -3.27 -0.89 -7.80
C LEU A 5 -1.84 -1.34 -7.53
N ILE A 6 -0.87 -0.67 -8.14
CA ILE A 6 0.54 -1.01 -7.98
C ILE A 6 1.17 -0.13 -6.92
N LYS A 7 2.47 0.19 -7.08
CA LYS A 7 3.18 0.85 -5.96
C LYS A 7 2.93 -0.09 -4.81
N GLY A 8 2.72 -1.31 -5.30
CA GLY A 8 2.33 -2.48 -4.57
C GLY A 8 1.42 -2.13 -3.42
N ALA A 9 0.13 -2.00 -3.73
CA ALA A 9 -0.88 -1.66 -2.75
C ALA A 9 -0.50 -0.35 -2.07
N ILE A 10 -0.58 0.75 -2.81
CA ILE A 10 -0.24 2.08 -2.29
C ILE A 10 1.26 2.14 -1.99
N HIS A 11 1.70 1.42 -0.96
CA HIS A 11 3.11 1.40 -0.58
C HIS A 11 3.42 0.06 0.08
N GLY A 12 2.41 -0.80 0.13
CA GLY A 12 2.54 -2.12 0.73
C GLY A 12 1.51 -2.34 1.82
N GLY A 13 0.49 -1.48 1.85
CA GLY A 13 -0.56 -1.59 2.83
C GLY A 13 -0.02 -1.44 4.24
N ARG A 14 0.58 -0.29 4.53
CA ARG A 14 1.15 -0.03 5.85
C ARG A 14 1.37 1.46 6.06
N PHE A 15 1.24 2.24 4.98
CA PHE A 15 1.41 3.69 5.05
C PHE A 15 0.07 4.32 5.44
N ILE A 16 -1.00 3.72 4.93
CA ILE A 16 -2.36 4.17 5.21
C ILE A 16 -3.30 2.99 5.00
N HIS A 17 -3.14 1.97 5.83
CA HIS A 17 -3.95 0.77 5.76
C HIS A 17 -4.07 0.12 7.12
N GLY A 18 -3.09 0.40 7.99
CA GLY A 18 -3.12 -0.13 9.33
C GLY A 18 -4.42 0.21 9.98
N MET A 19 -4.70 1.50 9.96
CA MET A 19 -5.91 2.07 10.51
C MET A 19 -5.92 3.52 10.26
N ILE A 20 -5.11 3.94 9.29
CA ILE A 20 -4.94 5.35 9.05
C ILE A 20 -4.34 5.90 10.35
N GLN A 21 -4.28 4.98 11.35
CA GLN A 21 -3.73 5.31 12.68
C GLN A 21 -2.75 4.24 13.16
N ASN A 22 -2.79 3.04 12.55
CA ASN A 22 -1.87 1.96 12.94
C ASN A 22 -0.83 1.79 11.85
N HIS A 23 -1.08 2.43 10.71
CA HIS A 23 -0.17 2.37 9.56
C HIS A 23 1.29 2.42 10.01
N HIS A 24 1.86 3.62 10.09
CA HIS A 24 3.25 3.78 10.51
C HIS A 24 3.49 3.07 11.84
N PHE A 1 -9.64 1.13 -13.28
CA PHE A 1 -8.35 0.80 -12.66
C PHE A 1 -8.49 -0.44 -11.78
N LEU A 2 -7.39 -1.16 -11.60
CA LEU A 2 -7.40 -2.36 -10.77
C LEU A 2 -7.43 -1.98 -9.29
N GLY A 3 -7.76 -2.95 -8.44
CA GLY A 3 -7.83 -2.72 -7.02
C GLY A 3 -6.45 -2.47 -6.41
N ALA A 4 -5.50 -3.32 -6.76
CA ALA A 4 -4.14 -3.17 -6.24
C ALA A 4 -3.51 -1.88 -6.73
N LEU A 5 -3.59 -1.64 -8.03
CA LEU A 5 -3.03 -0.42 -8.61
C LEU A 5 -1.51 -0.40 -8.42
N ILE A 6 -0.94 -1.56 -8.08
CA ILE A 6 0.49 -1.67 -7.87
C ILE A 6 0.98 -0.60 -6.91
N LYS A 7 2.16 -0.03 -7.19
CA LYS A 7 2.77 0.85 -6.20
C LYS A 7 2.79 -0.03 -4.95
N GLY A 8 2.81 -1.29 -5.34
CA GLY A 8 2.71 -2.44 -4.50
C GLY A 8 1.84 -2.19 -3.29
N ALA A 9 0.54 -2.35 -3.49
CA ALA A 9 -0.43 -2.15 -2.44
C ALA A 9 -0.38 -0.72 -1.92
N ILE A 10 -0.26 0.23 -2.85
CA ILE A 10 -0.19 1.65 -2.52
C ILE A 10 1.18 1.98 -1.90
N HIS A 11 1.78 1.01 -1.23
CA HIS A 11 3.09 1.22 -0.61
C HIS A 11 3.72 -0.12 -0.22
N GLY A 12 2.87 -1.11 0.05
CA GLY A 12 3.34 -2.43 0.45
C GLY A 12 2.34 -3.16 1.31
N GLY A 13 1.52 -2.41 2.03
CA GLY A 13 0.53 -3.01 2.91
C GLY A 13 -0.37 -1.99 3.56
N ARG A 14 -0.81 -0.99 2.79
CA ARG A 14 -1.69 0.03 3.38
C ARG A 14 -1.00 0.61 4.60
N PHE A 15 0.33 0.53 4.61
CA PHE A 15 1.10 1.02 5.73
C PHE A 15 0.63 0.32 6.99
N ILE A 16 1.05 -0.94 7.12
CA ILE A 16 0.67 -1.79 8.26
C ILE A 16 -0.75 -2.32 8.13
N HIS A 17 -1.66 -1.47 7.62
CA HIS A 17 -3.09 -1.85 7.44
C HIS A 17 -3.98 -0.59 7.39
N GLY A 18 -3.77 0.29 6.39
CA GLY A 18 -4.56 1.53 6.31
C GLY A 18 -3.73 2.70 6.75
N MET A 19 -2.86 2.40 7.72
CA MET A 19 -1.89 3.34 8.29
C MET A 19 -1.70 3.11 9.78
N ILE A 20 -0.72 2.26 10.10
CA ILE A 20 -0.45 1.90 11.49
C ILE A 20 -1.74 1.30 12.00
N GLN A 21 -2.50 0.80 11.02
CA GLN A 21 -3.83 0.24 11.25
C GLN A 21 -4.76 1.44 11.23
N ASN A 22 -4.45 2.36 10.32
CA ASN A 22 -5.18 3.60 10.18
C ASN A 22 -5.57 4.14 11.54
N HIS A 23 -4.55 4.40 12.34
CA HIS A 23 -4.74 4.92 13.69
C HIS A 23 -5.48 6.25 13.64
N HIS A 24 -4.99 7.17 12.81
CA HIS A 24 -5.61 8.48 12.69
C HIS A 24 -5.74 9.14 14.06
N PHE A 1 0.25 8.60 -11.89
CA PHE A 1 0.64 7.91 -10.66
C PHE A 1 -0.43 6.91 -10.24
N LEU A 2 -0.52 5.80 -10.97
CA LEU A 2 -1.51 4.78 -10.65
C LEU A 2 -1.11 4.03 -9.37
N GLY A 3 -1.50 4.58 -8.23
CA GLY A 3 -1.19 3.99 -6.94
C GLY A 3 -2.36 3.19 -6.39
N ALA A 4 -2.45 1.93 -6.79
CA ALA A 4 -3.53 1.06 -6.33
C ALA A 4 -3.31 -0.37 -6.79
N LEU A 5 -3.83 -0.69 -7.97
CA LEU A 5 -3.69 -2.03 -8.53
C LEU A 5 -2.21 -2.43 -8.56
N ILE A 6 -1.33 -1.45 -8.37
CA ILE A 6 0.11 -1.71 -8.39
C ILE A 6 0.84 -0.81 -7.42
N LYS A 7 2.09 -0.44 -7.75
CA LYS A 7 2.91 0.25 -6.75
C LYS A 7 2.87 -0.72 -5.58
N GLY A 8 2.64 -1.95 -6.06
CA GLY A 8 2.43 -3.14 -5.30
C GLY A 8 1.69 -2.88 -4.01
N ALA A 9 0.40 -2.55 -4.16
CA ALA A 9 -0.46 -2.26 -3.03
C ALA A 9 -0.08 -0.92 -2.42
N ILE A 10 -0.39 0.16 -3.13
CA ILE A 10 -0.06 1.52 -2.69
C ILE A 10 1.34 1.55 -2.06
N HIS A 11 1.44 1.95 -0.80
CA HIS A 11 2.75 1.99 -0.13
C HIS A 11 3.09 0.62 0.42
N GLY A 12 2.67 -0.41 -0.30
CA GLY A 12 2.92 -1.77 0.14
C GLY A 12 2.17 -2.08 1.42
N GLY A 13 0.93 -1.57 1.49
CA GLY A 13 0.12 -1.77 2.67
C GLY A 13 0.77 -1.18 3.89
N ARG A 14 0.95 0.14 3.85
CA ARG A 14 1.58 0.85 4.97
C ARG A 14 1.16 2.31 4.93
N PHE A 15 0.67 2.74 3.76
CA PHE A 15 0.23 4.12 3.59
C PHE A 15 -0.65 4.55 4.76
N ILE A 16 -1.50 3.63 5.24
CA ILE A 16 -2.41 3.93 6.35
C ILE A 16 -2.08 3.10 7.60
N HIS A 17 -2.28 1.77 7.56
CA HIS A 17 -1.98 0.95 8.74
C HIS A 17 -1.93 -0.55 8.40
N GLY A 18 -1.23 -0.90 7.33
CA GLY A 18 -1.11 -2.29 6.90
C GLY A 18 -1.81 -2.50 5.58
N MET A 19 -2.92 -1.79 5.43
CA MET A 19 -3.75 -1.79 4.22
C MET A 19 -5.21 -1.60 4.61
N ILE A 20 -5.60 -0.31 4.68
CA ILE A 20 -6.95 0.04 5.10
C ILE A 20 -7.07 -0.51 6.51
N GLN A 21 -5.90 -0.70 7.10
CA GLN A 21 -5.76 -1.28 8.43
C GLN A 21 -5.69 -2.78 8.19
N ASN A 22 -5.06 -3.11 7.07
CA ASN A 22 -4.93 -4.49 6.63
C ASN A 22 -6.24 -5.22 6.83
N HIS A 23 -7.26 -4.69 6.15
CA HIS A 23 -8.60 -5.26 6.22
C HIS A 23 -8.61 -6.70 5.73
N HIS A 24 -8.36 -6.89 4.44
CA HIS A 24 -8.33 -8.22 3.86
C HIS A 24 -7.20 -9.05 4.46
N PHE A 1 1.32 -11.86 -6.02
CA PHE A 1 1.74 -10.84 -6.97
C PHE A 1 0.73 -9.70 -7.00
N LEU A 2 -0.38 -9.88 -6.30
CA LEU A 2 -1.42 -8.85 -6.25
C LEU A 2 -1.84 -8.45 -7.66
N GLY A 3 -2.41 -7.25 -7.80
CA GLY A 3 -2.84 -6.76 -9.09
C GLY A 3 -3.58 -5.44 -8.99
N ALA A 4 -3.63 -4.88 -7.78
CA ALA A 4 -4.31 -3.62 -7.57
C ALA A 4 -3.67 -2.52 -8.40
N LEU A 5 -3.72 -1.29 -7.89
CA LEU A 5 -3.14 -0.15 -8.59
C LEU A 5 -1.62 -0.14 -8.45
N ILE A 6 -1.05 -1.31 -8.17
CA ILE A 6 0.39 -1.43 -7.99
C ILE A 6 0.91 -0.41 -7.02
N LYS A 7 2.11 0.14 -7.27
CA LYS A 7 2.73 0.99 -6.26
C LYS A 7 2.72 0.09 -5.03
N GLY A 8 2.70 -1.17 -5.44
CA GLY A 8 2.56 -2.34 -4.63
C GLY A 8 1.66 -2.09 -3.43
N ALA A 9 0.37 -2.27 -3.65
CA ALA A 9 -0.62 -2.07 -2.60
C ALA A 9 -0.48 -0.69 -1.99
N ILE A 10 -0.22 0.30 -2.86
CA ILE A 10 -0.05 1.69 -2.43
C ILE A 10 1.31 1.91 -1.78
N HIS A 11 1.79 0.93 -1.03
CA HIS A 11 3.09 1.03 -0.37
C HIS A 11 3.55 -0.32 0.16
N GLY A 12 2.72 -1.35 0.00
CA GLY A 12 3.06 -2.68 0.46
C GLY A 12 2.59 -2.93 1.87
N GLY A 13 1.39 -2.45 2.19
CA GLY A 13 0.83 -2.62 3.53
C GLY A 13 -0.33 -1.71 3.79
N ARG A 14 -0.78 -0.99 2.76
CA ARG A 14 -1.90 -0.07 2.96
C ARG A 14 -1.54 0.87 4.09
N PHE A 15 -0.23 0.95 4.36
CA PHE A 15 0.29 1.80 5.41
C PHE A 15 -0.24 1.32 6.77
N ILE A 16 -0.26 0.00 6.92
CA ILE A 16 -0.71 -0.71 8.15
C ILE A 16 -2.04 -1.43 7.90
N HIS A 17 -2.92 -0.84 7.08
CA HIS A 17 -4.23 -1.45 6.76
C HIS A 17 -5.20 -0.38 6.18
N GLY A 18 -4.72 0.44 5.23
CA GLY A 18 -5.55 1.49 4.63
C GLY A 18 -5.00 2.82 5.04
N MET A 19 -4.60 2.86 6.29
CA MET A 19 -3.98 4.02 6.93
C MET A 19 -4.15 3.94 8.43
N ILE A 20 -3.20 3.23 9.08
CA ILE A 20 -3.28 3.05 10.51
C ILE A 20 -4.57 2.31 10.76
N GLN A 21 -5.03 1.71 9.67
CA GLN A 21 -6.30 1.00 9.62
C GLN A 21 -7.32 2.01 9.17
N ASN A 22 -6.84 2.89 8.29
CA ASN A 22 -7.63 3.99 7.76
C ASN A 22 -8.46 4.60 8.87
N HIS A 23 -7.75 4.99 9.92
CA HIS A 23 -8.38 5.61 11.09
C HIS A 23 -9.52 4.73 11.60
N HIS A 24 -9.19 3.82 12.51
CA HIS A 24 -10.19 2.92 13.09
C HIS A 24 -10.97 2.21 11.98
N PHE A 1 -0.81 -6.43 -13.63
CA PHE A 1 -1.99 -7.23 -13.35
C PHE A 1 -3.24 -6.35 -13.30
N LEU A 2 -3.50 -5.76 -12.14
CA LEU A 2 -4.66 -4.90 -11.98
C LEU A 2 -4.48 -3.60 -12.76
N GLY A 3 -3.24 -3.31 -13.13
CA GLY A 3 -2.94 -2.11 -13.88
C GLY A 3 -3.51 -0.86 -13.20
N ALA A 4 -3.46 -0.85 -11.88
CA ALA A 4 -3.97 0.28 -11.11
C ALA A 4 -3.47 0.21 -9.67
N LEU A 5 -4.20 -0.53 -8.83
CA LEU A 5 -3.82 -0.67 -7.42
C LEU A 5 -2.62 -1.60 -7.30
N ILE A 6 -1.43 -1.08 -7.60
CA ILE A 6 -0.20 -1.87 -7.51
C ILE A 6 0.84 -1.15 -6.68
N LYS A 7 2.13 -1.34 -6.99
CA LYS A 7 3.15 -0.83 -6.08
C LYS A 7 2.77 -1.48 -4.76
N GLY A 8 2.10 -2.60 -5.02
CA GLY A 8 1.44 -3.44 -4.08
C GLY A 8 0.84 -2.66 -2.94
N ALA A 9 -0.45 -2.35 -3.08
CA ALA A 9 -1.18 -1.59 -2.08
C ALA A 9 -0.34 -0.43 -1.59
N ILE A 10 0.21 0.34 -2.52
CA ILE A 10 1.08 1.48 -2.23
C ILE A 10 1.93 1.20 -0.99
N HIS A 11 1.50 1.67 0.17
CA HIS A 11 2.25 1.46 1.40
C HIS A 11 2.50 -0.03 1.64
N GLY A 12 1.96 -0.89 0.77
CA GLY A 12 2.18 -2.32 0.93
C GLY A 12 3.58 -2.70 0.50
N GLY A 13 4.38 -1.68 0.24
CA GLY A 13 5.76 -1.86 -0.18
C GLY A 13 6.50 -0.55 -0.21
N ARG A 14 5.77 0.55 -0.41
CA ARG A 14 6.39 1.87 -0.45
C ARG A 14 6.92 2.25 0.92
N PHE A 15 6.06 2.17 1.94
CA PHE A 15 6.44 2.50 3.31
C PHE A 15 7.85 2.00 3.64
N ILE A 16 8.84 2.84 3.38
CA ILE A 16 10.25 2.52 3.65
C ILE A 16 10.54 1.02 3.46
N HIS A 17 10.30 0.53 2.25
CA HIS A 17 10.54 -0.88 1.94
C HIS A 17 10.58 -1.07 0.43
N GLY A 18 10.09 -0.06 -0.28
CA GLY A 18 10.05 -0.07 -1.74
C GLY A 18 10.33 1.32 -2.28
N MET A 19 11.42 1.91 -1.77
CA MET A 19 11.85 3.26 -2.14
C MET A 19 13.15 3.56 -1.43
N ILE A 20 13.11 3.49 -0.10
CA ILE A 20 14.35 3.61 0.64
C ILE A 20 15.11 2.33 0.27
N GLN A 21 14.34 1.48 -0.45
CA GLN A 21 14.78 0.24 -0.99
C GLN A 21 14.55 0.28 -2.52
N ASN A 22 13.57 1.12 -3.03
CA ASN A 22 13.35 1.17 -4.50
C ASN A 22 13.69 2.55 -5.07
N HIS A 23 14.53 3.30 -4.36
CA HIS A 23 14.93 4.63 -4.81
C HIS A 23 13.72 5.44 -5.26
N HIS A 24 13.98 6.60 -5.85
CA HIS A 24 12.89 7.47 -6.32
C HIS A 24 11.91 7.75 -5.18
N PHE A 1 -9.58 0.93 -14.95
CA PHE A 1 -8.80 2.12 -14.61
C PHE A 1 -7.93 1.85 -13.39
N LEU A 2 -6.63 2.11 -13.53
CA LEU A 2 -5.68 1.89 -12.44
C LEU A 2 -5.60 3.14 -11.56
N GLY A 3 -5.15 2.97 -10.32
CA GLY A 3 -5.03 4.08 -9.40
C GLY A 3 -4.46 3.64 -8.07
N ALA A 4 -4.29 2.33 -7.90
CA ALA A 4 -3.76 1.78 -6.66
C ALA A 4 -3.46 0.30 -6.82
N LEU A 5 -3.55 -0.18 -8.06
CA LEU A 5 -3.29 -1.59 -8.35
C LEU A 5 -1.82 -1.92 -8.05
N ILE A 6 -0.94 -0.98 -8.35
CA ILE A 6 0.51 -1.17 -8.12
C ILE A 6 0.98 -0.28 -7.00
N LYS A 7 2.20 0.27 -7.13
CA LYS A 7 2.80 0.97 -5.99
C LYS A 7 2.71 -0.07 -4.88
N GLY A 8 2.69 -1.28 -5.45
CA GLY A 8 2.48 -2.53 -4.79
C GLY A 8 1.54 -2.40 -3.61
N ALA A 9 0.26 -2.27 -3.92
CA ALA A 9 -0.76 -2.12 -2.92
C ALA A 9 -0.50 -0.84 -2.14
N ILE A 10 -0.70 0.31 -2.79
CA ILE A 10 -0.47 1.62 -2.18
C ILE A 10 1.04 1.79 -1.92
N HIS A 11 1.57 1.04 -0.96
CA HIS A 11 2.97 1.11 -0.62
C HIS A 11 3.39 -0.20 0.02
N GLY A 12 2.44 -1.14 0.06
CA GLY A 12 2.67 -2.46 0.63
C GLY A 12 1.95 -2.62 1.95
N GLY A 13 0.75 -2.04 2.04
CA GLY A 13 -0.05 -2.13 3.26
C GLY A 13 0.78 -1.83 4.49
N ARG A 14 1.26 -0.59 4.59
CA ARG A 14 2.06 -0.18 5.73
C ARG A 14 1.99 1.34 5.90
N PHE A 15 1.57 2.03 4.84
CA PHE A 15 1.46 3.48 4.89
C PHE A 15 0.71 3.92 6.15
N ILE A 16 0.00 2.97 6.77
CA ILE A 16 -0.75 3.23 8.00
C ILE A 16 -0.71 2.00 8.90
N HIS A 17 -1.47 0.97 8.56
CA HIS A 17 -1.49 -0.26 9.34
C HIS A 17 -2.29 -1.31 8.60
N GLY A 18 -1.76 -1.77 7.48
CA GLY A 18 -2.46 -2.75 6.68
C GLY A 18 -3.76 -2.19 6.21
N MET A 19 -3.68 -1.06 5.55
CA MET A 19 -4.87 -0.42 5.05
C MET A 19 -6.00 -0.41 6.01
N ILE A 20 -5.71 -0.69 7.27
CA ILE A 20 -6.78 -0.81 8.24
C ILE A 20 -7.70 -1.92 7.73
N GLN A 21 -7.41 -2.37 6.48
CA GLN A 21 -8.17 -3.43 5.82
C GLN A 21 -7.32 -4.70 5.74
N ASN A 22 -6.03 -4.53 5.43
CA ASN A 22 -5.12 -5.65 5.38
C ASN A 22 -4.66 -5.92 6.79
N HIS A 23 -4.58 -4.85 7.58
CA HIS A 23 -4.14 -4.96 8.97
C HIS A 23 -2.87 -5.82 9.07
N HIS A 24 -1.72 -5.17 9.10
CA HIS A 24 -0.45 -5.88 9.20
C HIS A 24 -0.42 -6.74 10.45
N PHE A 1 -5.84 9.23 -6.65
CA PHE A 1 -6.48 8.28 -7.56
C PHE A 1 -5.44 7.48 -8.33
N LEU A 2 -4.92 6.44 -7.69
CA LEU A 2 -3.91 5.59 -8.32
C LEU A 2 -4.46 4.98 -9.61
N GLY A 3 -5.71 4.54 -9.56
CA GLY A 3 -6.34 3.93 -10.73
C GLY A 3 -5.95 2.48 -10.88
N ALA A 4 -4.65 2.23 -10.99
CA ALA A 4 -4.15 0.86 -11.13
C ALA A 4 -4.17 0.14 -9.79
N LEU A 5 -3.48 -1.00 -9.72
CA LEU A 5 -3.42 -1.79 -8.49
C LEU A 5 -1.99 -2.23 -8.22
N ILE A 6 -1.07 -1.27 -8.14
CA ILE A 6 0.35 -1.56 -7.89
C ILE A 6 0.91 -0.60 -6.88
N LYS A 7 2.18 -0.18 -7.07
CA LYS A 7 2.84 0.58 -6.01
C LYS A 7 2.67 -0.33 -4.80
N GLY A 8 2.54 -1.57 -5.22
CA GLY A 8 2.24 -2.72 -4.43
C GLY A 8 1.32 -2.41 -3.27
N ALA A 9 0.02 -2.41 -3.56
CA ALA A 9 -0.99 -2.12 -2.56
C ALA A 9 -0.67 -0.81 -1.86
N ILE A 10 -0.82 0.29 -2.59
CA ILE A 10 -0.53 1.64 -2.05
C ILE A 10 0.97 1.77 -1.79
N HIS A 11 1.47 1.04 -0.79
CA HIS A 11 2.88 1.07 -0.44
C HIS A 11 3.26 -0.25 0.21
N GLY A 12 2.28 -1.13 0.28
CA GLY A 12 2.50 -2.44 0.89
C GLY A 12 2.87 -2.31 2.34
N GLY A 13 2.57 -1.15 2.92
CA GLY A 13 2.87 -0.89 4.32
C GLY A 13 2.04 0.25 4.89
N ARG A 14 1.75 1.26 4.07
CA ARG A 14 0.96 2.39 4.52
C ARG A 14 -0.52 2.03 4.43
N PHE A 15 -0.83 1.08 3.55
CA PHE A 15 -2.22 0.63 3.37
C PHE A 15 -2.90 0.40 4.72
N ILE A 16 -2.29 -0.46 5.54
CA ILE A 16 -2.85 -0.76 6.84
C ILE A 16 -2.81 0.48 7.74
N HIS A 17 -1.67 0.73 8.41
CA HIS A 17 -1.58 1.91 9.28
C HIS A 17 -0.12 2.25 9.60
N GLY A 18 0.77 1.83 8.71
CA GLY A 18 2.20 2.07 8.86
C GLY A 18 2.95 0.83 8.42
N MET A 19 2.54 -0.27 9.00
CA MET A 19 3.08 -1.59 8.70
C MET A 19 2.54 -2.58 9.71
N ILE A 20 1.33 -3.06 9.44
CA ILE A 20 0.67 -3.96 10.38
C ILE A 20 0.50 -3.16 11.65
N GLN A 21 0.61 -1.84 11.44
CA GLN A 21 0.56 -0.84 12.50
C GLN A 21 1.99 -0.55 12.87
N ASN A 22 2.84 -0.67 11.86
CA ASN A 22 4.27 -0.47 12.03
C ASN A 22 4.75 -1.22 13.26
N HIS A 23 4.35 -2.49 13.31
CA HIS A 23 4.72 -3.35 14.43
C HIS A 23 6.24 -3.41 14.59
N HIS A 24 6.89 -4.20 13.75
CA HIS A 24 8.34 -4.33 13.81
C HIS A 24 9.01 -2.98 13.55
N PHE A 1 -3.04 6.62 -14.55
CA PHE A 1 -1.64 6.74 -14.14
C PHE A 1 -1.11 5.41 -13.65
N LEU A 2 -1.55 5.01 -12.45
CA LEU A 2 -1.11 3.74 -11.88
C LEU A 2 -1.62 2.56 -12.71
N GLY A 3 -2.70 2.79 -13.44
CA GLY A 3 -3.29 1.75 -14.28
C GLY A 3 -4.05 0.73 -13.45
N ALA A 4 -3.51 0.38 -12.29
CA ALA A 4 -4.16 -0.58 -11.41
C ALA A 4 -3.56 -0.52 -10.01
N LEU A 5 -4.02 -1.41 -9.13
CA LEU A 5 -3.52 -1.46 -7.77
C LEU A 5 -2.12 -2.08 -7.73
N ILE A 6 -1.10 -1.23 -7.57
CA ILE A 6 0.28 -1.70 -7.51
C ILE A 6 1.09 -0.84 -6.60
N LYS A 7 2.40 -0.68 -6.87
CA LYS A 7 3.27 -0.01 -5.90
C LYS A 7 3.01 -0.81 -4.63
N GLY A 8 2.62 -2.04 -4.99
CA GLY A 8 2.15 -3.06 -4.13
C GLY A 8 1.37 -2.52 -2.95
N ALA A 9 0.11 -2.20 -3.22
CA ALA A 9 -0.78 -1.66 -2.20
C ALA A 9 -0.16 -0.41 -1.60
N ILE A 10 -0.06 0.66 -2.41
CA ILE A 10 0.52 1.93 -1.97
C ILE A 10 2.02 1.74 -1.72
N HIS A 11 2.36 0.98 -0.68
CA HIS A 11 3.76 0.72 -0.33
C HIS A 11 3.86 -0.64 0.33
N GLY A 12 2.71 -1.29 0.46
CA GLY A 12 2.63 -2.61 1.07
C GLY A 12 1.54 -2.67 2.13
N GLY A 13 0.59 -1.74 2.05
CA GLY A 13 -0.49 -1.69 3.02
C GLY A 13 0.03 -1.72 4.44
N ARG A 14 0.80 -0.71 4.79
CA ARG A 14 1.38 -0.62 6.15
C ARG A 14 1.78 0.81 6.45
N PHE A 15 2.29 1.52 5.45
CA PHE A 15 2.71 2.90 5.63
C PHE A 15 1.58 3.73 6.24
N ILE A 16 0.34 3.39 5.87
CA ILE A 16 -0.82 4.11 6.40
C ILE A 16 -1.14 3.64 7.82
N HIS A 17 -1.86 2.51 7.95
CA HIS A 17 -2.20 2.00 9.27
C HIS A 17 -2.60 0.53 9.14
N GLY A 18 -1.81 -0.22 8.37
CA GLY A 18 -2.11 -1.62 8.15
C GLY A 18 -3.21 -1.79 7.16
N MET A 19 -2.91 -1.44 5.94
CA MET A 19 -3.86 -1.56 4.86
C MET A 19 -5.25 -1.17 5.25
N ILE A 20 -5.40 -0.49 6.39
CA ILE A 20 -6.73 -0.21 6.89
C ILE A 20 -7.42 -1.57 7.03
N GLN A 21 -6.69 -2.61 6.59
CA GLN A 21 -7.19 -3.99 6.63
C GLN A 21 -6.13 -4.95 7.17
N ASN A 22 -4.85 -4.57 7.08
CA ASN A 22 -3.80 -5.44 7.63
C ASN A 22 -3.68 -5.09 9.09
N HIS A 23 -3.94 -3.81 9.37
CA HIS A 23 -3.88 -3.31 10.74
C HIS A 23 -2.50 -3.56 11.36
N HIS A 24 -2.27 -4.79 11.79
CA HIS A 24 -0.98 -5.15 12.40
C HIS A 24 -0.89 -6.65 12.60
N PHE A 1 -6.38 7.58 -12.22
CA PHE A 1 -5.42 7.50 -11.12
C PHE A 1 -5.47 6.12 -10.48
N LEU A 2 -4.43 5.32 -10.73
CA LEU A 2 -4.36 3.97 -10.17
C LEU A 2 -4.23 4.04 -8.65
N GLY A 3 -3.00 4.01 -8.16
CA GLY A 3 -2.75 4.07 -6.74
C GLY A 3 -3.42 2.93 -5.99
N ALA A 4 -3.40 1.74 -6.59
CA ALA A 4 -4.01 0.58 -5.97
C ALA A 4 -3.55 -0.69 -6.68
N LEU A 5 -3.65 -0.69 -8.00
CA LEU A 5 -3.24 -1.85 -8.78
C LEU A 5 -1.73 -2.01 -8.76
N ILE A 6 -1.05 -1.04 -8.14
CA ILE A 6 0.40 -1.07 -8.05
C ILE A 6 0.88 -0.17 -6.93
N LYS A 7 2.08 0.42 -7.04
CA LYS A 7 2.65 1.11 -5.88
C LYS A 7 2.63 0.01 -4.82
N GLY A 8 2.69 -1.16 -5.44
CA GLY A 8 2.57 -2.45 -4.83
C GLY A 8 1.66 -2.44 -3.63
N ALA A 9 0.36 -2.41 -3.91
CA ALA A 9 -0.65 -2.38 -2.87
C ALA A 9 -0.46 -1.13 -2.04
N ILE A 10 -0.77 0.04 -2.64
CA ILE A 10 -0.61 1.33 -1.97
C ILE A 10 0.89 1.61 -1.76
N HIS A 11 1.49 0.88 -0.83
CA HIS A 11 2.90 1.04 -0.53
C HIS A 11 3.41 -0.24 0.11
N GLY A 12 2.52 -1.23 0.10
CA GLY A 12 2.82 -2.54 0.67
C GLY A 12 2.05 -2.77 1.96
N GLY A 13 0.89 -2.13 2.06
CA GLY A 13 0.06 -2.26 3.25
C GLY A 13 0.76 -1.69 4.48
N ARG A 14 1.80 -0.89 4.23
CA ARG A 14 2.55 -0.27 5.31
C ARG A 14 1.85 1.00 5.80
N PHE A 15 0.96 1.53 4.95
CA PHE A 15 0.22 2.74 5.31
C PHE A 15 -0.37 2.59 6.71
N ILE A 16 -0.81 1.38 7.04
CA ILE A 16 -1.38 1.10 8.35
C ILE A 16 -0.26 0.78 9.34
N HIS A 17 0.24 -0.46 9.29
CA HIS A 17 1.33 -0.86 10.19
C HIS A 17 1.83 -2.26 9.84
N GLY A 18 2.12 -2.48 8.56
CA GLY A 18 2.59 -3.77 8.08
C GLY A 18 1.58 -4.37 7.12
N MET A 19 0.32 -4.16 7.46
CA MET A 19 -0.86 -4.60 6.69
C MET A 19 -1.96 -5.01 7.63
N ILE A 20 -2.78 -4.03 8.00
CA ILE A 20 -3.85 -4.24 8.97
C ILE A 20 -3.15 -4.67 10.25
N GLN A 21 -1.87 -4.29 10.29
CA GLN A 21 -0.97 -4.65 11.38
C GLN A 21 -0.37 -5.99 10.98
N ASN A 22 -0.23 -6.13 9.67
CA ASN A 22 0.27 -7.36 9.07
C ASN A 22 -0.41 -8.55 9.70
N HIS A 23 -1.72 -8.56 9.53
CA HIS A 23 -2.56 -9.63 10.07
C HIS A 23 -2.37 -10.92 9.28
N HIS A 24 -2.75 -12.03 9.88
CA HIS A 24 -2.62 -13.33 9.23
C HIS A 24 -3.35 -13.33 7.89
N PHE A 1 -5.19 2.87 -18.15
CA PHE A 1 -6.43 2.83 -17.39
C PHE A 1 -6.15 2.62 -15.91
N LEU A 2 -5.05 1.95 -15.61
CA LEU A 2 -4.67 1.68 -14.22
C LEU A 2 -4.81 2.94 -13.36
N GLY A 3 -4.60 2.78 -12.06
CA GLY A 3 -4.70 3.90 -11.15
C GLY A 3 -4.63 3.47 -9.69
N ALA A 4 -4.74 2.17 -9.46
CA ALA A 4 -4.69 1.64 -8.09
C ALA A 4 -4.62 0.12 -8.11
N LEU A 5 -3.40 -0.41 -8.03
CA LEU A 5 -3.20 -1.86 -8.03
C LEU A 5 -1.74 -2.19 -7.73
N ILE A 6 -0.84 -1.29 -8.13
CA ILE A 6 0.60 -1.48 -7.92
C ILE A 6 1.12 -0.54 -6.87
N LYS A 7 2.37 -0.07 -7.02
CA LYS A 7 3.00 0.68 -5.92
C LYS A 7 2.84 -0.28 -4.75
N GLY A 8 2.77 -1.52 -5.24
CA GLY A 8 2.51 -2.71 -4.49
C GLY A 8 1.54 -2.46 -3.34
N ALA A 9 0.26 -2.38 -3.68
CA ALA A 9 -0.77 -2.14 -2.70
C ALA A 9 -0.53 -0.82 -2.00
N ILE A 10 -0.73 0.28 -2.72
CA ILE A 10 -0.52 1.63 -2.19
C ILE A 10 0.98 1.86 -1.92
N HIS A 11 1.52 1.14 -0.94
CA HIS A 11 2.94 1.26 -0.60
C HIS A 11 3.39 -0.04 0.04
N GLY A 12 2.46 -0.99 0.14
CA GLY A 12 2.73 -2.28 0.73
C GLY A 12 2.16 -2.41 2.14
N GLY A 13 0.92 -1.98 2.29
CA GLY A 13 0.26 -2.04 3.59
C GLY A 13 1.13 -1.46 4.68
N ARG A 14 1.30 -0.15 4.68
CA ARG A 14 2.13 0.52 5.68
C ARG A 14 1.78 2.00 5.75
N PHE A 15 1.08 2.50 4.73
CA PHE A 15 0.66 3.90 4.69
C PHE A 15 -0.76 4.01 5.25
N ILE A 16 -1.42 2.85 5.33
CA ILE A 16 -2.78 2.77 5.85
C ILE A 16 -3.02 1.38 6.43
N HIS A 17 -2.05 0.91 7.24
CA HIS A 17 -2.14 -0.41 7.86
C HIS A 17 -1.60 -0.36 9.29
N GLY A 18 -0.66 0.55 9.54
CA GLY A 18 -0.10 0.70 10.87
C GLY A 18 -1.21 0.82 11.88
N MET A 19 -2.11 1.71 11.54
CA MET A 19 -3.28 1.99 12.35
C MET A 19 -4.12 2.99 11.65
N ILE A 20 -3.83 3.14 10.36
CA ILE A 20 -4.47 4.18 9.60
C ILE A 20 -3.99 5.48 10.25
N GLN A 21 -3.25 5.29 11.37
CA GLN A 21 -2.71 6.41 12.15
C GLN A 21 -1.25 6.18 12.54
N ASN A 22 -0.75 4.94 12.43
CA ASN A 22 0.64 4.63 12.79
C ASN A 22 1.46 4.38 11.53
N HIS A 23 0.79 3.98 10.46
CA HIS A 23 1.46 3.72 9.21
C HIS A 23 2.65 2.78 9.41
N HIS A 24 3.80 3.35 9.75
CA HIS A 24 5.00 2.56 9.98
C HIS A 24 4.85 1.72 11.26
N PHE A 1 -0.36 8.27 -8.50
CA PHE A 1 -1.57 7.89 -7.79
C PHE A 1 -2.60 7.32 -8.77
N LEU A 2 -2.16 6.37 -9.59
CA LEU A 2 -3.05 5.74 -10.56
C LEU A 2 -4.00 4.78 -9.88
N GLY A 3 -5.19 4.61 -10.46
CA GLY A 3 -6.19 3.71 -9.90
C GLY A 3 -5.66 2.30 -9.76
N ALA A 4 -4.48 2.05 -10.34
CA ALA A 4 -3.88 0.73 -10.27
C ALA A 4 -3.35 0.45 -8.86
N LEU A 5 -3.62 -0.75 -8.36
CA LEU A 5 -3.16 -1.13 -7.03
C LEU A 5 -1.68 -1.49 -7.06
N ILE A 6 -0.91 -0.79 -7.89
CA ILE A 6 0.52 -1.04 -8.00
C ILE A 6 1.25 -0.34 -6.87
N LYS A 7 2.51 0.07 -7.10
CA LYS A 7 3.31 0.55 -5.96
C LYS A 7 3.22 -0.60 -4.98
N GLY A 8 2.97 -1.71 -5.66
CA GLY A 8 2.68 -3.01 -5.13
C GLY A 8 1.86 -2.94 -3.86
N ALA A 9 0.54 -2.82 -4.05
CA ALA A 9 -0.40 -2.75 -2.94
C ALA A 9 -0.09 -1.57 -2.03
N ILE A 10 -0.15 -0.36 -2.58
CA ILE A 10 0.11 0.87 -1.82
C ILE A 10 1.21 0.68 -0.76
N HIS A 11 2.41 0.32 -1.23
CA HIS A 11 3.54 0.11 -0.32
C HIS A 11 3.14 -0.80 0.83
N GLY A 12 2.25 -1.74 0.55
CA GLY A 12 1.79 -2.67 1.56
C GLY A 12 0.76 -2.04 2.49
N GLY A 13 0.72 -0.71 2.52
CA GLY A 13 -0.22 -0.02 3.37
C GLY A 13 0.15 1.44 3.57
N ARG A 14 0.16 2.22 2.49
CA ARG A 14 0.51 3.63 2.64
C ARG A 14 1.84 3.72 3.36
N PHE A 15 2.69 2.72 3.09
CA PHE A 15 4.00 2.61 3.72
C PHE A 15 3.82 2.09 5.14
N ILE A 16 2.76 2.55 5.77
CA ILE A 16 2.42 2.16 7.13
C ILE A 16 1.13 2.90 7.52
N HIS A 17 0.85 4.00 6.81
CA HIS A 17 -0.36 4.81 7.07
C HIS A 17 -0.26 6.22 6.43
N GLY A 18 0.24 6.32 5.18
CA GLY A 18 0.37 7.62 4.51
C GLY A 18 1.80 7.87 4.15
N MET A 19 2.63 7.55 5.11
CA MET A 19 4.08 7.68 4.98
C MET A 19 4.71 7.51 6.35
N ILE A 20 4.88 6.25 6.75
CA ILE A 20 5.39 5.96 8.08
C ILE A 20 4.37 6.52 9.04
N GLN A 21 3.19 6.76 8.44
CA GLN A 21 2.05 7.37 9.12
C GLN A 21 2.12 8.84 8.79
N ASN A 22 2.62 9.11 7.58
CA ASN A 22 2.81 10.46 7.10
C ASN A 22 3.44 11.31 8.19
N HIS A 23 4.51 10.77 8.74
CA HIS A 23 5.26 11.43 9.81
C HIS A 23 4.31 12.09 10.82
N HIS A 24 3.31 11.33 11.26
CA HIS A 24 2.34 11.86 12.22
C HIS A 24 1.78 13.20 11.75
N PHE A 1 -8.55 0.30 -16.21
CA PHE A 1 -7.36 1.06 -15.87
C PHE A 1 -6.88 0.71 -14.47
N LEU A 2 -6.06 1.58 -13.89
CA LEU A 2 -5.54 1.36 -12.55
C LEU A 2 -4.94 2.65 -11.98
N GLY A 3 -4.46 2.58 -10.75
CA GLY A 3 -3.86 3.74 -10.10
C GLY A 3 -3.67 3.52 -8.62
N ALA A 4 -3.75 2.26 -8.21
CA ALA A 4 -3.59 1.90 -6.80
C ALA A 4 -3.26 0.42 -6.66
N LEU A 5 -3.55 -0.34 -7.71
CA LEU A 5 -3.28 -1.78 -7.69
C LEU A 5 -1.79 -2.03 -7.49
N ILE A 6 -0.97 -1.37 -8.32
CA ILE A 6 0.48 -1.52 -8.23
C ILE A 6 1.03 -0.59 -7.18
N LYS A 7 2.29 -0.15 -7.35
CA LYS A 7 2.94 0.59 -6.26
C LYS A 7 2.80 -0.39 -5.10
N GLY A 8 2.71 -1.62 -5.60
CA GLY A 8 2.46 -2.83 -4.88
C GLY A 8 1.52 -2.61 -3.72
N ALA A 9 0.23 -2.54 -4.05
CA ALA A 9 -0.81 -2.33 -3.06
C ALA A 9 -0.61 -0.98 -2.37
N ILE A 10 -0.88 0.09 -3.11
CA ILE A 10 -0.73 1.45 -2.57
C ILE A 10 0.76 1.74 -2.32
N HIS A 11 1.33 1.09 -1.31
CA HIS A 11 2.74 1.27 -0.98
C HIS A 11 3.23 0.04 -0.24
N GLY A 12 2.36 -0.96 -0.16
CA GLY A 12 2.68 -2.22 0.52
C GLY A 12 1.85 -2.40 1.79
N GLY A 13 0.72 -1.71 1.85
CA GLY A 13 -0.15 -1.79 3.01
C GLY A 13 0.51 -1.23 4.25
N ARG A 14 1.20 -0.10 4.10
CA ARG A 14 1.88 0.56 5.21
C ARG A 14 1.60 2.06 5.18
N PHE A 15 0.99 2.52 4.10
CA PHE A 15 0.66 3.94 3.98
C PHE A 15 -0.19 4.37 5.17
N ILE A 16 -0.89 3.41 5.75
CA ILE A 16 -1.76 3.65 6.91
C ILE A 16 -1.22 2.90 8.13
N HIS A 17 -1.50 1.60 8.20
CA HIS A 17 -1.01 0.80 9.33
C HIS A 17 -1.23 -0.69 9.09
N GLY A 18 -1.16 -1.09 7.83
CA GLY A 18 -1.35 -2.47 7.44
C GLY A 18 -2.13 -2.52 6.15
N MET A 19 -3.25 -1.83 6.18
CA MET A 19 -4.13 -1.68 5.03
C MET A 19 -5.40 -0.97 5.45
N ILE A 20 -5.32 0.35 5.46
CA ILE A 20 -6.46 1.15 5.92
C ILE A 20 -6.66 0.76 7.37
N GLN A 21 -5.59 0.16 7.89
CA GLN A 21 -5.53 -0.39 9.24
C GLN A 21 -5.87 -1.86 9.11
N ASN A 22 -5.44 -2.40 7.97
CA ASN A 22 -5.70 -3.79 7.63
C ASN A 22 -7.14 -4.14 7.92
N HIS A 23 -8.03 -3.28 7.43
CA HIS A 23 -9.46 -3.47 7.63
C HIS A 23 -9.88 -4.88 7.20
N HIS A 24 -9.20 -5.39 6.18
CA HIS A 24 -9.50 -6.74 5.68
C HIS A 24 -8.39 -7.23 4.76
N PHE A 1 -5.40 -11.65 -3.79
CA PHE A 1 -6.17 -10.76 -4.67
C PHE A 1 -5.80 -9.30 -4.42
N LEU A 2 -5.01 -8.74 -5.32
CA LEU A 2 -4.59 -7.35 -5.18
C LEU A 2 -5.80 -6.44 -4.97
N GLY A 3 -5.53 -5.13 -4.84
CA GLY A 3 -6.59 -4.17 -4.63
C GLY A 3 -6.10 -2.75 -4.86
N ALA A 4 -5.14 -2.60 -5.76
CA ALA A 4 -4.59 -1.28 -6.08
C ALA A 4 -3.71 -1.35 -7.33
N LEU A 5 -3.46 -0.20 -7.93
CA LEU A 5 -2.63 -0.13 -9.14
C LEU A 5 -1.15 -0.24 -8.77
N ILE A 6 -0.72 -1.45 -8.42
CA ILE A 6 0.68 -1.68 -8.05
C ILE A 6 1.10 -0.74 -6.95
N LYS A 7 2.30 -0.16 -7.05
CA LYS A 7 2.83 0.59 -5.90
C LYS A 7 2.73 -0.43 -4.78
N GLY A 8 2.77 -1.65 -5.31
CA GLY A 8 2.57 -2.89 -4.62
C GLY A 8 1.63 -2.75 -3.46
N ALA A 9 0.35 -2.76 -3.78
CA ALA A 9 -0.71 -2.64 -2.78
C ALA A 9 -0.58 -1.29 -2.08
N ILE A 10 -0.91 -0.22 -2.81
CA ILE A 10 -0.83 1.15 -2.27
C ILE A 10 0.63 1.51 -2.00
N HIS A 11 1.21 0.91 -0.97
CA HIS A 11 2.61 1.17 -0.61
C HIS A 11 3.24 -0.10 -0.06
N GLY A 12 2.41 -1.15 0.01
CA GLY A 12 2.85 -2.44 0.52
C GLY A 12 2.59 -2.59 2.01
N GLY A 13 1.33 -2.83 2.36
CA GLY A 13 0.95 -2.99 3.75
C GLY A 13 1.57 -1.91 4.63
N ARG A 14 0.97 -0.72 4.61
CA ARG A 14 1.47 0.40 5.41
C ARG A 14 0.33 1.38 5.71
N PHE A 15 -0.29 1.87 4.65
CA PHE A 15 -1.39 2.82 4.81
C PHE A 15 -2.49 2.24 5.69
N ILE A 16 -2.55 0.92 5.79
CA ILE A 16 -3.57 0.27 6.60
C ILE A 16 -3.37 0.62 8.08
N HIS A 17 -2.38 -0.03 8.72
CA HIS A 17 -2.11 0.23 10.13
C HIS A 17 -0.67 -0.14 10.45
N GLY A 18 0.21 0.09 9.48
CA GLY A 18 1.61 -0.25 9.64
C GLY A 18 1.82 -1.70 9.43
N MET A 19 1.71 -2.08 8.17
CA MET A 19 1.88 -3.46 7.78
C MET A 19 1.28 -4.44 8.74
N ILE A 20 0.41 -3.95 9.62
CA ILE A 20 -0.10 -4.81 10.67
C ILE A 20 1.13 -5.33 11.41
N GLN A 21 2.32 -4.97 10.88
CA GLN A 21 3.60 -5.38 11.43
C GLN A 21 4.59 -4.21 11.51
N ASN A 22 4.39 -3.16 10.70
CA ASN A 22 5.27 -2.00 10.77
C ASN A 22 4.75 -1.12 11.89
N HIS A 23 3.43 -1.10 11.98
CA HIS A 23 2.77 -0.31 13.03
C HIS A 23 3.09 1.17 12.87
N HIS A 24 2.55 1.98 13.77
CA HIS A 24 2.79 3.42 13.72
C HIS A 24 4.24 3.73 14.10
N PHE A 1 0.12 8.36 -13.37
CA PHE A 1 -0.30 7.43 -12.33
C PHE A 1 -1.02 6.23 -12.94
N LEU A 2 -0.58 5.03 -12.56
CA LEU A 2 -1.20 3.81 -13.07
C LEU A 2 -2.61 3.65 -12.51
N GLY A 3 -3.31 2.62 -12.98
CA GLY A 3 -4.66 2.37 -12.51
C GLY A 3 -4.68 1.77 -11.12
N ALA A 4 -3.76 2.23 -10.28
CA ALA A 4 -3.69 1.73 -8.90
C ALA A 4 -3.54 0.21 -8.90
N LEU A 5 -3.91 -0.41 -7.77
CA LEU A 5 -3.81 -1.86 -7.65
C LEU A 5 -2.38 -2.32 -7.92
N ILE A 6 -1.43 -1.40 -7.77
CA ILE A 6 -0.02 -1.72 -8.00
C ILE A 6 0.84 -0.89 -7.06
N LYS A 7 2.09 -0.59 -7.44
CA LYS A 7 3.01 0.02 -6.48
C LYS A 7 2.96 -0.96 -5.31
N GLY A 8 2.62 -2.15 -5.79
CA GLY A 8 2.33 -3.32 -5.02
C GLY A 8 1.65 -2.99 -3.72
N ALA A 9 0.41 -2.53 -3.83
CA ALA A 9 -0.38 -2.15 -2.68
C ALA A 9 0.14 -0.83 -2.14
N ILE A 10 -0.16 0.26 -2.86
CA ILE A 10 0.30 1.61 -2.50
C ILE A 10 1.69 1.56 -1.86
N HIS A 11 1.83 2.05 -0.63
CA HIS A 11 3.14 2.02 0.04
C HIS A 11 3.40 0.64 0.61
N GLY A 12 2.98 -0.40 -0.12
CA GLY A 12 3.17 -1.76 0.33
C GLY A 12 2.27 -2.09 1.50
N GLY A 13 1.08 -1.49 1.49
CA GLY A 13 0.12 -1.72 2.56
C GLY A 13 0.55 -1.03 3.85
N ARG A 14 0.95 0.24 3.73
CA ARG A 14 1.39 1.01 4.89
C ARG A 14 0.93 2.46 4.78
N PHE A 15 0.45 2.86 3.61
CA PHE A 15 -0.04 4.22 3.43
C PHE A 15 -1.39 4.35 4.14
N ILE A 16 -2.17 3.29 4.01
CA ILE A 16 -3.48 3.21 4.63
C ILE A 16 -3.91 1.75 4.67
N HIS A 17 -3.37 1.03 5.65
CA HIS A 17 -3.65 -0.40 5.81
C HIS A 17 -3.25 -0.85 7.19
N GLY A 18 -2.01 -0.56 7.58
CA GLY A 18 -1.56 -0.91 8.91
C GLY A 18 -2.43 -0.17 9.89
N MET A 19 -2.33 1.14 9.80
CA MET A 19 -3.14 2.05 10.60
C MET A 19 -2.60 3.46 10.47
N ILE A 20 -2.98 4.10 9.36
CA ILE A 20 -2.47 5.44 9.07
C ILE A 20 -0.97 5.30 8.97
N GLN A 21 -0.57 4.04 8.82
CA GLN A 21 0.82 3.61 8.77
C GLN A 21 1.15 3.14 10.16
N ASN A 22 0.13 2.58 10.80
CA ASN A 22 0.24 2.10 12.17
C ASN A 22 0.98 3.12 13.00
N HIS A 23 0.53 4.37 12.86
CA HIS A 23 1.12 5.49 13.58
C HIS A 23 0.63 5.53 15.02
N HIS A 24 -0.28 4.61 15.35
CA HIS A 24 -0.83 4.54 16.70
C HIS A 24 -1.58 3.23 16.91
N PHE A 1 -8.23 4.71 -6.30
CA PHE A 1 -7.45 3.49 -6.13
C PHE A 1 -6.26 3.46 -7.08
N LEU A 2 -5.81 4.65 -7.48
CA LEU A 2 -4.67 4.76 -8.40
C LEU A 2 -4.91 3.88 -9.63
N GLY A 3 -6.15 3.44 -9.81
CA GLY A 3 -6.49 2.60 -10.94
C GLY A 3 -5.93 1.20 -10.79
N ALA A 4 -4.66 1.04 -11.12
CA ALA A 4 -4.00 -0.27 -11.02
C ALA A 4 -3.62 -0.57 -9.58
N LEU A 5 -3.90 -1.80 -9.14
CA LEU A 5 -3.58 -2.22 -7.77
C LEU A 5 -2.09 -2.54 -7.65
N ILE A 6 -1.26 -1.51 -7.70
CA ILE A 6 0.19 -1.68 -7.59
C ILE A 6 0.80 -0.59 -6.74
N LYS A 7 2.00 -0.11 -7.10
CA LYS A 7 2.72 0.79 -6.19
C LYS A 7 2.73 0.00 -4.89
N GLY A 8 2.66 -1.29 -5.19
CA GLY A 8 2.52 -2.37 -4.27
C GLY A 8 1.70 -2.00 -3.05
N ALA A 9 0.39 -2.07 -3.21
CA ALA A 9 -0.53 -1.74 -2.13
C ALA A 9 -0.24 -0.35 -1.59
N ILE A 10 -0.05 0.61 -2.51
CA ILE A 10 0.23 2.00 -2.15
C ILE A 10 1.67 2.12 -1.65
N HIS A 11 2.10 1.15 -0.85
CA HIS A 11 3.45 1.15 -0.31
C HIS A 11 3.70 -0.15 0.43
N GLY A 12 2.71 -1.05 0.37
CA GLY A 12 2.78 -2.34 1.03
C GLY A 12 1.61 -2.53 1.96
N GLY A 13 0.57 -1.73 1.77
CA GLY A 13 -0.62 -1.80 2.60
C GLY A 13 -0.28 -1.54 4.05
N ARG A 14 0.10 -0.30 4.35
CA ARG A 14 0.44 0.07 5.72
C ARG A 14 0.55 1.58 5.87
N PHE A 15 0.60 2.30 4.76
CA PHE A 15 0.71 3.75 4.80
C PHE A 15 -0.65 4.33 5.18
N ILE A 16 -1.69 3.56 4.84
CA ILE A 16 -3.06 3.94 5.13
C ILE A 16 -3.90 2.66 5.15
N HIS A 17 -3.44 1.68 5.94
CA HIS A 17 -4.12 0.39 6.06
C HIS A 17 -4.08 -0.07 7.50
N GLY A 18 -3.06 0.39 8.24
CA GLY A 18 -2.94 0.05 9.65
C GLY A 18 -4.29 0.20 10.33
N MET A 19 -4.90 1.30 9.99
CA MET A 19 -6.21 1.68 10.48
C MET A 19 -6.58 2.96 9.83
N ILE A 20 -5.85 3.28 8.76
CA ILE A 20 -6.03 4.57 8.13
C ILE A 20 -5.60 5.57 9.21
N GLN A 21 -5.34 5.01 10.42
CA GLN A 21 -4.93 5.81 11.57
C GLN A 21 -3.78 5.15 12.35
N ASN A 22 -3.43 3.90 12.00
CA ASN A 22 -2.34 3.19 12.67
C ASN A 22 -1.21 2.95 11.68
N HIS A 23 -1.55 3.09 10.41
CA HIS A 23 -0.58 2.89 9.33
C HIS A 23 0.30 1.67 9.58
N HIS A 24 1.45 1.90 10.22
CA HIS A 24 2.38 0.81 10.52
C HIS A 24 1.92 0.05 11.76
N PHE A 1 -4.53 -2.78 -17.55
CA PHE A 1 -4.49 -1.35 -17.80
C PHE A 1 -4.39 -0.58 -16.49
N LEU A 2 -4.34 -1.31 -15.38
CA LEU A 2 -4.23 -0.69 -14.08
C LEU A 2 -2.94 0.13 -13.98
N GLY A 3 -1.86 -0.52 -13.56
CA GLY A 3 -0.58 0.15 -13.43
C GLY A 3 -0.62 1.23 -12.36
N ALA A 4 -1.22 0.93 -11.23
CA ALA A 4 -1.33 1.89 -10.14
C ALA A 4 -1.70 1.18 -8.83
N LEU A 5 -2.85 0.51 -8.84
CA LEU A 5 -3.32 -0.21 -7.67
C LEU A 5 -2.55 -1.53 -7.51
N ILE A 6 -1.27 -1.50 -7.85
CA ILE A 6 -0.42 -2.69 -7.74
C ILE A 6 1.02 -2.31 -7.57
N LYS A 7 1.24 -1.15 -6.94
CA LYS A 7 2.58 -0.81 -6.49
C LYS A 7 2.63 -1.54 -5.15
N GLY A 8 1.83 -2.58 -5.19
CA GLY A 8 1.51 -3.49 -4.16
C GLY A 8 0.96 -2.79 -2.95
N ALA A 9 -0.35 -2.54 -2.99
CA ALA A 9 -1.05 -1.87 -1.91
C ALA A 9 -0.24 -0.68 -1.40
N ILE A 10 0.31 0.09 -2.34
CA ILE A 10 1.15 1.26 -2.01
C ILE A 10 1.99 0.98 -0.76
N HIS A 11 1.50 1.38 0.39
CA HIS A 11 2.22 1.17 1.63
C HIS A 11 2.62 -0.31 1.78
N GLY A 12 2.12 -1.17 0.89
CA GLY A 12 2.48 -2.57 0.97
C GLY A 12 3.95 -2.77 0.72
N GLY A 13 4.64 -1.65 0.45
CA GLY A 13 6.06 -1.67 0.21
C GLY A 13 6.67 -0.29 0.41
N ARG A 14 5.86 0.74 0.14
CA ARG A 14 6.33 2.12 0.30
C ARG A 14 6.70 2.37 1.77
N PHE A 15 5.91 1.82 2.68
CA PHE A 15 6.15 1.99 4.11
C PHE A 15 7.64 1.85 4.43
N ILE A 16 8.24 0.73 4.00
CA ILE A 16 9.66 0.50 4.26
C ILE A 16 10.48 1.64 3.65
N HIS A 17 10.83 1.53 2.37
CA HIS A 17 11.61 2.57 1.72
C HIS A 17 11.57 2.42 0.20
N GLY A 18 10.40 2.05 -0.31
CA GLY A 18 10.19 1.84 -1.74
C GLY A 18 9.49 0.52 -1.95
N MET A 19 10.02 -0.49 -1.28
CA MET A 19 9.49 -1.84 -1.30
C MET A 19 10.57 -2.81 -0.87
N ILE A 20 10.66 -2.98 0.46
CA ILE A 20 11.70 -3.82 1.04
C ILE A 20 13.00 -3.14 0.62
N GLN A 21 12.82 -1.83 0.37
CA GLN A 21 13.89 -0.97 -0.13
C GLN A 21 13.91 -1.15 -1.63
N ASN A 22 12.70 -1.36 -2.15
CA ASN A 22 12.48 -1.61 -3.56
C ASN A 22 13.50 -2.59 -4.08
N HIS A 23 13.45 -3.79 -3.49
CA HIS A 23 14.35 -4.86 -3.88
C HIS A 23 14.02 -5.36 -5.29
N HIS A 24 15.03 -5.43 -6.13
CA HIS A 24 14.85 -5.89 -7.50
C HIS A 24 16.19 -6.17 -8.17
N PHE A 1 1.21 -8.48 -4.22
CA PHE A 1 0.00 -8.59 -5.02
C PHE A 1 -0.60 -7.21 -5.28
N LEU A 2 -1.28 -7.07 -6.41
CA LEU A 2 -1.90 -5.80 -6.76
C LEU A 2 -3.12 -5.53 -5.88
N GLY A 3 -2.91 -4.82 -4.78
CA GLY A 3 -4.00 -4.51 -3.87
C GLY A 3 -4.95 -3.49 -4.45
N ALA A 4 -4.51 -2.24 -4.50
CA ALA A 4 -5.33 -1.15 -5.05
C ALA A 4 -5.12 -1.02 -6.55
N LEU A 5 -3.87 -1.11 -6.98
CA LEU A 5 -3.54 -0.99 -8.40
C LEU A 5 -2.11 -1.44 -8.64
N ILE A 6 -1.16 -0.77 -8.00
CA ILE A 6 0.26 -1.11 -8.16
C ILE A 6 1.07 -0.39 -7.09
N LYS A 7 2.33 -0.03 -7.40
CA LYS A 7 3.21 0.47 -6.34
C LYS A 7 3.14 -0.64 -5.31
N GLY A 8 2.83 -1.77 -5.94
CA GLY A 8 2.55 -3.03 -5.34
C GLY A 8 1.86 -2.90 -4.01
N ALA A 9 0.58 -2.55 -4.08
CA ALA A 9 -0.24 -2.34 -2.91
C ALA A 9 0.26 -1.11 -2.17
N ILE A 10 -0.03 0.06 -2.72
CA ILE A 10 0.40 1.35 -2.15
C ILE A 10 1.83 1.22 -1.61
N HIS A 11 1.95 0.95 -0.32
CA HIS A 11 3.28 0.79 0.31
C HIS A 11 3.39 -0.58 0.96
N GLY A 12 2.90 -1.59 0.24
CA GLY A 12 2.94 -2.96 0.75
C GLY A 12 1.96 -3.15 1.89
N GLY A 13 0.76 -2.59 1.74
CA GLY A 13 -0.25 -2.69 2.76
C GLY A 13 0.21 -2.10 4.07
N ARG A 14 1.12 -1.14 3.99
CA ARG A 14 1.66 -0.46 5.18
C ARG A 14 0.96 0.88 5.36
N PHE A 15 0.59 1.50 4.25
CA PHE A 15 -0.09 2.79 4.30
C PHE A 15 -1.26 2.74 5.27
N ILE A 16 -1.96 1.61 5.29
CA ILE A 16 -3.10 1.45 6.19
C ILE A 16 -2.63 1.43 7.64
N HIS A 17 -2.19 0.26 8.12
CA HIS A 17 -1.70 0.17 9.50
C HIS A 17 -0.82 -1.07 9.68
N GLY A 18 -0.25 -1.54 8.57
CA GLY A 18 0.60 -2.72 8.57
C GLY A 18 0.15 -3.66 7.49
N MET A 19 -1.16 -3.87 7.49
CA MET A 19 -1.83 -4.70 6.51
C MET A 19 -3.25 -4.93 6.97
N ILE A 20 -4.11 -3.95 6.67
CA ILE A 20 -5.49 -4.02 7.14
C ILE A 20 -5.41 -4.02 8.65
N GLN A 21 -4.22 -3.60 9.09
CA GLN A 21 -3.85 -3.57 10.51
C GLN A 21 -3.09 -4.84 10.76
N ASN A 22 -2.39 -5.27 9.71
CA ASN A 22 -1.62 -6.50 9.74
C ASN A 22 -2.46 -7.61 10.37
N HIS A 23 -3.67 -7.72 9.85
CA HIS A 23 -4.61 -8.73 10.33
C HIS A 23 -4.06 -10.13 10.10
N HIS A 24 -3.92 -10.89 11.18
CA HIS A 24 -3.40 -12.25 11.08
C HIS A 24 -4.33 -13.12 10.24
N PHE A 1 -3.61 -12.10 -11.52
CA PHE A 1 -4.98 -11.91 -11.08
C PHE A 1 -5.04 -10.99 -9.86
N LEU A 2 -4.16 -10.00 -9.85
CA LEU A 2 -4.12 -9.05 -8.74
C LEU A 2 -5.36 -8.16 -8.74
N GLY A 3 -5.20 -6.92 -8.26
CA GLY A 3 -6.31 -6.00 -8.22
C GLY A 3 -5.87 -4.59 -7.88
N ALA A 4 -4.98 -4.48 -6.89
CA ALA A 4 -4.48 -3.17 -6.47
C ALA A 4 -3.76 -2.47 -7.61
N LEU A 5 -3.77 -1.15 -7.59
CA LEU A 5 -3.12 -0.37 -8.63
C LEU A 5 -1.60 -0.36 -8.41
N ILE A 6 -1.05 -1.52 -8.08
CA ILE A 6 0.38 -1.64 -7.83
C ILE A 6 0.85 -0.59 -6.85
N LYS A 7 2.02 0.02 -7.09
CA LYS A 7 2.62 0.89 -6.07
C LYS A 7 2.62 -0.02 -4.84
N GLY A 8 2.66 -1.28 -5.26
CA GLY A 8 2.55 -2.45 -4.44
C GLY A 8 1.66 -2.24 -3.24
N ALA A 9 0.36 -2.42 -3.47
CA ALA A 9 -0.63 -2.26 -2.42
C ALA A 9 -0.53 -0.86 -1.81
N ILE A 10 -0.64 0.15 -2.66
CA ILE A 10 -0.56 1.55 -2.23
C ILE A 10 0.89 1.93 -1.92
N HIS A 11 1.61 1.00 -1.29
CA HIS A 11 3.01 1.22 -0.94
C HIS A 11 3.60 -0.05 -0.34
N GLY A 12 2.72 -0.98 0.04
CA GLY A 12 3.15 -2.25 0.63
C GLY A 12 2.15 -2.72 1.67
N GLY A 13 0.91 -2.25 1.57
CA GLY A 13 -0.13 -2.63 2.50
C GLY A 13 0.24 -2.29 3.93
N ARG A 14 0.35 -1.00 4.20
CA ARG A 14 0.70 -0.54 5.54
C ARG A 14 0.45 0.95 5.66
N PHE A 15 0.81 1.69 4.62
CA PHE A 15 0.60 3.14 4.62
C PHE A 15 -0.88 3.44 4.82
N ILE A 16 -1.28 3.54 6.09
CA ILE A 16 -2.68 3.81 6.45
C ILE A 16 -3.64 3.07 5.51
N HIS A 17 -3.39 1.77 5.33
CA HIS A 17 -4.23 0.95 4.46
C HIS A 17 -4.04 -0.53 4.81
N GLY A 18 -3.01 -0.81 5.59
CA GLY A 18 -2.70 -2.16 6.02
C GLY A 18 -2.21 -2.14 7.45
N MET A 19 -2.95 -1.42 8.29
CA MET A 19 -2.64 -1.25 9.71
C MET A 19 -3.72 -0.43 10.35
N ILE A 20 -3.95 0.77 9.82
CA ILE A 20 -5.08 1.54 10.29
C ILE A 20 -6.28 0.71 9.82
N GLN A 21 -5.91 -0.29 9.00
CA GLN A 21 -6.81 -1.26 8.46
C GLN A 21 -6.31 -2.65 8.89
N ASN A 22 -4.98 -2.82 9.21
CA ASN A 22 -4.51 -4.17 9.66
C ASN A 22 -4.01 -4.15 11.11
N HIS A 23 -4.51 -3.21 11.90
CA HIS A 23 -4.11 -3.11 13.30
C HIS A 23 -4.25 -4.46 13.99
N HIS A 24 -5.49 -4.92 14.13
CA HIS A 24 -5.75 -6.20 14.78
C HIS A 24 -5.02 -7.33 14.05
N PHE A 1 -4.19 -12.56 -9.66
CA PHE A 1 -3.26 -11.66 -10.33
C PHE A 1 -3.55 -10.21 -9.94
N LEU A 2 -2.49 -9.42 -9.78
CA LEU A 2 -2.64 -8.02 -9.41
C LEU A 2 -3.32 -7.24 -10.53
N GLY A 3 -3.66 -5.98 -10.26
CA GLY A 3 -4.32 -5.15 -11.24
C GLY A 3 -4.51 -3.73 -10.75
N ALA A 4 -4.37 -3.54 -9.45
CA ALA A 4 -4.53 -2.22 -8.85
C ALA A 4 -3.47 -1.26 -9.37
N LEU A 5 -3.07 -0.31 -8.55
CA LEU A 5 -2.07 0.67 -8.94
C LEU A 5 -0.67 0.05 -8.91
N ILE A 6 -0.58 -1.16 -8.36
CA ILE A 6 0.71 -1.86 -8.27
C ILE A 6 1.76 -0.97 -7.68
N LYS A 7 1.33 -0.13 -6.74
CA LYS A 7 2.27 0.61 -5.92
C LYS A 7 2.54 -0.41 -4.82
N GLY A 8 2.38 -1.63 -5.31
CA GLY A 8 2.44 -2.87 -4.63
C GLY A 8 1.54 -2.89 -3.42
N ALA A 9 0.24 -2.82 -3.69
CA ALA A 9 -0.77 -2.81 -2.66
C ALA A 9 -0.71 -1.50 -1.90
N ILE A 10 -1.13 -0.42 -2.58
CA ILE A 10 -1.12 0.93 -1.99
C ILE A 10 0.34 1.39 -1.77
N HIS A 11 1.00 0.78 -0.81
CA HIS A 11 2.38 1.12 -0.50
C HIS A 11 3.07 -0.10 0.10
N GLY A 12 2.30 -1.18 0.19
CA GLY A 12 2.80 -2.42 0.74
C GLY A 12 3.21 -2.25 2.20
N GLY A 13 2.66 -1.21 2.83
CA GLY A 13 2.97 -0.95 4.22
C GLY A 13 2.02 0.06 4.83
N ARG A 14 1.56 1.01 4.01
CA ARG A 14 0.63 2.04 4.47
C ARG A 14 -0.79 1.49 4.47
N PHE A 15 -0.99 0.43 3.69
CA PHE A 15 -2.30 -0.21 3.59
C PHE A 15 -2.93 -0.42 4.97
N ILE A 16 -2.21 -1.13 5.85
CA ILE A 16 -2.74 -1.40 7.19
C ILE A 16 -2.77 -0.14 8.04
N HIS A 17 -1.61 0.39 8.45
CA HIS A 17 -1.60 1.61 9.25
C HIS A 17 -0.21 2.23 9.31
N GLY A 18 0.62 1.88 8.34
CA GLY A 18 1.99 2.37 8.25
C GLY A 18 2.91 1.19 8.06
N MET A 19 2.67 0.22 8.92
CA MET A 19 3.39 -1.05 8.90
C MET A 19 3.09 -1.78 10.19
N ILE A 20 1.93 -2.41 10.22
CA ILE A 20 1.48 -3.09 11.43
C ILE A 20 1.36 -2.01 12.47
N GLN A 21 1.32 -0.78 11.93
CA GLN A 21 1.27 0.46 12.72
C GLN A 21 2.71 0.91 12.84
N ASN A 22 3.45 0.62 11.78
CA ASN A 22 4.87 0.93 11.71
C ASN A 22 5.53 0.57 13.01
N HIS A 23 5.30 -0.68 13.41
CA HIS A 23 5.86 -1.21 14.64
C HIS A 23 5.49 -0.32 15.82
N HIS A 24 6.06 -0.63 16.99
CA HIS A 24 5.78 0.16 18.19
C HIS A 24 6.78 -0.19 19.29
#